data_1GD6
# 
_entry.id   1GD6 
# 
_audit_conform.dict_name       mmcif_pdbx.dic 
_audit_conform.dict_version    5.398 
_audit_conform.dict_location   http://mmcif.pdb.org/dictionaries/ascii/mmcif_pdbx.dic 
# 
loop_
_database_2.database_id 
_database_2.database_code 
_database_2.pdbx_database_accession 
_database_2.pdbx_DOI 
PDB   1GD6         pdb_00001gd6 10.2210/pdb1gd6/pdb 
RCSB  RCSB005048   ?            ?                   
WWPDB D_1000005048 ?            ?                   
# 
loop_
_pdbx_audit_revision_history.ordinal 
_pdbx_audit_revision_history.data_content_type 
_pdbx_audit_revision_history.major_revision 
_pdbx_audit_revision_history.minor_revision 
_pdbx_audit_revision_history.revision_date 
1 'Structure model' 1 0 2001-03-21 
2 'Structure model' 1 1 2008-04-27 
3 'Structure model' 1 2 2011-07-13 
4 'Structure model' 1 3 2023-12-27 
5 'Structure model' 1 4 2024-11-13 
# 
_pdbx_audit_revision_details.ordinal             1 
_pdbx_audit_revision_details.revision_ordinal    1 
_pdbx_audit_revision_details.data_content_type   'Structure model' 
_pdbx_audit_revision_details.provider            repository 
_pdbx_audit_revision_details.type                'Initial release' 
_pdbx_audit_revision_details.description         ? 
_pdbx_audit_revision_details.details             ? 
# 
loop_
_pdbx_audit_revision_group.ordinal 
_pdbx_audit_revision_group.revision_ordinal 
_pdbx_audit_revision_group.data_content_type 
_pdbx_audit_revision_group.group 
1 2 'Structure model' 'Version format compliance' 
2 3 'Structure model' 'Version format compliance' 
3 4 'Structure model' 'Data collection'           
4 4 'Structure model' 'Database references'       
5 5 'Structure model' 'Structure summary'         
# 
loop_
_pdbx_audit_revision_category.ordinal 
_pdbx_audit_revision_category.revision_ordinal 
_pdbx_audit_revision_category.data_content_type 
_pdbx_audit_revision_category.category 
1 4 'Structure model' chem_comp_atom            
2 4 'Structure model' chem_comp_bond            
3 4 'Structure model' database_2                
4 5 'Structure model' pdbx_entry_details        
5 5 'Structure model' pdbx_modification_feature 
# 
loop_
_pdbx_audit_revision_item.ordinal 
_pdbx_audit_revision_item.revision_ordinal 
_pdbx_audit_revision_item.data_content_type 
_pdbx_audit_revision_item.item 
1 4 'Structure model' '_database_2.pdbx_DOI'                
2 4 'Structure model' '_database_2.pdbx_database_accession' 
# 
_pdbx_database_status.status_code                     REL 
_pdbx_database_status.entry_id                        1GD6 
_pdbx_database_status.recvd_initial_deposition_date   2000-09-19 
_pdbx_database_status.deposit_site                    RCSB 
_pdbx_database_status.process_site                    RCSB 
_pdbx_database_status.SG_entry                        . 
_pdbx_database_status.pdb_format_compatible           Y 
_pdbx_database_status.status_code_mr                  ? 
_pdbx_database_status.status_code_sf                  ? 
_pdbx_database_status.status_code_cs                  ? 
_pdbx_database_status.status_code_nmr_data            ? 
_pdbx_database_status.methods_development_category    ? 
# 
loop_
_audit_author.name 
_audit_author.pdbx_ordinal 
'Matsuura, A.' 1 
'Aizawa, T.'   2 
'Yao, M.'      3 
'Kawano, K.'   4 
'Tanaka, I.'   5 
'Nitta, K.'    6 
# 
_citation.id                        primary 
_citation.title                     
'Structural analysis of an insect lysozyme exhibiting catalytic efficiency at low temperatures.' 
_citation.journal_abbrev            Biochemistry 
_citation.journal_volume            41 
_citation.page_first                12086 
_citation.page_last                 12092 
_citation.year                      2002 
_citation.journal_id_ASTM           BICHAW 
_citation.country                   US 
_citation.journal_id_ISSN           0006-2960 
_citation.journal_id_CSD            0033 
_citation.book_publisher            ? 
_citation.pdbx_database_id_PubMed   12356308 
_citation.pdbx_database_id_DOI      10.1021/bi016099j 
# 
loop_
_citation_author.citation_id 
_citation_author.name 
_citation_author.ordinal 
_citation_author.identifier_ORCID 
primary 'Matsuura, A.'   1  ? 
primary 'Yao, M.'        2  ? 
primary 'Aizawa, T.'     3  ? 
primary 'Koganesawa, N.' 4  ? 
primary 'Masaki, K.'     5  ? 
primary 'Miyazawa, M.'   6  ? 
primary 'Demura, M.'     7  ? 
primary 'Tanaka, I.'     8  ? 
primary 'Kawano, K.'     9  ? 
primary 'Nitta, K.'      10 ? 
# 
loop_
_entity.id 
_entity.type 
_entity.src_method 
_entity.pdbx_description 
_entity.formula_weight 
_entity.pdbx_number_of_molecules 
_entity.pdbx_ec 
_entity.pdbx_mutation 
_entity.pdbx_fragment 
_entity.details 
1 polymer man LYSOZYME 13777.598 1  3.2.1.17 ? ? ? 
2 water   nat water    18.015    64 ?        ? ? ? 
# 
_entity_poly.entity_id                      1 
_entity_poly.type                           'polypeptide(L)' 
_entity_poly.nstd_linkage                   no 
_entity_poly.nstd_monomer                   no 
_entity_poly.pdbx_seq_one_letter_code       
;KTFTRCGLVHELRKHGFEENLMRNWVCLVEHESSRDTSKTNTNRNGSKDYGLFQINDRYWCSKGASPGKDCNVKCSDLLT
DDITKAAKCAKKIYKRHRFDAWYGWKNHCQGSLPDISSC
;
_entity_poly.pdbx_seq_one_letter_code_can   
;KTFTRCGLVHELRKHGFEENLMRNWVCLVEHESSRDTSKTNTNRNGSKDYGLFQINDRYWCSKGASPGKDCNVKCSDLLT
DDITKAAKCAKKIYKRHRFDAWYGWKNHCQGSLPDISSC
;
_entity_poly.pdbx_strand_id                 A 
_entity_poly.pdbx_target_identifier         ? 
# 
_pdbx_entity_nonpoly.entity_id   2 
_pdbx_entity_nonpoly.name        water 
_pdbx_entity_nonpoly.comp_id     HOH 
# 
loop_
_entity_poly_seq.entity_id 
_entity_poly_seq.num 
_entity_poly_seq.mon_id 
_entity_poly_seq.hetero 
1 1   LYS n 
1 2   THR n 
1 3   PHE n 
1 4   THR n 
1 5   ARG n 
1 6   CYS n 
1 7   GLY n 
1 8   LEU n 
1 9   VAL n 
1 10  HIS n 
1 11  GLU n 
1 12  LEU n 
1 13  ARG n 
1 14  LYS n 
1 15  HIS n 
1 16  GLY n 
1 17  PHE n 
1 18  GLU n 
1 19  GLU n 
1 20  ASN n 
1 21  LEU n 
1 22  MET n 
1 23  ARG n 
1 24  ASN n 
1 25  TRP n 
1 26  VAL n 
1 27  CYS n 
1 28  LEU n 
1 29  VAL n 
1 30  GLU n 
1 31  HIS n 
1 32  GLU n 
1 33  SER n 
1 34  SER n 
1 35  ARG n 
1 36  ASP n 
1 37  THR n 
1 38  SER n 
1 39  LYS n 
1 40  THR n 
1 41  ASN n 
1 42  THR n 
1 43  ASN n 
1 44  ARG n 
1 45  ASN n 
1 46  GLY n 
1 47  SER n 
1 48  LYS n 
1 49  ASP n 
1 50  TYR n 
1 51  GLY n 
1 52  LEU n 
1 53  PHE n 
1 54  GLN n 
1 55  ILE n 
1 56  ASN n 
1 57  ASP n 
1 58  ARG n 
1 59  TYR n 
1 60  TRP n 
1 61  CYS n 
1 62  SER n 
1 63  LYS n 
1 64  GLY n 
1 65  ALA n 
1 66  SER n 
1 67  PRO n 
1 68  GLY n 
1 69  LYS n 
1 70  ASP n 
1 71  CYS n 
1 72  ASN n 
1 73  VAL n 
1 74  LYS n 
1 75  CYS n 
1 76  SER n 
1 77  ASP n 
1 78  LEU n 
1 79  LEU n 
1 80  THR n 
1 81  ASP n 
1 82  ASP n 
1 83  ILE n 
1 84  THR n 
1 85  LYS n 
1 86  ALA n 
1 87  ALA n 
1 88  LYS n 
1 89  CYS n 
1 90  ALA n 
1 91  LYS n 
1 92  LYS n 
1 93  ILE n 
1 94  TYR n 
1 95  LYS n 
1 96  ARG n 
1 97  HIS n 
1 98  ARG n 
1 99  PHE n 
1 100 ASP n 
1 101 ALA n 
1 102 TRP n 
1 103 TYR n 
1 104 GLY n 
1 105 TRP n 
1 106 LYS n 
1 107 ASN n 
1 108 HIS n 
1 109 CYS n 
1 110 GLN n 
1 111 GLY n 
1 112 SER n 
1 113 LEU n 
1 114 PRO n 
1 115 ASP n 
1 116 ILE n 
1 117 SER n 
1 118 SER n 
1 119 CYS n 
# 
_entity_src_gen.entity_id                          1 
_entity_src_gen.pdbx_src_id                        1 
_entity_src_gen.pdbx_alt_source_flag               sample 
_entity_src_gen.pdbx_seq_type                      ? 
_entity_src_gen.pdbx_beg_seq_num                   ? 
_entity_src_gen.pdbx_end_seq_num                   ? 
_entity_src_gen.gene_src_common_name               'domestic silkworm' 
_entity_src_gen.gene_src_genus                     Bombyx 
_entity_src_gen.pdbx_gene_src_gene                 ? 
_entity_src_gen.gene_src_species                   ? 
_entity_src_gen.gene_src_strain                    ? 
_entity_src_gen.gene_src_tissue                    ? 
_entity_src_gen.gene_src_tissue_fraction           ? 
_entity_src_gen.gene_src_details                   ? 
_entity_src_gen.pdbx_gene_src_fragment             ? 
_entity_src_gen.pdbx_gene_src_scientific_name      'Bombyx mori' 
_entity_src_gen.pdbx_gene_src_ncbi_taxonomy_id     7091 
_entity_src_gen.pdbx_gene_src_variant              ? 
_entity_src_gen.pdbx_gene_src_cell_line            ? 
_entity_src_gen.pdbx_gene_src_atcc                 ? 
_entity_src_gen.pdbx_gene_src_organ                ? 
_entity_src_gen.pdbx_gene_src_organelle            ? 
_entity_src_gen.pdbx_gene_src_cell                 ? 
_entity_src_gen.pdbx_gene_src_cellular_location    ? 
_entity_src_gen.host_org_common_name               ? 
_entity_src_gen.pdbx_host_org_scientific_name      'Pichia pastoris' 
_entity_src_gen.pdbx_host_org_ncbi_taxonomy_id     4922 
_entity_src_gen.host_org_genus                     Pichia 
_entity_src_gen.pdbx_host_org_gene                 ? 
_entity_src_gen.pdbx_host_org_organ                ? 
_entity_src_gen.host_org_species                   ? 
_entity_src_gen.pdbx_host_org_tissue               ? 
_entity_src_gen.pdbx_host_org_tissue_fraction      ? 
_entity_src_gen.pdbx_host_org_strain               ? 
_entity_src_gen.pdbx_host_org_variant              ? 
_entity_src_gen.pdbx_host_org_cell_line            ? 
_entity_src_gen.pdbx_host_org_atcc                 ? 
_entity_src_gen.pdbx_host_org_culture_collection   ? 
_entity_src_gen.pdbx_host_org_cell                 ? 
_entity_src_gen.pdbx_host_org_organelle            ? 
_entity_src_gen.pdbx_host_org_cellular_location    ? 
_entity_src_gen.pdbx_host_org_vector_type          ? 
_entity_src_gen.pdbx_host_org_vector               ? 
_entity_src_gen.host_org_details                   ? 
_entity_src_gen.expression_system_id               ? 
_entity_src_gen.plasmid_name                       ? 
_entity_src_gen.plasmid_details                    ? 
_entity_src_gen.pdbx_description                   ? 
# 
loop_
_chem_comp.id 
_chem_comp.type 
_chem_comp.mon_nstd_flag 
_chem_comp.name 
_chem_comp.pdbx_synonyms 
_chem_comp.formula 
_chem_comp.formula_weight 
ALA 'L-peptide linking' y ALANINE         ? 'C3 H7 N O2'     89.093  
ARG 'L-peptide linking' y ARGININE        ? 'C6 H15 N4 O2 1' 175.209 
ASN 'L-peptide linking' y ASPARAGINE      ? 'C4 H8 N2 O3'    132.118 
ASP 'L-peptide linking' y 'ASPARTIC ACID' ? 'C4 H7 N O4'     133.103 
CYS 'L-peptide linking' y CYSTEINE        ? 'C3 H7 N O2 S'   121.158 
GLN 'L-peptide linking' y GLUTAMINE       ? 'C5 H10 N2 O3'   146.144 
GLU 'L-peptide linking' y 'GLUTAMIC ACID' ? 'C5 H9 N O4'     147.129 
GLY 'peptide linking'   y GLYCINE         ? 'C2 H5 N O2'     75.067  
HIS 'L-peptide linking' y HISTIDINE       ? 'C6 H10 N3 O2 1' 156.162 
HOH non-polymer         . WATER           ? 'H2 O'           18.015  
ILE 'L-peptide linking' y ISOLEUCINE      ? 'C6 H13 N O2'    131.173 
LEU 'L-peptide linking' y LEUCINE         ? 'C6 H13 N O2'    131.173 
LYS 'L-peptide linking' y LYSINE          ? 'C6 H15 N2 O2 1' 147.195 
MET 'L-peptide linking' y METHIONINE      ? 'C5 H11 N O2 S'  149.211 
PHE 'L-peptide linking' y PHENYLALANINE   ? 'C9 H11 N O2'    165.189 
PRO 'L-peptide linking' y PROLINE         ? 'C5 H9 N O2'     115.130 
SER 'L-peptide linking' y SERINE          ? 'C3 H7 N O3'     105.093 
THR 'L-peptide linking' y THREONINE       ? 'C4 H9 N O3'     119.119 
TRP 'L-peptide linking' y TRYPTOPHAN      ? 'C11 H12 N2 O2'  204.225 
TYR 'L-peptide linking' y TYROSINE        ? 'C9 H11 N O3'    181.189 
VAL 'L-peptide linking' y VALINE          ? 'C5 H11 N O2'    117.146 
# 
loop_
_pdbx_poly_seq_scheme.asym_id 
_pdbx_poly_seq_scheme.entity_id 
_pdbx_poly_seq_scheme.seq_id 
_pdbx_poly_seq_scheme.mon_id 
_pdbx_poly_seq_scheme.ndb_seq_num 
_pdbx_poly_seq_scheme.pdb_seq_num 
_pdbx_poly_seq_scheme.auth_seq_num 
_pdbx_poly_seq_scheme.pdb_mon_id 
_pdbx_poly_seq_scheme.auth_mon_id 
_pdbx_poly_seq_scheme.pdb_strand_id 
_pdbx_poly_seq_scheme.pdb_ins_code 
_pdbx_poly_seq_scheme.hetero 
A 1 1   LYS 1   1   1   LYS LYS A . n 
A 1 2   THR 2   2   2   THR THR A . n 
A 1 3   PHE 3   3   3   PHE PHE A . n 
A 1 4   THR 4   4   4   THR THR A . n 
A 1 5   ARG 5   5   5   ARG ARG A . n 
A 1 6   CYS 6   6   6   CYS CYS A . n 
A 1 7   GLY 7   7   7   GLY GLY A . n 
A 1 8   LEU 8   8   8   LEU LEU A . n 
A 1 9   VAL 9   9   9   VAL VAL A . n 
A 1 10  HIS 10  10  10  HIS HIS A . n 
A 1 11  GLU 11  11  11  GLU GLU A . n 
A 1 12  LEU 12  12  12  LEU LEU A . n 
A 1 13  ARG 13  13  13  ARG ARG A . n 
A 1 14  LYS 14  14  14  LYS LYS A . n 
A 1 15  HIS 15  15  15  HIS HIS A . n 
A 1 16  GLY 16  16  16  GLY GLY A . n 
A 1 17  PHE 17  17  17  PHE PHE A . n 
A 1 18  GLU 18  18  18  GLU GLU A . n 
A 1 19  GLU 19  19  19  GLU GLU A . n 
A 1 20  ASN 20  20  20  ASN ASN A . n 
A 1 21  LEU 21  21  21  LEU LEU A . n 
A 1 22  MET 22  22  22  MET MET A . n 
A 1 23  ARG 23  23  23  ARG ARG A . n 
A 1 24  ASN 24  24  24  ASN ASN A . n 
A 1 25  TRP 25  25  25  TRP TRP A . n 
A 1 26  VAL 26  26  26  VAL VAL A . n 
A 1 27  CYS 27  27  27  CYS CYS A . n 
A 1 28  LEU 28  28  28  LEU LEU A . n 
A 1 29  VAL 29  29  29  VAL VAL A . n 
A 1 30  GLU 30  30  30  GLU GLU A . n 
A 1 31  HIS 31  31  31  HIS HIS A . n 
A 1 32  GLU 32  32  32  GLU GLU A . n 
A 1 33  SER 33  33  33  SER SER A . n 
A 1 34  SER 34  34  34  SER SER A . n 
A 1 35  ARG 35  35  35  ARG ARG A . n 
A 1 36  ASP 36  36  36  ASP ASP A . n 
A 1 37  THR 37  37  37  THR THR A . n 
A 1 38  SER 38  38  38  SER SER A . n 
A 1 39  LYS 39  39  39  LYS LYS A . n 
A 1 40  THR 40  40  40  THR THR A . n 
A 1 41  ASN 41  41  41  ASN ASN A . n 
A 1 42  THR 42  42  42  THR THR A . n 
A 1 43  ASN 43  43  43  ASN ASN A . n 
A 1 44  ARG 44  44  44  ARG ARG A . n 
A 1 45  ASN 45  45  45  ASN ASN A . n 
A 1 46  GLY 46  46  46  GLY GLY A . n 
A 1 47  SER 47  47  47  SER SER A . n 
A 1 48  LYS 48  48  48  LYS LYS A . n 
A 1 49  ASP 49  49  49  ASP ASP A . n 
A 1 50  TYR 50  50  50  TYR TYR A . n 
A 1 51  GLY 51  51  51  GLY GLY A . n 
A 1 52  LEU 52  52  52  LEU LEU A . n 
A 1 53  PHE 53  53  53  PHE PHE A . n 
A 1 54  GLN 54  54  54  GLN GLN A . n 
A 1 55  ILE 55  55  55  ILE ILE A . n 
A 1 56  ASN 56  56  56  ASN ASN A . n 
A 1 57  ASP 57  57  57  ASP ASP A . n 
A 1 58  ARG 58  58  58  ARG ARG A . n 
A 1 59  TYR 59  59  59  TYR TYR A . n 
A 1 60  TRP 60  60  60  TRP TRP A . n 
A 1 61  CYS 61  61  61  CYS CYS A . n 
A 1 62  SER 62  62  62  SER SER A . n 
A 1 63  LYS 63  63  63  LYS LYS A . n 
A 1 64  GLY 64  64  64  GLY GLY A . n 
A 1 65  ALA 65  65  65  ALA ALA A . n 
A 1 66  SER 66  66  66  SER SER A . n 
A 1 67  PRO 67  67  67  PRO PRO A . n 
A 1 68  GLY 68  68  68  GLY GLY A . n 
A 1 69  LYS 69  69  69  LYS LYS A . n 
A 1 70  ASP 70  70  70  ASP ASP A . n 
A 1 71  CYS 71  71  71  CYS CYS A . n 
A 1 72  ASN 72  72  72  ASN ASN A . n 
A 1 73  VAL 73  73  73  VAL VAL A . n 
A 1 74  LYS 74  74  74  LYS LYS A . n 
A 1 75  CYS 75  75  75  CYS CYS A . n 
A 1 76  SER 76  76  76  SER SER A . n 
A 1 77  ASP 77  77  77  ASP ASP A . n 
A 1 78  LEU 78  78  78  LEU LEU A . n 
A 1 79  LEU 79  79  79  LEU LEU A . n 
A 1 80  THR 80  80  80  THR THR A . n 
A 1 81  ASP 81  81  81  ASP ASP A . n 
A 1 82  ASP 82  82  82  ASP ASP A . n 
A 1 83  ILE 83  83  83  ILE ILE A . n 
A 1 84  THR 84  84  84  THR THR A . n 
A 1 85  LYS 85  85  85  LYS LYS A . n 
A 1 86  ALA 86  86  86  ALA ALA A . n 
A 1 87  ALA 87  87  87  ALA ALA A . n 
A 1 88  LYS 88  88  88  LYS LYS A . n 
A 1 89  CYS 89  89  89  CYS CYS A . n 
A 1 90  ALA 90  90  90  ALA ALA A . n 
A 1 91  LYS 91  91  91  LYS LYS A . n 
A 1 92  LYS 92  92  92  LYS LYS A . n 
A 1 93  ILE 93  93  93  ILE ILE A . n 
A 1 94  TYR 94  94  94  TYR TYR A . n 
A 1 95  LYS 95  95  95  LYS LYS A . n 
A 1 96  ARG 96  96  96  ARG ARG A . n 
A 1 97  HIS 97  97  97  HIS HIS A . n 
A 1 98  ARG 98  98  98  ARG ARG A . n 
A 1 99  PHE 99  99  99  PHE PHE A . n 
A 1 100 ASP 100 100 100 ASP ASP A . n 
A 1 101 ALA 101 101 101 ALA ALA A . n 
A 1 102 TRP 102 102 102 TRP TRP A . n 
A 1 103 TYR 103 103 103 TYR TYR A . n 
A 1 104 GLY 104 104 104 GLY GLY A . n 
A 1 105 TRP 105 105 105 TRP TRP A . n 
A 1 106 LYS 106 106 106 LYS LYS A . n 
A 1 107 ASN 107 107 107 ASN ASN A . n 
A 1 108 HIS 108 108 108 HIS HIS A . n 
A 1 109 CYS 109 109 109 CYS CYS A . n 
A 1 110 GLN 110 110 110 GLN GLN A . n 
A 1 111 GLY 111 111 111 GLY GLY A . n 
A 1 112 SER 112 112 112 SER SER A . n 
A 1 113 LEU 113 113 113 LEU LEU A . n 
A 1 114 PRO 114 114 114 PRO PRO A . n 
A 1 115 ASP 115 115 115 ASP ASP A . n 
A 1 116 ILE 116 116 116 ILE ILE A . n 
A 1 117 SER 117 117 117 SER SER A . n 
A 1 118 SER 118 118 118 SER SER A . n 
A 1 119 CYS 119 119 119 CYS CYS A . n 
# 
loop_
_pdbx_nonpoly_scheme.asym_id 
_pdbx_nonpoly_scheme.entity_id 
_pdbx_nonpoly_scheme.mon_id 
_pdbx_nonpoly_scheme.ndb_seq_num 
_pdbx_nonpoly_scheme.pdb_seq_num 
_pdbx_nonpoly_scheme.auth_seq_num 
_pdbx_nonpoly_scheme.pdb_mon_id 
_pdbx_nonpoly_scheme.auth_mon_id 
_pdbx_nonpoly_scheme.pdb_strand_id 
_pdbx_nonpoly_scheme.pdb_ins_code 
B 2 HOH 1  120 120 HOH HOH A . 
B 2 HOH 2  121 121 HOH HOH A . 
B 2 HOH 3  122 122 HOH HOH A . 
B 2 HOH 4  123 123 HOH HOH A . 
B 2 HOH 5  124 124 HOH HOH A . 
B 2 HOH 6  125 125 HOH HOH A . 
B 2 HOH 7  126 126 HOH HOH A . 
B 2 HOH 8  127 127 HOH HOH A . 
B 2 HOH 9  128 128 HOH HOH A . 
B 2 HOH 10 129 129 HOH HOH A . 
B 2 HOH 11 130 130 HOH HOH A . 
B 2 HOH 12 131 131 HOH HOH A . 
B 2 HOH 13 132 132 HOH HOH A . 
B 2 HOH 14 133 133 HOH HOH A . 
B 2 HOH 15 134 134 HOH HOH A . 
B 2 HOH 16 135 135 HOH HOH A . 
B 2 HOH 17 136 136 HOH HOH A . 
B 2 HOH 18 137 137 HOH HOH A . 
B 2 HOH 19 138 138 HOH HOH A . 
B 2 HOH 20 139 139 HOH HOH A . 
B 2 HOH 21 140 140 HOH HOH A . 
B 2 HOH 22 141 141 HOH HOH A . 
B 2 HOH 23 142 142 HOH HOH A . 
B 2 HOH 24 143 143 HOH HOH A . 
B 2 HOH 25 144 144 HOH HOH A . 
B 2 HOH 26 145 145 HOH HOH A . 
B 2 HOH 27 146 146 HOH HOH A . 
B 2 HOH 28 147 147 HOH HOH A . 
B 2 HOH 29 148 148 HOH HOH A . 
B 2 HOH 30 149 149 HOH HOH A . 
B 2 HOH 31 150 150 HOH HOH A . 
B 2 HOH 32 151 151 HOH HOH A . 
B 2 HOH 33 152 152 HOH HOH A . 
B 2 HOH 34 153 153 HOH HOH A . 
B 2 HOH 35 154 154 HOH HOH A . 
B 2 HOH 36 155 155 HOH HOH A . 
B 2 HOH 37 156 156 HOH HOH A . 
B 2 HOH 38 157 157 HOH HOH A . 
B 2 HOH 39 158 158 HOH HOH A . 
B 2 HOH 40 159 159 HOH HOH A . 
B 2 HOH 41 160 160 HOH HOH A . 
B 2 HOH 42 161 161 HOH HOH A . 
B 2 HOH 43 162 162 HOH HOH A . 
B 2 HOH 44 163 163 HOH HOH A . 
B 2 HOH 45 164 164 HOH HOH A . 
B 2 HOH 46 165 165 HOH HOH A . 
B 2 HOH 47 166 166 HOH HOH A . 
B 2 HOH 48 167 167 HOH HOH A . 
B 2 HOH 49 168 168 HOH HOH A . 
B 2 HOH 50 169 169 HOH HOH A . 
B 2 HOH 51 170 170 HOH HOH A . 
B 2 HOH 52 171 171 HOH HOH A . 
B 2 HOH 53 172 172 HOH HOH A . 
B 2 HOH 54 173 173 HOH HOH A . 
B 2 HOH 55 174 174 HOH HOH A . 
B 2 HOH 56 175 175 HOH HOH A . 
B 2 HOH 57 176 176 HOH HOH A . 
B 2 HOH 58 177 177 HOH HOH A . 
B 2 HOH 59 178 178 HOH HOH A . 
B 2 HOH 60 179 179 HOH HOH A . 
B 2 HOH 61 180 180 HOH HOH A . 
B 2 HOH 62 181 181 HOH HOH A . 
B 2 HOH 63 182 182 HOH HOH A . 
B 2 HOH 64 183 183 HOH HOH A . 
# 
loop_
_software.name 
_software.classification 
_software.version 
_software.citation_id 
_software.pdbx_ordinal 
DENZO     'data reduction' . ? 1 
SCALEPACK 'data scaling'   . ? 2 
AMoRE     phasing          . ? 3 
CNS       refinement       . ? 4 
# 
_cell.entry_id           1GD6 
_cell.length_a           77.268 
_cell.length_b           77.268 
_cell.length_c           72.925 
_cell.angle_alpha        90 
_cell.angle_beta         90 
_cell.angle_gamma        90 
_cell.Z_PDB              8 
_cell.pdbx_unique_axis   ? 
# 
_symmetry.entry_id                         1GD6 
_symmetry.space_group_name_H-M             'P 41 21 2' 
_symmetry.pdbx_full_space_group_name_H-M   ? 
_symmetry.cell_setting                     ? 
_symmetry.Int_Tables_number                92 
# 
_exptl.entry_id          1GD6 
_exptl.method            'X-RAY DIFFRACTION' 
_exptl.crystals_number   1 
# 
_exptl_crystal.id                    1 
_exptl_crystal.density_meas          ? 
_exptl_crystal.density_percent_sol   68.9623903 
_exptl_crystal.density_Matthews      3.957779 
_exptl_crystal.description           ? 
# 
_exptl_crystal_grow.crystal_id      1 
_exptl_crystal_grow.method          'VAPOR DIFFUSION, HANGING DROP' 
_exptl_crystal_grow.pH              6.7 
_exptl_crystal_grow.temp            291 
_exptl_crystal_grow.temp_details    ? 
_exptl_crystal_grow.pdbx_details    
'PEG 8000, ammonium sulfate, sodium cacodylate, pH 6.7, VAPOR DIFFUSION, HANGING DROP, temperature 291K' 
_exptl_crystal_grow.pdbx_pH_range   ? 
# 
_diffrn.id                     1 
_diffrn.ambient_temp           283.0 
_diffrn.ambient_temp_details   ? 
_diffrn.crystal_id             1 
# 
_diffrn_detector.diffrn_id              1 
_diffrn_detector.detector               'IMAGE PLATE' 
_diffrn_detector.type                   'MAC Science DIP-2000' 
_diffrn_detector.pdbx_collection_date   1999-08-09 
_diffrn_detector.details                ? 
# 
_diffrn_radiation.diffrn_id                        1 
_diffrn_radiation.wavelength_id                    1 
_diffrn_radiation.monochromator                    ? 
_diffrn_radiation.pdbx_monochromatic_or_laue_m_l   M 
_diffrn_radiation.pdbx_diffrn_protocol             'SINGLE WAVELENGTH' 
_diffrn_radiation.pdbx_scattering_type             x-ray 
# 
_diffrn_radiation_wavelength.id           1 
_diffrn_radiation_wavelength.wavelength   1.5418 
_diffrn_radiation_wavelength.wt           1.0 
# 
_diffrn_source.diffrn_id                   1 
_diffrn_source.source                      'ROTATING ANODE' 
_diffrn_source.type                        MACSCIENCE 
_diffrn_source.pdbx_wavelength             1.5418 
_diffrn_source.pdbx_synchrotron_site       ? 
_diffrn_source.pdbx_synchrotron_beamline   ? 
_diffrn_source.pdbx_wavelength_list        ? 
# 
_reflns.entry_id                     1GD6 
_reflns.observed_criterion_sigma_I   1.0 
_reflns.observed_criterion_sigma_F   ? 
_reflns.d_resolution_low             100 
_reflns.d_resolution_high            2.5 
_reflns.number_obs                   7862 
_reflns.number_all                   55985 
_reflns.percent_possible_obs         98.6 
_reflns.pdbx_Rmerge_I_obs            0.08 
_reflns.pdbx_Rsym_value              ? 
_reflns.pdbx_netI_over_sigmaI        20.9 
_reflns.B_iso_Wilson_estimate        49.2 
_reflns.pdbx_redundancy              7.12 
_reflns.R_free_details               ? 
_reflns.limit_h_max                  ? 
_reflns.limit_h_min                  ? 
_reflns.limit_k_max                  ? 
_reflns.limit_k_min                  ? 
_reflns.limit_l_max                  ? 
_reflns.limit_l_min                  ? 
_reflns.observed_criterion_F_max     ? 
_reflns.observed_criterion_F_min     ? 
_reflns.pdbx_diffrn_id               1 
_reflns.pdbx_ordinal                 1 
# 
_reflns_shell.d_res_high             2.50 
_reflns_shell.d_res_low              2.59 
_reflns_shell.percent_possible_obs   ? 
_reflns_shell.percent_possible_all   96.4 
_reflns_shell.Rmerge_I_obs           0.295 
_reflns_shell.meanI_over_sigI_obs    3.8388 
_reflns_shell.pdbx_Rsym_value        ? 
_reflns_shell.pdbx_redundancy        5.1 
_reflns_shell.number_unique_all      742 
_reflns_shell.pdbx_diffrn_id         ? 
_reflns_shell.pdbx_ordinal           1 
# 
_refine.entry_id                                 1GD6 
_refine.ls_number_reflns_obs                     7685 
_refine.ls_number_reflns_all                     7917 
_refine.pdbx_ls_sigma_I                          0.0 
_refine.pdbx_ls_sigma_F                          0.0 
_refine.pdbx_data_cutoff_high_absF               ? 
_refine.pdbx_data_cutoff_low_absF                ? 
_refine.ls_d_res_low                             10 
_refine.ls_d_res_high                            2.5 
_refine.ls_percent_reflns_obs                    97.1 
_refine.ls_R_factor_obs                          ? 
_refine.ls_R_factor_all                          ? 
_refine.ls_R_factor_R_work                       0.1809 
_refine.ls_R_factor_R_free                       0.2226 
_refine.ls_R_factor_R_free_error                 ? 
_refine.ls_R_factor_R_free_error_details         ? 
_refine.ls_percent_reflns_R_free                 9.4 
_refine.ls_number_reflns_R_free                  747 
_refine.ls_number_parameters                     ? 
_refine.ls_number_restraints                     ? 
_refine.occupancy_min                            ? 
_refine.occupancy_max                            ? 
_refine.B_iso_mean                               38.84 
_refine.aniso_B[1][1]                            5.068 
_refine.aniso_B[2][2]                            5.068 
_refine.aniso_B[3][3]                            -10.136 
_refine.aniso_B[1][2]                            0 
_refine.aniso_B[1][3]                            0 
_refine.aniso_B[2][3]                            0 
_refine.solvent_model_details                    ? 
_refine.solvent_model_param_ksol                 0.358547 
_refine.solvent_model_param_bsol                 30.2625 
_refine.pdbx_ls_cross_valid_method               THROUGHOUT 
_refine.details                                  ? 
_refine.pdbx_starting_model                      ? 
_refine.pdbx_method_to_determine_struct          MR 
_refine.pdbx_isotropic_thermal_model             RESTRAINTS 
_refine.pdbx_stereochemistry_target_values       'Engh & Huber' 
_refine.pdbx_stereochem_target_val_spec_case     ? 
_refine.pdbx_R_Free_selection_details            RAMDOM 
_refine.pdbx_overall_ESU_R_Free                  ? 
_refine.overall_SU_B                             ? 
_refine.ls_redundancy_reflns_obs                 ? 
_refine.B_iso_min                                ? 
_refine.B_iso_max                                ? 
_refine.overall_SU_ML                            ? 
_refine.pdbx_overall_ESU_R                       ? 
_refine.pdbx_data_cutoff_high_rms_absF           ? 
_refine.correlation_coeff_Fo_to_Fc               ? 
_refine.overall_SU_R_Cruickshank_DPI             ? 
_refine.overall_SU_R_free                        ? 
_refine.correlation_coeff_Fo_to_Fc_free          ? 
_refine.pdbx_solvent_vdw_probe_radii             ? 
_refine.pdbx_solvent_ion_probe_radii             ? 
_refine.pdbx_solvent_shrinkage_radii             ? 
_refine.pdbx_refine_id                           'X-RAY DIFFRACTION' 
_refine.pdbx_diffrn_id                           1 
_refine.pdbx_TLS_residual_ADP_flag               ? 
_refine.pdbx_overall_phase_error                 ? 
_refine.pdbx_overall_SU_R_free_Cruickshank_DPI   ? 
_refine.pdbx_overall_SU_R_Blow_DPI               ? 
_refine.pdbx_overall_SU_R_free_Blow_DPI          ? 
# 
_refine_analyze.entry_id                        1GD6 
_refine_analyze.Luzzati_coordinate_error_obs    0.27 
_refine_analyze.Luzzati_sigma_a_obs             0.41 
_refine_analyze.Luzzati_d_res_low_obs           ? 
_refine_analyze.Luzzati_coordinate_error_free   0.322 
_refine_analyze.Luzzati_sigma_a_free            0.510 
_refine_analyze.Luzzati_d_res_low_free          ? 
_refine_analyze.number_disordered_residues      ? 
_refine_analyze.occupancy_sum_hydrogen          ? 
_refine_analyze.occupancy_sum_non_hydrogen      ? 
_refine_analyze.pdbx_Luzzati_d_res_high_obs     ? 
_refine_analyze.pdbx_refine_id                  'X-RAY DIFFRACTION' 
# 
_refine_hist.pdbx_refine_id                   'X-RAY DIFFRACTION' 
_refine_hist.cycle_id                         LAST 
_refine_hist.pdbx_number_atoms_protein        963 
_refine_hist.pdbx_number_atoms_nucleic_acid   0 
_refine_hist.pdbx_number_atoms_ligand         0 
_refine_hist.number_atoms_solvent             64 
_refine_hist.number_atoms_total               1027 
_refine_hist.d_res_high                       2.5 
_refine_hist.d_res_low                        10 
# 
loop_
_refine_ls_restr.type 
_refine_ls_restr.dev_ideal 
_refine_ls_restr.dev_ideal_target 
_refine_ls_restr.weight 
_refine_ls_restr.number 
_refine_ls_restr.pdbx_refine_id 
_refine_ls_restr.pdbx_restraint_function 
c_bond_d           0.008512 ? ? ? 'X-RAY DIFFRACTION' ? 
c_angle_deg        1.55289  ? ? ? 'X-RAY DIFFRACTION' ? 
c_torsion_deg      23.47519 ? ? ? 'X-RAY DIFFRACTION' ? 
c_torsion_impr_deg 0.73009  ? ? ? 'X-RAY DIFFRACTION' ? 
c_dihedral_angle_d 23.47519 ? ? ? 'X-RAY DIFFRACTION' ? 
c_improper_angle_d 0.73009  ? ? ? 'X-RAY DIFFRACTION' ? 
c_mcbond_it        1.50     ? ? ? 'X-RAY DIFFRACTION' ? 
c_mcangle_it       2.0      ? ? ? 'X-RAY DIFFRACTION' ? 
c_scbond_it        2.0      ? ? ? 'X-RAY DIFFRACTION' ? 
c_scangle_it       2.5      ? ? ? 'X-RAY DIFFRACTION' ? 
# 
_refine_ls_shell.R_factor_R_free                  0.3059 
_refine_ls_shell.R_factor_R_free_error            ? 
_refine_ls_shell.R_factor_R_work                  0.3019 
_refine_ls_shell.d_res_high                       2.50 
_refine_ls_shell.d_res_low                        2.59 
_refine_ls_shell.pdbx_total_number_of_bins_used   10 
_refine_ls_shell.number_reflns_R_free             ? 
_refine_ls_shell.number_reflns_R_work             550 
_refine_ls_shell.percent_reflns_R_free            ? 
_refine_ls_shell.percent_reflns_obs               ? 
_refine_ls_shell.redundancy_reflns_obs            ? 
_refine_ls_shell.number_reflns_all                ? 
_refine_ls_shell.number_reflns_obs                ? 
_refine_ls_shell.pdbx_refine_id                   'X-RAY DIFFRACTION' 
_refine_ls_shell.R_factor_all                     ? 
# 
loop_
_pdbx_xplor_file.serial_no 
_pdbx_xplor_file.param_file 
_pdbx_xplor_file.topol_file 
_pdbx_xplor_file.pdbx_refine_id 
1 PROTEIN.PARAM   PROTEIN.TOP 'X-RAY DIFFRACTION' 
2 WATER_REP.PARAM WATER.TOP   'X-RAY DIFFRACTION' 
# 
_struct.entry_id                  1GD6 
_struct.title                     'STRUCTURE OF THE BOMBYX MORI LYSOZYME' 
_struct.pdbx_model_details        ? 
_struct.pdbx_CASP_flag            ? 
_struct.pdbx_model_type_details   ? 
# 
_struct_keywords.entry_id        1GD6 
_struct_keywords.pdbx_keywords   HYDROLASE 
_struct_keywords.text            'LYSOZYME, 1, 4-BETA-N-ACETYLMURAMIDASE, BMLZ, HYDROLASE' 
# 
loop_
_struct_asym.id 
_struct_asym.pdbx_blank_PDB_chainid_flag 
_struct_asym.pdbx_modified 
_struct_asym.entity_id 
_struct_asym.details 
A N N 1 ? 
B N N 2 ? 
# 
_struct_ref.id                         1 
_struct_ref.db_code                    LYS_BOMMO 
_struct_ref.db_name                    UNP 
_struct_ref.entity_id                  1 
_struct_ref.pdbx_db_accession          P48816 
_struct_ref.pdbx_align_begin           ? 
_struct_ref.pdbx_seq_one_letter_code   ? 
_struct_ref.pdbx_db_isoform            ? 
# 
_struct_ref_seq.align_id                      1 
_struct_ref_seq.ref_id                        1 
_struct_ref_seq.pdbx_PDB_id_code              1GD6 
_struct_ref_seq.pdbx_strand_id                A 
_struct_ref_seq.seq_align_beg                 1 
_struct_ref_seq.pdbx_seq_align_beg_ins_code   ? 
_struct_ref_seq.seq_align_end                 119 
_struct_ref_seq.pdbx_seq_align_end_ins_code   ? 
_struct_ref_seq.pdbx_db_accession             P48816 
_struct_ref_seq.db_align_beg                  19 
_struct_ref_seq.pdbx_db_align_beg_ins_code    ? 
_struct_ref_seq.db_align_end                  137 
_struct_ref_seq.pdbx_db_align_end_ins_code    ? 
_struct_ref_seq.pdbx_auth_seq_align_beg       1 
_struct_ref_seq.pdbx_auth_seq_align_end       119 
# 
_pdbx_struct_assembly.id                   1 
_pdbx_struct_assembly.details              author_defined_assembly 
_pdbx_struct_assembly.method_details       ? 
_pdbx_struct_assembly.oligomeric_details   monomeric 
_pdbx_struct_assembly.oligomeric_count     1 
# 
_pdbx_struct_assembly_gen.assembly_id       1 
_pdbx_struct_assembly_gen.oper_expression   1 
_pdbx_struct_assembly_gen.asym_id_list      A,B 
# 
_pdbx_struct_oper_list.id                   1 
_pdbx_struct_oper_list.type                 'identity operation' 
_pdbx_struct_oper_list.name                 1_555 
_pdbx_struct_oper_list.symmetry_operation   x,y,z 
_pdbx_struct_oper_list.matrix[1][1]         1.0000000000 
_pdbx_struct_oper_list.matrix[1][2]         0.0000000000 
_pdbx_struct_oper_list.matrix[1][3]         0.0000000000 
_pdbx_struct_oper_list.vector[1]            0.0000000000 
_pdbx_struct_oper_list.matrix[2][1]         0.0000000000 
_pdbx_struct_oper_list.matrix[2][2]         1.0000000000 
_pdbx_struct_oper_list.matrix[2][3]         0.0000000000 
_pdbx_struct_oper_list.vector[2]            0.0000000000 
_pdbx_struct_oper_list.matrix[3][1]         0.0000000000 
_pdbx_struct_oper_list.matrix[3][2]         0.0000000000 
_pdbx_struct_oper_list.matrix[3][3]         1.0000000000 
_pdbx_struct_oper_list.vector[3]            0.0000000000 
# 
_struct_biol.id                    1 
_struct_biol.details               'The biological assembly is a monomer' 
_struct_biol.pdbx_parent_biol_id   ? 
# 
loop_
_struct_conf.conf_type_id 
_struct_conf.id 
_struct_conf.pdbx_PDB_helix_id 
_struct_conf.beg_label_comp_id 
_struct_conf.beg_label_asym_id 
_struct_conf.beg_label_seq_id 
_struct_conf.pdbx_beg_PDB_ins_code 
_struct_conf.end_label_comp_id 
_struct_conf.end_label_asym_id 
_struct_conf.end_label_seq_id 
_struct_conf.pdbx_end_PDB_ins_code 
_struct_conf.beg_auth_comp_id 
_struct_conf.beg_auth_asym_id 
_struct_conf.beg_auth_seq_id 
_struct_conf.end_auth_comp_id 
_struct_conf.end_auth_asym_id 
_struct_conf.end_auth_seq_id 
_struct_conf.pdbx_PDB_helix_class 
_struct_conf.details 
_struct_conf.pdbx_PDB_helix_length 
HELX_P HELX_P1 1 THR A 4   ? HIS A 15  ? THR A 4   HIS A 15  1 ? 12 
HELX_P HELX_P2 2 GLU A 18  ? ASN A 20  ? GLU A 18  ASN A 20  5 ? 3  
HELX_P HELX_P3 3 LEU A 21  ? SER A 33  ? LEU A 21  SER A 33  1 ? 13 
HELX_P HELX_P4 4 CYS A 75  ? LEU A 79  ? CYS A 75  LEU A 79  5 ? 5  
HELX_P HELX_P5 5 ILE A 83  ? ARG A 98  ? ILE A 83  ARG A 98  1 ? 16 
HELX_P HELX_P6 6 PHE A 99  ? ALA A 101 ? PHE A 99  ALA A 101 5 ? 3  
HELX_P HELX_P7 7 TRP A 102 ? ASN A 107 ? TRP A 102 ASN A 107 1 ? 6  
# 
_struct_conf_type.id          HELX_P 
_struct_conf_type.criteria    ? 
_struct_conf_type.reference   ? 
# 
loop_
_struct_conn.id 
_struct_conn.conn_type_id 
_struct_conn.pdbx_leaving_atom_flag 
_struct_conn.pdbx_PDB_id 
_struct_conn.ptnr1_label_asym_id 
_struct_conn.ptnr1_label_comp_id 
_struct_conn.ptnr1_label_seq_id 
_struct_conn.ptnr1_label_atom_id 
_struct_conn.pdbx_ptnr1_label_alt_id 
_struct_conn.pdbx_ptnr1_PDB_ins_code 
_struct_conn.pdbx_ptnr1_standard_comp_id 
_struct_conn.ptnr1_symmetry 
_struct_conn.ptnr2_label_asym_id 
_struct_conn.ptnr2_label_comp_id 
_struct_conn.ptnr2_label_seq_id 
_struct_conn.ptnr2_label_atom_id 
_struct_conn.pdbx_ptnr2_label_alt_id 
_struct_conn.pdbx_ptnr2_PDB_ins_code 
_struct_conn.ptnr1_auth_asym_id 
_struct_conn.ptnr1_auth_comp_id 
_struct_conn.ptnr1_auth_seq_id 
_struct_conn.ptnr2_auth_asym_id 
_struct_conn.ptnr2_auth_comp_id 
_struct_conn.ptnr2_auth_seq_id 
_struct_conn.ptnr2_symmetry 
_struct_conn.pdbx_ptnr3_label_atom_id 
_struct_conn.pdbx_ptnr3_label_seq_id 
_struct_conn.pdbx_ptnr3_label_comp_id 
_struct_conn.pdbx_ptnr3_label_asym_id 
_struct_conn.pdbx_ptnr3_label_alt_id 
_struct_conn.pdbx_ptnr3_PDB_ins_code 
_struct_conn.details 
_struct_conn.pdbx_dist_value 
_struct_conn.pdbx_value_order 
_struct_conn.pdbx_role 
disulf1 disulf ? ? A CYS 6  SG ? ? ? 1_555 A CYS 119 SG ? ? A CYS 6  A CYS 119 1_555 ? ? ? ? ? ? ? 2.045 ? ? 
disulf2 disulf ? ? A CYS 27 SG ? ? ? 1_555 A CYS 109 SG ? ? A CYS 27 A CYS 109 1_555 ? ? ? ? ? ? ? 2.020 ? ? 
disulf3 disulf ? ? A CYS 61 SG ? ? ? 1_555 A CYS 75  SG ? ? A CYS 61 A CYS 75  1_555 ? ? ? ? ? ? ? 2.030 ? ? 
disulf4 disulf ? ? A CYS 71 SG ? ? ? 1_555 A CYS 89  SG ? ? A CYS 71 A CYS 89  1_555 ? ? ? ? ? ? ? 2.033 ? ? 
# 
_struct_conn_type.id          disulf 
_struct_conn_type.criteria    ? 
_struct_conn_type.reference   ? 
# 
loop_
_pdbx_modification_feature.ordinal 
_pdbx_modification_feature.label_comp_id 
_pdbx_modification_feature.label_asym_id 
_pdbx_modification_feature.label_seq_id 
_pdbx_modification_feature.label_alt_id 
_pdbx_modification_feature.modified_residue_label_comp_id 
_pdbx_modification_feature.modified_residue_label_asym_id 
_pdbx_modification_feature.modified_residue_label_seq_id 
_pdbx_modification_feature.modified_residue_label_alt_id 
_pdbx_modification_feature.auth_comp_id 
_pdbx_modification_feature.auth_asym_id 
_pdbx_modification_feature.auth_seq_id 
_pdbx_modification_feature.PDB_ins_code 
_pdbx_modification_feature.symmetry 
_pdbx_modification_feature.modified_residue_auth_comp_id 
_pdbx_modification_feature.modified_residue_auth_asym_id 
_pdbx_modification_feature.modified_residue_auth_seq_id 
_pdbx_modification_feature.modified_residue_PDB_ins_code 
_pdbx_modification_feature.modified_residue_symmetry 
_pdbx_modification_feature.comp_id_linking_atom 
_pdbx_modification_feature.modified_residue_id_linking_atom 
_pdbx_modification_feature.modified_residue_id 
_pdbx_modification_feature.ref_pcm_id 
_pdbx_modification_feature.ref_comp_id 
_pdbx_modification_feature.type 
_pdbx_modification_feature.category 
1 CYS A 6  ? CYS A 119 ? CYS A 6  ? 1_555 CYS A 119 ? 1_555 SG SG . . . None 'Disulfide bridge' 
2 CYS A 27 ? CYS A 109 ? CYS A 27 ? 1_555 CYS A 109 ? 1_555 SG SG . . . None 'Disulfide bridge' 
3 CYS A 61 ? CYS A 75  ? CYS A 61 ? 1_555 CYS A 75  ? 1_555 SG SG . . . None 'Disulfide bridge' 
4 CYS A 71 ? CYS A 89  ? CYS A 71 ? 1_555 CYS A 89  ? 1_555 SG SG . . . None 'Disulfide bridge' 
# 
_struct_sheet.id               A 
_struct_sheet.type             ? 
_struct_sheet.number_strands   3 
_struct_sheet.details          ? 
# 
loop_
_struct_sheet_order.sheet_id 
_struct_sheet_order.range_id_1 
_struct_sheet_order.range_id_2 
_struct_sheet_order.offset 
_struct_sheet_order.sense 
A 1 2 ? anti-parallel 
A 2 3 ? anti-parallel 
# 
loop_
_struct_sheet_range.sheet_id 
_struct_sheet_range.id 
_struct_sheet_range.beg_label_comp_id 
_struct_sheet_range.beg_label_asym_id 
_struct_sheet_range.beg_label_seq_id 
_struct_sheet_range.pdbx_beg_PDB_ins_code 
_struct_sheet_range.end_label_comp_id 
_struct_sheet_range.end_label_asym_id 
_struct_sheet_range.end_label_seq_id 
_struct_sheet_range.pdbx_end_PDB_ins_code 
_struct_sheet_range.beg_auth_comp_id 
_struct_sheet_range.beg_auth_asym_id 
_struct_sheet_range.beg_auth_seq_id 
_struct_sheet_range.end_auth_comp_id 
_struct_sheet_range.end_auth_asym_id 
_struct_sheet_range.end_auth_seq_id 
A 1 THR A 40 ? THR A 42 ? THR A 40 THR A 42 
A 2 LYS A 48 ? TYR A 50 ? LYS A 48 TYR A 50 
A 3 ILE A 55 ? ASN A 56 ? ILE A 55 ASN A 56 
# 
loop_
_pdbx_struct_sheet_hbond.sheet_id 
_pdbx_struct_sheet_hbond.range_id_1 
_pdbx_struct_sheet_hbond.range_id_2 
_pdbx_struct_sheet_hbond.range_1_label_atom_id 
_pdbx_struct_sheet_hbond.range_1_label_comp_id 
_pdbx_struct_sheet_hbond.range_1_label_asym_id 
_pdbx_struct_sheet_hbond.range_1_label_seq_id 
_pdbx_struct_sheet_hbond.range_1_PDB_ins_code 
_pdbx_struct_sheet_hbond.range_1_auth_atom_id 
_pdbx_struct_sheet_hbond.range_1_auth_comp_id 
_pdbx_struct_sheet_hbond.range_1_auth_asym_id 
_pdbx_struct_sheet_hbond.range_1_auth_seq_id 
_pdbx_struct_sheet_hbond.range_2_label_atom_id 
_pdbx_struct_sheet_hbond.range_2_label_comp_id 
_pdbx_struct_sheet_hbond.range_2_label_asym_id 
_pdbx_struct_sheet_hbond.range_2_label_seq_id 
_pdbx_struct_sheet_hbond.range_2_PDB_ins_code 
_pdbx_struct_sheet_hbond.range_2_auth_atom_id 
_pdbx_struct_sheet_hbond.range_2_auth_comp_id 
_pdbx_struct_sheet_hbond.range_2_auth_asym_id 
_pdbx_struct_sheet_hbond.range_2_auth_seq_id 
A 1 2 O ASN A 41 ? O ASN A 41 N ASP A 49 ? N ASP A 49 
A 2 3 N TYR A 50 ? N TYR A 50 O ILE A 55 ? O ILE A 55 
# 
_pdbx_entry_details.entry_id                   1GD6 
_pdbx_entry_details.compound_details           ? 
_pdbx_entry_details.source_details             ? 
_pdbx_entry_details.nonpolymer_details         ? 
_pdbx_entry_details.sequence_details           ? 
_pdbx_entry_details.has_ligand_of_interest     ? 
_pdbx_entry_details.has_protein_modification   Y 
# 
loop_
_pdbx_validate_torsion.id 
_pdbx_validate_torsion.PDB_model_num 
_pdbx_validate_torsion.auth_comp_id 
_pdbx_validate_torsion.auth_asym_id 
_pdbx_validate_torsion.auth_seq_id 
_pdbx_validate_torsion.PDB_ins_code 
_pdbx_validate_torsion.label_alt_id 
_pdbx_validate_torsion.phi 
_pdbx_validate_torsion.psi 
1 1 ASN A 45  ? ? -63.73  1.19    
2 1 LYS A 69  ? ? 65.12   177.35  
3 1 ARG A 98  ? ? 64.19   -149.06 
4 1 HIS A 108 ? ? -159.31 -20.63  
# 
loop_
_chem_comp_atom.comp_id 
_chem_comp_atom.atom_id 
_chem_comp_atom.type_symbol 
_chem_comp_atom.pdbx_aromatic_flag 
_chem_comp_atom.pdbx_stereo_config 
_chem_comp_atom.pdbx_ordinal 
ALA N    N N N 1   
ALA CA   C N S 2   
ALA C    C N N 3   
ALA O    O N N 4   
ALA CB   C N N 5   
ALA OXT  O N N 6   
ALA H    H N N 7   
ALA H2   H N N 8   
ALA HA   H N N 9   
ALA HB1  H N N 10  
ALA HB2  H N N 11  
ALA HB3  H N N 12  
ALA HXT  H N N 13  
ARG N    N N N 14  
ARG CA   C N S 15  
ARG C    C N N 16  
ARG O    O N N 17  
ARG CB   C N N 18  
ARG CG   C N N 19  
ARG CD   C N N 20  
ARG NE   N N N 21  
ARG CZ   C N N 22  
ARG NH1  N N N 23  
ARG NH2  N N N 24  
ARG OXT  O N N 25  
ARG H    H N N 26  
ARG H2   H N N 27  
ARG HA   H N N 28  
ARG HB2  H N N 29  
ARG HB3  H N N 30  
ARG HG2  H N N 31  
ARG HG3  H N N 32  
ARG HD2  H N N 33  
ARG HD3  H N N 34  
ARG HE   H N N 35  
ARG HH11 H N N 36  
ARG HH12 H N N 37  
ARG HH21 H N N 38  
ARG HH22 H N N 39  
ARG HXT  H N N 40  
ASN N    N N N 41  
ASN CA   C N S 42  
ASN C    C N N 43  
ASN O    O N N 44  
ASN CB   C N N 45  
ASN CG   C N N 46  
ASN OD1  O N N 47  
ASN ND2  N N N 48  
ASN OXT  O N N 49  
ASN H    H N N 50  
ASN H2   H N N 51  
ASN HA   H N N 52  
ASN HB2  H N N 53  
ASN HB3  H N N 54  
ASN HD21 H N N 55  
ASN HD22 H N N 56  
ASN HXT  H N N 57  
ASP N    N N N 58  
ASP CA   C N S 59  
ASP C    C N N 60  
ASP O    O N N 61  
ASP CB   C N N 62  
ASP CG   C N N 63  
ASP OD1  O N N 64  
ASP OD2  O N N 65  
ASP OXT  O N N 66  
ASP H    H N N 67  
ASP H2   H N N 68  
ASP HA   H N N 69  
ASP HB2  H N N 70  
ASP HB3  H N N 71  
ASP HD2  H N N 72  
ASP HXT  H N N 73  
CYS N    N N N 74  
CYS CA   C N R 75  
CYS C    C N N 76  
CYS O    O N N 77  
CYS CB   C N N 78  
CYS SG   S N N 79  
CYS OXT  O N N 80  
CYS H    H N N 81  
CYS H2   H N N 82  
CYS HA   H N N 83  
CYS HB2  H N N 84  
CYS HB3  H N N 85  
CYS HG   H N N 86  
CYS HXT  H N N 87  
GLN N    N N N 88  
GLN CA   C N S 89  
GLN C    C N N 90  
GLN O    O N N 91  
GLN CB   C N N 92  
GLN CG   C N N 93  
GLN CD   C N N 94  
GLN OE1  O N N 95  
GLN NE2  N N N 96  
GLN OXT  O N N 97  
GLN H    H N N 98  
GLN H2   H N N 99  
GLN HA   H N N 100 
GLN HB2  H N N 101 
GLN HB3  H N N 102 
GLN HG2  H N N 103 
GLN HG3  H N N 104 
GLN HE21 H N N 105 
GLN HE22 H N N 106 
GLN HXT  H N N 107 
GLU N    N N N 108 
GLU CA   C N S 109 
GLU C    C N N 110 
GLU O    O N N 111 
GLU CB   C N N 112 
GLU CG   C N N 113 
GLU CD   C N N 114 
GLU OE1  O N N 115 
GLU OE2  O N N 116 
GLU OXT  O N N 117 
GLU H    H N N 118 
GLU H2   H N N 119 
GLU HA   H N N 120 
GLU HB2  H N N 121 
GLU HB3  H N N 122 
GLU HG2  H N N 123 
GLU HG3  H N N 124 
GLU HE2  H N N 125 
GLU HXT  H N N 126 
GLY N    N N N 127 
GLY CA   C N N 128 
GLY C    C N N 129 
GLY O    O N N 130 
GLY OXT  O N N 131 
GLY H    H N N 132 
GLY H2   H N N 133 
GLY HA2  H N N 134 
GLY HA3  H N N 135 
GLY HXT  H N N 136 
HIS N    N N N 137 
HIS CA   C N S 138 
HIS C    C N N 139 
HIS O    O N N 140 
HIS CB   C N N 141 
HIS CG   C Y N 142 
HIS ND1  N Y N 143 
HIS CD2  C Y N 144 
HIS CE1  C Y N 145 
HIS NE2  N Y N 146 
HIS OXT  O N N 147 
HIS H    H N N 148 
HIS H2   H N N 149 
HIS HA   H N N 150 
HIS HB2  H N N 151 
HIS HB3  H N N 152 
HIS HD1  H N N 153 
HIS HD2  H N N 154 
HIS HE1  H N N 155 
HIS HE2  H N N 156 
HIS HXT  H N N 157 
HOH O    O N N 158 
HOH H1   H N N 159 
HOH H2   H N N 160 
ILE N    N N N 161 
ILE CA   C N S 162 
ILE C    C N N 163 
ILE O    O N N 164 
ILE CB   C N S 165 
ILE CG1  C N N 166 
ILE CG2  C N N 167 
ILE CD1  C N N 168 
ILE OXT  O N N 169 
ILE H    H N N 170 
ILE H2   H N N 171 
ILE HA   H N N 172 
ILE HB   H N N 173 
ILE HG12 H N N 174 
ILE HG13 H N N 175 
ILE HG21 H N N 176 
ILE HG22 H N N 177 
ILE HG23 H N N 178 
ILE HD11 H N N 179 
ILE HD12 H N N 180 
ILE HD13 H N N 181 
ILE HXT  H N N 182 
LEU N    N N N 183 
LEU CA   C N S 184 
LEU C    C N N 185 
LEU O    O N N 186 
LEU CB   C N N 187 
LEU CG   C N N 188 
LEU CD1  C N N 189 
LEU CD2  C N N 190 
LEU OXT  O N N 191 
LEU H    H N N 192 
LEU H2   H N N 193 
LEU HA   H N N 194 
LEU HB2  H N N 195 
LEU HB3  H N N 196 
LEU HG   H N N 197 
LEU HD11 H N N 198 
LEU HD12 H N N 199 
LEU HD13 H N N 200 
LEU HD21 H N N 201 
LEU HD22 H N N 202 
LEU HD23 H N N 203 
LEU HXT  H N N 204 
LYS N    N N N 205 
LYS CA   C N S 206 
LYS C    C N N 207 
LYS O    O N N 208 
LYS CB   C N N 209 
LYS CG   C N N 210 
LYS CD   C N N 211 
LYS CE   C N N 212 
LYS NZ   N N N 213 
LYS OXT  O N N 214 
LYS H    H N N 215 
LYS H2   H N N 216 
LYS HA   H N N 217 
LYS HB2  H N N 218 
LYS HB3  H N N 219 
LYS HG2  H N N 220 
LYS HG3  H N N 221 
LYS HD2  H N N 222 
LYS HD3  H N N 223 
LYS HE2  H N N 224 
LYS HE3  H N N 225 
LYS HZ1  H N N 226 
LYS HZ2  H N N 227 
LYS HZ3  H N N 228 
LYS HXT  H N N 229 
MET N    N N N 230 
MET CA   C N S 231 
MET C    C N N 232 
MET O    O N N 233 
MET CB   C N N 234 
MET CG   C N N 235 
MET SD   S N N 236 
MET CE   C N N 237 
MET OXT  O N N 238 
MET H    H N N 239 
MET H2   H N N 240 
MET HA   H N N 241 
MET HB2  H N N 242 
MET HB3  H N N 243 
MET HG2  H N N 244 
MET HG3  H N N 245 
MET HE1  H N N 246 
MET HE2  H N N 247 
MET HE3  H N N 248 
MET HXT  H N N 249 
PHE N    N N N 250 
PHE CA   C N S 251 
PHE C    C N N 252 
PHE O    O N N 253 
PHE CB   C N N 254 
PHE CG   C Y N 255 
PHE CD1  C Y N 256 
PHE CD2  C Y N 257 
PHE CE1  C Y N 258 
PHE CE2  C Y N 259 
PHE CZ   C Y N 260 
PHE OXT  O N N 261 
PHE H    H N N 262 
PHE H2   H N N 263 
PHE HA   H N N 264 
PHE HB2  H N N 265 
PHE HB3  H N N 266 
PHE HD1  H N N 267 
PHE HD2  H N N 268 
PHE HE1  H N N 269 
PHE HE2  H N N 270 
PHE HZ   H N N 271 
PHE HXT  H N N 272 
PRO N    N N N 273 
PRO CA   C N S 274 
PRO C    C N N 275 
PRO O    O N N 276 
PRO CB   C N N 277 
PRO CG   C N N 278 
PRO CD   C N N 279 
PRO OXT  O N N 280 
PRO H    H N N 281 
PRO HA   H N N 282 
PRO HB2  H N N 283 
PRO HB3  H N N 284 
PRO HG2  H N N 285 
PRO HG3  H N N 286 
PRO HD2  H N N 287 
PRO HD3  H N N 288 
PRO HXT  H N N 289 
SER N    N N N 290 
SER CA   C N S 291 
SER C    C N N 292 
SER O    O N N 293 
SER CB   C N N 294 
SER OG   O N N 295 
SER OXT  O N N 296 
SER H    H N N 297 
SER H2   H N N 298 
SER HA   H N N 299 
SER HB2  H N N 300 
SER HB3  H N N 301 
SER HG   H N N 302 
SER HXT  H N N 303 
THR N    N N N 304 
THR CA   C N S 305 
THR C    C N N 306 
THR O    O N N 307 
THR CB   C N R 308 
THR OG1  O N N 309 
THR CG2  C N N 310 
THR OXT  O N N 311 
THR H    H N N 312 
THR H2   H N N 313 
THR HA   H N N 314 
THR HB   H N N 315 
THR HG1  H N N 316 
THR HG21 H N N 317 
THR HG22 H N N 318 
THR HG23 H N N 319 
THR HXT  H N N 320 
TRP N    N N N 321 
TRP CA   C N S 322 
TRP C    C N N 323 
TRP O    O N N 324 
TRP CB   C N N 325 
TRP CG   C Y N 326 
TRP CD1  C Y N 327 
TRP CD2  C Y N 328 
TRP NE1  N Y N 329 
TRP CE2  C Y N 330 
TRP CE3  C Y N 331 
TRP CZ2  C Y N 332 
TRP CZ3  C Y N 333 
TRP CH2  C Y N 334 
TRP OXT  O N N 335 
TRP H    H N N 336 
TRP H2   H N N 337 
TRP HA   H N N 338 
TRP HB2  H N N 339 
TRP HB3  H N N 340 
TRP HD1  H N N 341 
TRP HE1  H N N 342 
TRP HE3  H N N 343 
TRP HZ2  H N N 344 
TRP HZ3  H N N 345 
TRP HH2  H N N 346 
TRP HXT  H N N 347 
TYR N    N N N 348 
TYR CA   C N S 349 
TYR C    C N N 350 
TYR O    O N N 351 
TYR CB   C N N 352 
TYR CG   C Y N 353 
TYR CD1  C Y N 354 
TYR CD2  C Y N 355 
TYR CE1  C Y N 356 
TYR CE2  C Y N 357 
TYR CZ   C Y N 358 
TYR OH   O N N 359 
TYR OXT  O N N 360 
TYR H    H N N 361 
TYR H2   H N N 362 
TYR HA   H N N 363 
TYR HB2  H N N 364 
TYR HB3  H N N 365 
TYR HD1  H N N 366 
TYR HD2  H N N 367 
TYR HE1  H N N 368 
TYR HE2  H N N 369 
TYR HH   H N N 370 
TYR HXT  H N N 371 
VAL N    N N N 372 
VAL CA   C N S 373 
VAL C    C N N 374 
VAL O    O N N 375 
VAL CB   C N N 376 
VAL CG1  C N N 377 
VAL CG2  C N N 378 
VAL OXT  O N N 379 
VAL H    H N N 380 
VAL H2   H N N 381 
VAL HA   H N N 382 
VAL HB   H N N 383 
VAL HG11 H N N 384 
VAL HG12 H N N 385 
VAL HG13 H N N 386 
VAL HG21 H N N 387 
VAL HG22 H N N 388 
VAL HG23 H N N 389 
VAL HXT  H N N 390 
# 
loop_
_chem_comp_bond.comp_id 
_chem_comp_bond.atom_id_1 
_chem_comp_bond.atom_id_2 
_chem_comp_bond.value_order 
_chem_comp_bond.pdbx_aromatic_flag 
_chem_comp_bond.pdbx_stereo_config 
_chem_comp_bond.pdbx_ordinal 
ALA N   CA   sing N N 1   
ALA N   H    sing N N 2   
ALA N   H2   sing N N 3   
ALA CA  C    sing N N 4   
ALA CA  CB   sing N N 5   
ALA CA  HA   sing N N 6   
ALA C   O    doub N N 7   
ALA C   OXT  sing N N 8   
ALA CB  HB1  sing N N 9   
ALA CB  HB2  sing N N 10  
ALA CB  HB3  sing N N 11  
ALA OXT HXT  sing N N 12  
ARG N   CA   sing N N 13  
ARG N   H    sing N N 14  
ARG N   H2   sing N N 15  
ARG CA  C    sing N N 16  
ARG CA  CB   sing N N 17  
ARG CA  HA   sing N N 18  
ARG C   O    doub N N 19  
ARG C   OXT  sing N N 20  
ARG CB  CG   sing N N 21  
ARG CB  HB2  sing N N 22  
ARG CB  HB3  sing N N 23  
ARG CG  CD   sing N N 24  
ARG CG  HG2  sing N N 25  
ARG CG  HG3  sing N N 26  
ARG CD  NE   sing N N 27  
ARG CD  HD2  sing N N 28  
ARG CD  HD3  sing N N 29  
ARG NE  CZ   sing N N 30  
ARG NE  HE   sing N N 31  
ARG CZ  NH1  sing N N 32  
ARG CZ  NH2  doub N N 33  
ARG NH1 HH11 sing N N 34  
ARG NH1 HH12 sing N N 35  
ARG NH2 HH21 sing N N 36  
ARG NH2 HH22 sing N N 37  
ARG OXT HXT  sing N N 38  
ASN N   CA   sing N N 39  
ASN N   H    sing N N 40  
ASN N   H2   sing N N 41  
ASN CA  C    sing N N 42  
ASN CA  CB   sing N N 43  
ASN CA  HA   sing N N 44  
ASN C   O    doub N N 45  
ASN C   OXT  sing N N 46  
ASN CB  CG   sing N N 47  
ASN CB  HB2  sing N N 48  
ASN CB  HB3  sing N N 49  
ASN CG  OD1  doub N N 50  
ASN CG  ND2  sing N N 51  
ASN ND2 HD21 sing N N 52  
ASN ND2 HD22 sing N N 53  
ASN OXT HXT  sing N N 54  
ASP N   CA   sing N N 55  
ASP N   H    sing N N 56  
ASP N   H2   sing N N 57  
ASP CA  C    sing N N 58  
ASP CA  CB   sing N N 59  
ASP CA  HA   sing N N 60  
ASP C   O    doub N N 61  
ASP C   OXT  sing N N 62  
ASP CB  CG   sing N N 63  
ASP CB  HB2  sing N N 64  
ASP CB  HB3  sing N N 65  
ASP CG  OD1  doub N N 66  
ASP CG  OD2  sing N N 67  
ASP OD2 HD2  sing N N 68  
ASP OXT HXT  sing N N 69  
CYS N   CA   sing N N 70  
CYS N   H    sing N N 71  
CYS N   H2   sing N N 72  
CYS CA  C    sing N N 73  
CYS CA  CB   sing N N 74  
CYS CA  HA   sing N N 75  
CYS C   O    doub N N 76  
CYS C   OXT  sing N N 77  
CYS CB  SG   sing N N 78  
CYS CB  HB2  sing N N 79  
CYS CB  HB3  sing N N 80  
CYS SG  HG   sing N N 81  
CYS OXT HXT  sing N N 82  
GLN N   CA   sing N N 83  
GLN N   H    sing N N 84  
GLN N   H2   sing N N 85  
GLN CA  C    sing N N 86  
GLN CA  CB   sing N N 87  
GLN CA  HA   sing N N 88  
GLN C   O    doub N N 89  
GLN C   OXT  sing N N 90  
GLN CB  CG   sing N N 91  
GLN CB  HB2  sing N N 92  
GLN CB  HB3  sing N N 93  
GLN CG  CD   sing N N 94  
GLN CG  HG2  sing N N 95  
GLN CG  HG3  sing N N 96  
GLN CD  OE1  doub N N 97  
GLN CD  NE2  sing N N 98  
GLN NE2 HE21 sing N N 99  
GLN NE2 HE22 sing N N 100 
GLN OXT HXT  sing N N 101 
GLU N   CA   sing N N 102 
GLU N   H    sing N N 103 
GLU N   H2   sing N N 104 
GLU CA  C    sing N N 105 
GLU CA  CB   sing N N 106 
GLU CA  HA   sing N N 107 
GLU C   O    doub N N 108 
GLU C   OXT  sing N N 109 
GLU CB  CG   sing N N 110 
GLU CB  HB2  sing N N 111 
GLU CB  HB3  sing N N 112 
GLU CG  CD   sing N N 113 
GLU CG  HG2  sing N N 114 
GLU CG  HG3  sing N N 115 
GLU CD  OE1  doub N N 116 
GLU CD  OE2  sing N N 117 
GLU OE2 HE2  sing N N 118 
GLU OXT HXT  sing N N 119 
GLY N   CA   sing N N 120 
GLY N   H    sing N N 121 
GLY N   H2   sing N N 122 
GLY CA  C    sing N N 123 
GLY CA  HA2  sing N N 124 
GLY CA  HA3  sing N N 125 
GLY C   O    doub N N 126 
GLY C   OXT  sing N N 127 
GLY OXT HXT  sing N N 128 
HIS N   CA   sing N N 129 
HIS N   H    sing N N 130 
HIS N   H2   sing N N 131 
HIS CA  C    sing N N 132 
HIS CA  CB   sing N N 133 
HIS CA  HA   sing N N 134 
HIS C   O    doub N N 135 
HIS C   OXT  sing N N 136 
HIS CB  CG   sing N N 137 
HIS CB  HB2  sing N N 138 
HIS CB  HB3  sing N N 139 
HIS CG  ND1  sing Y N 140 
HIS CG  CD2  doub Y N 141 
HIS ND1 CE1  doub Y N 142 
HIS ND1 HD1  sing N N 143 
HIS CD2 NE2  sing Y N 144 
HIS CD2 HD2  sing N N 145 
HIS CE1 NE2  sing Y N 146 
HIS CE1 HE1  sing N N 147 
HIS NE2 HE2  sing N N 148 
HIS OXT HXT  sing N N 149 
HOH O   H1   sing N N 150 
HOH O   H2   sing N N 151 
ILE N   CA   sing N N 152 
ILE N   H    sing N N 153 
ILE N   H2   sing N N 154 
ILE CA  C    sing N N 155 
ILE CA  CB   sing N N 156 
ILE CA  HA   sing N N 157 
ILE C   O    doub N N 158 
ILE C   OXT  sing N N 159 
ILE CB  CG1  sing N N 160 
ILE CB  CG2  sing N N 161 
ILE CB  HB   sing N N 162 
ILE CG1 CD1  sing N N 163 
ILE CG1 HG12 sing N N 164 
ILE CG1 HG13 sing N N 165 
ILE CG2 HG21 sing N N 166 
ILE CG2 HG22 sing N N 167 
ILE CG2 HG23 sing N N 168 
ILE CD1 HD11 sing N N 169 
ILE CD1 HD12 sing N N 170 
ILE CD1 HD13 sing N N 171 
ILE OXT HXT  sing N N 172 
LEU N   CA   sing N N 173 
LEU N   H    sing N N 174 
LEU N   H2   sing N N 175 
LEU CA  C    sing N N 176 
LEU CA  CB   sing N N 177 
LEU CA  HA   sing N N 178 
LEU C   O    doub N N 179 
LEU C   OXT  sing N N 180 
LEU CB  CG   sing N N 181 
LEU CB  HB2  sing N N 182 
LEU CB  HB3  sing N N 183 
LEU CG  CD1  sing N N 184 
LEU CG  CD2  sing N N 185 
LEU CG  HG   sing N N 186 
LEU CD1 HD11 sing N N 187 
LEU CD1 HD12 sing N N 188 
LEU CD1 HD13 sing N N 189 
LEU CD2 HD21 sing N N 190 
LEU CD2 HD22 sing N N 191 
LEU CD2 HD23 sing N N 192 
LEU OXT HXT  sing N N 193 
LYS N   CA   sing N N 194 
LYS N   H    sing N N 195 
LYS N   H2   sing N N 196 
LYS CA  C    sing N N 197 
LYS CA  CB   sing N N 198 
LYS CA  HA   sing N N 199 
LYS C   O    doub N N 200 
LYS C   OXT  sing N N 201 
LYS CB  CG   sing N N 202 
LYS CB  HB2  sing N N 203 
LYS CB  HB3  sing N N 204 
LYS CG  CD   sing N N 205 
LYS CG  HG2  sing N N 206 
LYS CG  HG3  sing N N 207 
LYS CD  CE   sing N N 208 
LYS CD  HD2  sing N N 209 
LYS CD  HD3  sing N N 210 
LYS CE  NZ   sing N N 211 
LYS CE  HE2  sing N N 212 
LYS CE  HE3  sing N N 213 
LYS NZ  HZ1  sing N N 214 
LYS NZ  HZ2  sing N N 215 
LYS NZ  HZ3  sing N N 216 
LYS OXT HXT  sing N N 217 
MET N   CA   sing N N 218 
MET N   H    sing N N 219 
MET N   H2   sing N N 220 
MET CA  C    sing N N 221 
MET CA  CB   sing N N 222 
MET CA  HA   sing N N 223 
MET C   O    doub N N 224 
MET C   OXT  sing N N 225 
MET CB  CG   sing N N 226 
MET CB  HB2  sing N N 227 
MET CB  HB3  sing N N 228 
MET CG  SD   sing N N 229 
MET CG  HG2  sing N N 230 
MET CG  HG3  sing N N 231 
MET SD  CE   sing N N 232 
MET CE  HE1  sing N N 233 
MET CE  HE2  sing N N 234 
MET CE  HE3  sing N N 235 
MET OXT HXT  sing N N 236 
PHE N   CA   sing N N 237 
PHE N   H    sing N N 238 
PHE N   H2   sing N N 239 
PHE CA  C    sing N N 240 
PHE CA  CB   sing N N 241 
PHE CA  HA   sing N N 242 
PHE C   O    doub N N 243 
PHE C   OXT  sing N N 244 
PHE CB  CG   sing N N 245 
PHE CB  HB2  sing N N 246 
PHE CB  HB3  sing N N 247 
PHE CG  CD1  doub Y N 248 
PHE CG  CD2  sing Y N 249 
PHE CD1 CE1  sing Y N 250 
PHE CD1 HD1  sing N N 251 
PHE CD2 CE2  doub Y N 252 
PHE CD2 HD2  sing N N 253 
PHE CE1 CZ   doub Y N 254 
PHE CE1 HE1  sing N N 255 
PHE CE2 CZ   sing Y N 256 
PHE CE2 HE2  sing N N 257 
PHE CZ  HZ   sing N N 258 
PHE OXT HXT  sing N N 259 
PRO N   CA   sing N N 260 
PRO N   CD   sing N N 261 
PRO N   H    sing N N 262 
PRO CA  C    sing N N 263 
PRO CA  CB   sing N N 264 
PRO CA  HA   sing N N 265 
PRO C   O    doub N N 266 
PRO C   OXT  sing N N 267 
PRO CB  CG   sing N N 268 
PRO CB  HB2  sing N N 269 
PRO CB  HB3  sing N N 270 
PRO CG  CD   sing N N 271 
PRO CG  HG2  sing N N 272 
PRO CG  HG3  sing N N 273 
PRO CD  HD2  sing N N 274 
PRO CD  HD3  sing N N 275 
PRO OXT HXT  sing N N 276 
SER N   CA   sing N N 277 
SER N   H    sing N N 278 
SER N   H2   sing N N 279 
SER CA  C    sing N N 280 
SER CA  CB   sing N N 281 
SER CA  HA   sing N N 282 
SER C   O    doub N N 283 
SER C   OXT  sing N N 284 
SER CB  OG   sing N N 285 
SER CB  HB2  sing N N 286 
SER CB  HB3  sing N N 287 
SER OG  HG   sing N N 288 
SER OXT HXT  sing N N 289 
THR N   CA   sing N N 290 
THR N   H    sing N N 291 
THR N   H2   sing N N 292 
THR CA  C    sing N N 293 
THR CA  CB   sing N N 294 
THR CA  HA   sing N N 295 
THR C   O    doub N N 296 
THR C   OXT  sing N N 297 
THR CB  OG1  sing N N 298 
THR CB  CG2  sing N N 299 
THR CB  HB   sing N N 300 
THR OG1 HG1  sing N N 301 
THR CG2 HG21 sing N N 302 
THR CG2 HG22 sing N N 303 
THR CG2 HG23 sing N N 304 
THR OXT HXT  sing N N 305 
TRP N   CA   sing N N 306 
TRP N   H    sing N N 307 
TRP N   H2   sing N N 308 
TRP CA  C    sing N N 309 
TRP CA  CB   sing N N 310 
TRP CA  HA   sing N N 311 
TRP C   O    doub N N 312 
TRP C   OXT  sing N N 313 
TRP CB  CG   sing N N 314 
TRP CB  HB2  sing N N 315 
TRP CB  HB3  sing N N 316 
TRP CG  CD1  doub Y N 317 
TRP CG  CD2  sing Y N 318 
TRP CD1 NE1  sing Y N 319 
TRP CD1 HD1  sing N N 320 
TRP CD2 CE2  doub Y N 321 
TRP CD2 CE3  sing Y N 322 
TRP NE1 CE2  sing Y N 323 
TRP NE1 HE1  sing N N 324 
TRP CE2 CZ2  sing Y N 325 
TRP CE3 CZ3  doub Y N 326 
TRP CE3 HE3  sing N N 327 
TRP CZ2 CH2  doub Y N 328 
TRP CZ2 HZ2  sing N N 329 
TRP CZ3 CH2  sing Y N 330 
TRP CZ3 HZ3  sing N N 331 
TRP CH2 HH2  sing N N 332 
TRP OXT HXT  sing N N 333 
TYR N   CA   sing N N 334 
TYR N   H    sing N N 335 
TYR N   H2   sing N N 336 
TYR CA  C    sing N N 337 
TYR CA  CB   sing N N 338 
TYR CA  HA   sing N N 339 
TYR C   O    doub N N 340 
TYR C   OXT  sing N N 341 
TYR CB  CG   sing N N 342 
TYR CB  HB2  sing N N 343 
TYR CB  HB3  sing N N 344 
TYR CG  CD1  doub Y N 345 
TYR CG  CD2  sing Y N 346 
TYR CD1 CE1  sing Y N 347 
TYR CD1 HD1  sing N N 348 
TYR CD2 CE2  doub Y N 349 
TYR CD2 HD2  sing N N 350 
TYR CE1 CZ   doub Y N 351 
TYR CE1 HE1  sing N N 352 
TYR CE2 CZ   sing Y N 353 
TYR CE2 HE2  sing N N 354 
TYR CZ  OH   sing N N 355 
TYR OH  HH   sing N N 356 
TYR OXT HXT  sing N N 357 
VAL N   CA   sing N N 358 
VAL N   H    sing N N 359 
VAL N   H2   sing N N 360 
VAL CA  C    sing N N 361 
VAL CA  CB   sing N N 362 
VAL CA  HA   sing N N 363 
VAL C   O    doub N N 364 
VAL C   OXT  sing N N 365 
VAL CB  CG1  sing N N 366 
VAL CB  CG2  sing N N 367 
VAL CB  HB   sing N N 368 
VAL CG1 HG11 sing N N 369 
VAL CG1 HG12 sing N N 370 
VAL CG1 HG13 sing N N 371 
VAL CG2 HG21 sing N N 372 
VAL CG2 HG22 sing N N 373 
VAL CG2 HG23 sing N N 374 
VAL OXT HXT  sing N N 375 
# 
_atom_sites.entry_id                    1GD6 
_atom_sites.fract_transf_matrix[1][1]   -0.01096896 
_atom_sites.fract_transf_matrix[1][2]   -0.00680079 
_atom_sites.fract_transf_matrix[1][3]   0.00096259 
_atom_sites.fract_transf_matrix[2][1]   0.00684822 
_atom_sites.fract_transf_matrix[2][2]   -0.01096805 
_atom_sites.fract_transf_matrix[2][3]   0.00054695 
_atom_sites.fract_transf_matrix[3][1]   0.00055984 
_atom_sites.fract_transf_matrix[3][2]   0.00103088 
_atom_sites.fract_transf_matrix[3][3]   0.01366273 
_atom_sites.fract_transf_vector[1]      0.969330 
_atom_sites.fract_transf_vector[2]      0.308133 
_atom_sites.fract_transf_vector[3]      0.431946 
# 
loop_
_atom_type.symbol 
C 
N 
O 
S 
# 
loop_
_atom_site.group_PDB 
_atom_site.id 
_atom_site.type_symbol 
_atom_site.label_atom_id 
_atom_site.label_alt_id 
_atom_site.label_comp_id 
_atom_site.label_asym_id 
_atom_site.label_entity_id 
_atom_site.label_seq_id 
_atom_site.pdbx_PDB_ins_code 
_atom_site.Cartn_x 
_atom_site.Cartn_y 
_atom_site.Cartn_z 
_atom_site.occupancy 
_atom_site.B_iso_or_equiv 
_atom_site.pdbx_formal_charge 
_atom_site.auth_seq_id 
_atom_site.auth_comp_id 
_atom_site.auth_asym_id 
_atom_site.auth_atom_id 
_atom_site.pdbx_PDB_model_num 
ATOM   1    N N   . LYS A 1 1   ? -2.087  4.883   12.408  1.00 37.46 ? 1   LYS A N   1 
ATOM   2    C CA  . LYS A 1 1   ? -3.567  4.904   12.218  1.00 36.07 ? 1   LYS A CA  1 
ATOM   3    C C   . LYS A 1 1   ? -4.090  3.638   11.537  1.00 36.89 ? 1   LYS A C   1 
ATOM   4    O O   . LYS A 1 1   ? -3.535  3.197   10.525  1.00 37.98 ? 1   LYS A O   1 
ATOM   5    C CB  . LYS A 1 1   ? -3.967  6.110   11.381  1.00 35.98 ? 1   LYS A CB  1 
ATOM   6    C CG  . LYS A 1 1   ? -5.446  6.170   11.098  1.00 36.00 ? 1   LYS A CG  1 
ATOM   7    C CD  . LYS A 1 1   ? -5.798  7.329   10.207  1.00 37.53 ? 1   LYS A CD  1 
ATOM   8    C CE  . LYS A 1 1   ? -7.309  7.393   9.989   1.00 40.81 ? 1   LYS A CE  1 
ATOM   9    N NZ  . LYS A 1 1   ? -7.708  8.523   9.089   1.00 43.07 ? 1   LYS A NZ  1 
ATOM   10   N N   . THR A 1 2   ? -5.155  3.054   12.086  1.00 35.60 ? 2   THR A N   1 
ATOM   11   C CA  . THR A 1 2   ? -5.746  1.854   11.503  1.00 34.19 ? 2   THR A CA  1 
ATOM   12   C C   . THR A 1 2   ? -7.143  2.157   11.001  1.00 34.19 ? 2   THR A C   1 
ATOM   13   O O   . THR A 1 2   ? -7.991  2.591   11.763  1.00 37.10 ? 2   THR A O   1 
ATOM   14   C CB  . THR A 1 2   ? -5.845  0.733   12.518  1.00 34.93 ? 2   THR A CB  1 
ATOM   15   O OG1 . THR A 1 2   ? -4.529  0.334   12.915  1.00 36.48 ? 2   THR A OG1 1 
ATOM   16   C CG2 . THR A 1 2   ? -6.556  -0.460  11.917  1.00 37.43 ? 2   THR A CG2 1 
ATOM   17   N N   . PHE A 1 3   ? -7.382  1.927   9.715   1.00 32.26 ? 3   PHE A N   1 
ATOM   18   C CA  . PHE A 1 3   ? -8.683  2.183   9.109   1.00 29.09 ? 3   PHE A CA  1 
ATOM   19   C C   . PHE A 1 3   ? -9.650  1.017   9.264   1.00 29.48 ? 3   PHE A C   1 
ATOM   20   O O   . PHE A 1 3   ? -9.236  -0.142  9.400   1.00 29.20 ? 3   PHE A O   1 
ATOM   21   C CB  . PHE A 1 3   ? -8.529  2.417   7.608   1.00 27.63 ? 3   PHE A CB  1 
ATOM   22   C CG  . PHE A 1 3   ? -7.774  3.652   7.250   1.00 26.48 ? 3   PHE A CG  1 
ATOM   23   C CD1 . PHE A 1 3   ? -8.426  4.866   7.138   1.00 26.34 ? 3   PHE A CD1 1 
ATOM   24   C CD2 . PHE A 1 3   ? -6.407  3.594   6.981   1.00 26.19 ? 3   PHE A CD2 1 
ATOM   25   C CE1 . PHE A 1 3   ? -7.729  6.012   6.756   1.00 26.67 ? 3   PHE A CE1 1 
ATOM   26   C CE2 . PHE A 1 3   ? -5.704  4.725   6.603   1.00 25.77 ? 3   PHE A CE2 1 
ATOM   27   C CZ  . PHE A 1 3   ? -6.363  5.940   6.487   1.00 25.29 ? 3   PHE A CZ  1 
ATOM   28   N N   . THR A 1 4   ? -10.943 1.326   9.248   1.00 27.97 ? 4   THR A N   1 
ATOM   29   C CA  . THR A 1 4   ? -11.947 0.280   9.272   1.00 28.49 ? 4   THR A CA  1 
ATOM   30   C C   . THR A 1 4   ? -12.041 -0.034  7.767   1.00 28.69 ? 4   THR A C   1 
ATOM   31   O O   . THR A 1 4   ? -11.533 0.742   6.943   1.00 28.11 ? 4   THR A O   1 
ATOM   32   C CB  . THR A 1 4   ? -13.279 0.797   9.758   1.00 28.93 ? 4   THR A CB  1 
ATOM   33   O OG1 . THR A 1 4   ? -13.623 1.970   9.012   1.00 31.61 ? 4   THR A OG1 1 
ATOM   34   C CG2 . THR A 1 4   ? -13.217 1.114   11.230  1.00 27.66 ? 4   THR A CG2 1 
ATOM   35   N N   . ARG A 1 5   ? -12.661 -1.146  7.385   1.00 27.43 ? 5   ARG A N   1 
ATOM   36   C CA  . ARG A 1 5   ? -12.726 -1.460  5.956   1.00 26.45 ? 5   ARG A CA  1 
ATOM   37   C C   . ARG A 1 5   ? -13.287 -0.317  5.117   1.00 26.24 ? 5   ARG A C   1 
ATOM   38   O O   . ARG A 1 5   ? -12.709 0.053   4.107   1.00 26.25 ? 5   ARG A O   1 
ATOM   39   C CB  . ARG A 1 5   ? -13.539 -2.726  5.697   1.00 24.49 ? 5   ARG A CB  1 
ATOM   40   C CG  . ARG A 1 5   ? -13.835 -2.910  4.212   1.00 26.77 ? 5   ARG A CG  1 
ATOM   41   C CD  . ARG A 1 5   ? -14.505 -4.226  3.931   1.00 23.74 ? 5   ARG A CD  1 
ATOM   42   N NE  . ARG A 1 5   ? -13.575 -5.314  4.187   1.00 23.57 ? 5   ARG A NE  1 
ATOM   43   C CZ  . ARG A 1 5   ? -13.907 -6.597  4.160   1.00 23.50 ? 5   ARG A CZ  1 
ATOM   44   N NH1 . ARG A 1 5   ? -15.162 -6.939  3.897   1.00 23.55 ? 5   ARG A NH1 1 
ATOM   45   N NH2 . ARG A 1 5   ? -12.982 -7.529  4.367   1.00 22.14 ? 5   ARG A NH2 1 
ATOM   46   N N   . CYS A 1 6   ? -14.408 0.254   5.535   1.00 27.89 ? 6   CYS A N   1 
ATOM   47   C CA  . CYS A 1 6   ? -14.993 1.346   4.770   1.00 28.58 ? 6   CYS A CA  1 
ATOM   48   C C   . CYS A 1 6   ? -14.250 2.661   4.941   1.00 28.59 ? 6   CYS A C   1 
ATOM   49   O O   . CYS A 1 6   ? -14.310 3.519   4.066   1.00 29.11 ? 6   CYS A O   1 
ATOM   50   C CB  . CYS A 1 6   ? -16.462 1.531   5.126   1.00 28.66 ? 6   CYS A CB  1 
ATOM   51   S SG  . CYS A 1 6   ? -17.545 0.188   4.557   1.00 27.68 ? 6   CYS A SG  1 
ATOM   52   N N   . GLY A 1 7   ? -13.567 2.835   6.065   1.00 27.36 ? 7   GLY A N   1 
ATOM   53   C CA  . GLY A 1 7   ? -12.800 4.054   6.235   1.00 26.92 ? 7   GLY A CA  1 
ATOM   54   C C   . GLY A 1 7   ? -11.703 4.047   5.185   1.00 27.35 ? 7   GLY A C   1 
ATOM   55   O O   . GLY A 1 7   ? -11.408 5.052   4.557   1.00 29.01 ? 7   GLY A O   1 
ATOM   56   N N   . LEU A 1 8   ? -11.092 2.887   4.994   1.00 27.94 ? 8   LEU A N   1 
ATOM   57   C CA  . LEU A 1 8   ? -10.038 2.721   4.012   1.00 28.03 ? 8   LEU A CA  1 
ATOM   58   C C   . LEU A 1 8   ? -10.562 3.030   2.610   1.00 28.36 ? 8   LEU A C   1 
ATOM   59   O O   . LEU A 1 8   ? -9.940  3.772   1.856   1.00 28.95 ? 8   LEU A O   1 
ATOM   60   C CB  . LEU A 1 8   ? -9.507  1.281   4.057   1.00 26.55 ? 8   LEU A CB  1 
ATOM   61   C CG  . LEU A 1 8   ? -8.478  0.961   2.976   1.00 25.95 ? 8   LEU A CG  1 
ATOM   62   C CD1 . LEU A 1 8   ? -7.231  1.804   3.189   1.00 23.45 ? 8   LEU A CD1 1 
ATOM   63   C CD2 . LEU A 1 8   ? -8.152  -0.503  3.003   1.00 25.42 ? 8   LEU A CD2 1 
ATOM   64   N N   . VAL A 1 9   ? -11.701 2.437   2.266   1.00 29.70 ? 9   VAL A N   1 
ATOM   65   C CA  . VAL A 1 9   ? -12.334 2.632   0.963   1.00 31.65 ? 9   VAL A CA  1 
ATOM   66   C C   . VAL A 1 9   ? -12.621 4.114   0.722   1.00 35.22 ? 9   VAL A C   1 
ATOM   67   O O   . VAL A 1 9   ? -12.497 4.619   -0.387  1.00 35.41 ? 9   VAL A O   1 
ATOM   68   C CB  . VAL A 1 9   ? -13.650 1.847   0.890   1.00 29.83 ? 9   VAL A CB  1 
ATOM   69   C CG1 . VAL A 1 9   ? -14.454 2.271   -0.331  1.00 27.48 ? 9   VAL A CG1 1 
ATOM   70   C CG2 . VAL A 1 9   ? -13.354 0.361   0.861   1.00 26.65 ? 9   VAL A CG2 1 
ATOM   71   N N   . HIS A 1 10  ? -13.008 4.807   1.779   1.00 38.78 ? 10  HIS A N   1 
ATOM   72   C CA  . HIS A 1 10  ? -13.297 6.222   1.702   1.00 42.14 ? 10  HIS A CA  1 
ATOM   73   C C   . HIS A 1 10  ? -12.016 6.970   1.364   1.00 42.67 ? 10  HIS A C   1 
ATOM   74   O O   . HIS A 1 10  ? -12.002 7.774   0.442   1.00 43.95 ? 10  HIS A O   1 
ATOM   75   C CB  . HIS A 1 10  ? -13.872 6.678   3.040   1.00 47.31 ? 10  HIS A CB  1 
ATOM   76   C CG  . HIS A 1 10  ? -14.218 8.129   3.098   1.00 54.15 ? 10  HIS A CG  1 
ATOM   77   N ND1 . HIS A 1 10  ? -13.264 9.126   3.060   1.00 57.66 ? 10  HIS A ND1 1 
ATOM   78   C CD2 . HIS A 1 10  ? -15.412 8.754   3.230   1.00 57.31 ? 10  HIS A CD2 1 
ATOM   79   C CE1 . HIS A 1 10  ? -13.856 10.303  3.168   1.00 58.22 ? 10  HIS A CE1 1 
ATOM   80   N NE2 . HIS A 1 10  ? -15.159 10.105  3.273   1.00 58.83 ? 10  HIS A NE2 1 
ATOM   81   N N   . GLU A 1 11  ? -10.936 6.703   2.093   1.00 42.73 ? 11  GLU A N   1 
ATOM   82   C CA  . GLU A 1 11  ? -9.652  7.363   1.818   1.00 42.56 ? 11  GLU A CA  1 
ATOM   83   C C   . GLU A 1 11  ? -9.161  7.057   0.421   1.00 41.30 ? 11  GLU A C   1 
ATOM   84   O O   . GLU A 1 11  ? -8.691  7.945   -0.267  1.00 43.09 ? 11  GLU A O   1 
ATOM   85   C CB  . GLU A 1 11  ? -8.551  6.923   2.794   1.00 44.09 ? 11  GLU A CB  1 
ATOM   86   C CG  . GLU A 1 11  ? -8.501  7.662   4.109   1.00 45.53 ? 11  GLU A CG  1 
ATOM   87   C CD  . GLU A 1 11  ? -8.277  9.142   3.940   1.00 45.72 ? 11  GLU A CD  1 
ATOM   88   O OE1 . GLU A 1 11  ? -7.221  9.541   3.412   1.00 47.01 ? 11  GLU A OE1 1 
ATOM   89   O OE2 . GLU A 1 11  ? -9.171  9.911   4.339   1.00 49.41 ? 11  GLU A OE2 1 
ATOM   90   N N   . LEU A 1 12  ? -9.245  5.799   0.011   1.00 39.95 ? 12  LEU A N   1 
ATOM   91   C CA  . LEU A 1 12  ? -8.787  5.409   -1.318  1.00 39.01 ? 12  LEU A CA  1 
ATOM   92   C C   . LEU A 1 12  ? -9.514  6.154   -2.433  1.00 39.38 ? 12  LEU A C   1 
ATOM   93   O O   . LEU A 1 12  ? -8.892  6.565   -3.402  1.00 39.87 ? 12  LEU A O   1 
ATOM   94   C CB  . LEU A 1 12  ? -8.920  3.896   -1.488  1.00 37.42 ? 12  LEU A CB  1 
ATOM   95   C CG  . LEU A 1 12  ? -7.622  3.091   -1.347  1.00 37.16 ? 12  LEU A CG  1 
ATOM   96   C CD1 . LEU A 1 12  ? -6.622  3.801   -0.438  1.00 35.87 ? 12  LEU A CD1 1 
ATOM   97   C CD2 . LEU A 1 12  ? -7.958  1.707   -0.842  1.00 35.48 ? 12  LEU A CD2 1 
ATOM   98   N N   . ARG A 1 13  ? -10.825 6.338   -2.299  1.00 39.63 ? 13  ARG A N   1 
ATOM   99   C CA  . ARG A 1 13  ? -11.593 7.078   -3.302  1.00 39.93 ? 13  ARG A CA  1 
ATOM   100  C C   . ARG A 1 13  ? -11.110 8.525   -3.343  1.00 41.03 ? 13  ARG A C   1 
ATOM   101  O O   . ARG A 1 13  ? -10.943 9.132   -4.406  1.00 40.53 ? 13  ARG A O   1 
ATOM   102  C CB  . ARG A 1 13  ? -13.082 7.064   -2.950  1.00 39.13 ? 13  ARG A CB  1 
ATOM   103  C CG  . ARG A 1 13  ? -13.734 5.740   -3.231  1.00 37.69 ? 13  ARG A CG  1 
ATOM   104  C CD  . ARG A 1 13  ? -15.182 5.683   -2.817  1.00 36.06 ? 13  ARG A CD  1 
ATOM   105  N NE  . ARG A 1 13  ? -15.726 4.409   -3.259  1.00 37.66 ? 13  ARG A NE  1 
ATOM   106  C CZ  . ARG A 1 13  ? -16.754 3.787   -2.702  1.00 37.86 ? 13  ARG A CZ  1 
ATOM   107  N NH1 . ARG A 1 13  ? -17.375 4.324   -1.659  1.00 38.97 ? 13  ARG A NH1 1 
ATOM   108  N NH2 . ARG A 1 13  ? -17.145 2.609   -3.182  1.00 37.11 ? 13  ARG A NH2 1 
ATOM   109  N N   . LYS A 1 14  ? -10.890 9.070   -2.157  1.00 40.86 ? 14  LYS A N   1 
ATOM   110  C CA  . LYS A 1 14  ? -10.441 10.435  -2.013  1.00 42.04 ? 14  LYS A CA  1 
ATOM   111  C C   . LYS A 1 14  ? -9.106  10.651  -2.725  1.00 42.21 ? 14  LYS A C   1 
ATOM   112  O O   . LYS A 1 14  ? -8.765  11.776  -3.074  1.00 43.56 ? 14  LYS A O   1 
ATOM   113  C CB  . LYS A 1 14  ? -10.314 10.751  -0.521  1.00 45.14 ? 14  LYS A CB  1 
ATOM   114  C CG  . LYS A 1 14  ? -10.371 12.213  -0.154  1.00 48.07 ? 14  LYS A CG  1 
ATOM   115  C CD  . LYS A 1 14  ? -10.288 12.398  1.363   1.00 51.36 ? 14  LYS A CD  1 
ATOM   116  C CE  . LYS A 1 14  ? -8.864  12.146  1.870   1.00 53.47 ? 14  LYS A CE  1 
ATOM   117  N NZ  . LYS A 1 14  ? -8.707  12.394  3.336   1.00 53.51 ? 14  LYS A NZ  1 
ATOM   118  N N   . HIS A 1 15  ? -8.344  9.583   -2.949  1.00 41.27 ? 15  HIS A N   1 
ATOM   119  C CA  . HIS A 1 15  ? -7.050  9.725   -3.607  1.00 38.88 ? 15  HIS A CA  1 
ATOM   120  C C   . HIS A 1 15  ? -7.054  9.219   -5.019  1.00 38.92 ? 15  HIS A C   1 
ATOM   121  O O   . HIS A 1 15  ? -6.007  8.893   -5.581  1.00 38.03 ? 15  HIS A O   1 
ATOM   122  C CB  . HIS A 1 15  ? -5.967  9.033   -2.798  1.00 37.15 ? 15  HIS A CB  1 
ATOM   123  C CG  . HIS A 1 15  ? -5.621  9.765   -1.544  1.00 37.85 ? 15  HIS A CG  1 
ATOM   124  N ND1 . HIS A 1 15  ? -4.757  10.838  -1.529  1.00 38.13 ? 15  HIS A ND1 1 
ATOM   125  C CD2 . HIS A 1 15  ? -6.092  9.642   -0.280  1.00 38.15 ? 15  HIS A CD2 1 
ATOM   126  C CE1 . HIS A 1 15  ? -4.715  11.348  -0.310  1.00 37.14 ? 15  HIS A CE1 1 
ATOM   127  N NE2 . HIS A 1 15  ? -5.518  10.642  0.467   1.00 37.75 ? 15  HIS A NE2 1 
ATOM   128  N N   . GLY A 1 16  ? -8.251  9.144   -5.586  1.00 39.12 ? 16  GLY A N   1 
ATOM   129  C CA  . GLY A 1 16  ? -8.395  8.719   -6.961  1.00 39.72 ? 16  GLY A CA  1 
ATOM   130  C C   . GLY A 1 16  ? -8.181  7.276   -7.358  1.00 41.13 ? 16  GLY A C   1 
ATOM   131  O O   . GLY A 1 16  ? -7.905  7.024   -8.525  1.00 43.15 ? 16  GLY A O   1 
ATOM   132  N N   . PHE A 1 17  ? -8.291  6.319   -6.445  1.00 41.53 ? 17  PHE A N   1 
ATOM   133  C CA  . PHE A 1 17  ? -8.120  4.928   -6.857  1.00 42.35 ? 17  PHE A CA  1 
ATOM   134  C C   . PHE A 1 17  ? -9.350  4.501   -7.662  1.00 44.28 ? 17  PHE A C   1 
ATOM   135  O O   . PHE A 1 17  ? -10.483 4.846   -7.321  1.00 45.07 ? 17  PHE A O   1 
ATOM   136  C CB  . PHE A 1 17  ? -7.896  4.013   -5.645  1.00 41.04 ? 17  PHE A CB  1 
ATOM   137  C CG  . PHE A 1 17  ? -6.500  4.106   -5.073  1.00 40.62 ? 17  PHE A CG  1 
ATOM   138  C CD1 . PHE A 1 17  ? -6.043  5.288   -4.501  1.00 39.47 ? 17  PHE A CD1 1 
ATOM   139  C CD2 . PHE A 1 17  ? -5.622  3.033   -5.167  1.00 39.50 ? 17  PHE A CD2 1 
ATOM   140  C CE1 . PHE A 1 17  ? -4.746  5.399   -4.045  1.00 38.66 ? 17  PHE A CE1 1 
ATOM   141  C CE2 . PHE A 1 17  ? -4.320  3.141   -4.711  1.00 38.08 ? 17  PHE A CE2 1 
ATOM   142  C CZ  . PHE A 1 17  ? -3.885  4.324   -4.152  1.00 38.31 ? 17  PHE A CZ  1 
ATOM   143  N N   . GLU A 1 18  ? -9.108  3.778   -8.750  1.00 46.58 ? 18  GLU A N   1 
ATOM   144  C CA  . GLU A 1 18  ? -10.162 3.317   -9.646  1.00 48.41 ? 18  GLU A CA  1 
ATOM   145  C C   . GLU A 1 18  ? -11.235 2.553   -8.903  1.00 47.41 ? 18  GLU A C   1 
ATOM   146  O O   . GLU A 1 18  ? -10.963 1.553   -8.254  1.00 47.65 ? 18  GLU A O   1 
ATOM   147  C CB  . GLU A 1 18  ? -9.565  2.420   -10.732 1.00 53.19 ? 18  GLU A CB  1 
ATOM   148  C CG  . GLU A 1 18  ? -8.502  3.092   -11.584 1.00 60.21 ? 18  GLU A CG  1 
ATOM   149  C CD  . GLU A 1 18  ? -9.093  4.134   -12.532 1.00 66.16 ? 18  GLU A CD  1 
ATOM   150  O OE1 . GLU A 1 18  ? -9.848  5.028   -12.054 1.00 68.39 ? 18  GLU A OE1 1 
ATOM   151  O OE2 . GLU A 1 18  ? -8.799  4.058   -13.754 1.00 67.82 ? 18  GLU A OE2 1 
ATOM   152  N N   . GLU A 1 19  ? -12.466 3.017   -9.023  1.00 46.41 ? 19  GLU A N   1 
ATOM   153  C CA  . GLU A 1 19  ? -13.585 2.379   -8.360  1.00 45.87 ? 19  GLU A CA  1 
ATOM   154  C C   . GLU A 1 19  ? -13.784 0.918   -8.742  1.00 45.93 ? 19  GLU A C   1 
ATOM   155  O O   . GLU A 1 19  ? -14.199 0.107   -7.921  1.00 45.54 ? 19  GLU A O   1 
ATOM   156  C CB  . GLU A 1 19  ? -14.857 3.157   -8.659  1.00 45.87 ? 19  GLU A CB  1 
ATOM   157  C CG  . GLU A 1 19  ? -16.079 2.592   -7.996  1.00 46.45 ? 19  GLU A CG  1 
ATOM   158  C CD  . GLU A 1 19  ? -15.907 2.460   -6.501  1.00 47.79 ? 19  GLU A CD  1 
ATOM   159  O OE1 . GLU A 1 19  ? -15.494 3.459   -5.867  1.00 48.18 ? 19  GLU A OE1 1 
ATOM   160  O OE2 . GLU A 1 19  ? -16.193 1.363   -5.968  1.00 47.25 ? 19  GLU A OE2 1 
ATOM   161  N N   . ASN A 1 20  ? -13.489 0.567   -9.986  1.00 46.72 ? 20  ASN A N   1 
ATOM   162  C CA  . ASN A 1 20  ? -13.693 -0.812  -10.412 1.00 47.40 ? 20  ASN A CA  1 
ATOM   163  C C   . ASN A 1 20  ? -12.551 -1.719  -9.965  1.00 45.49 ? 20  ASN A C   1 
ATOM   164  O O   . ASN A 1 20  ? -12.615 -2.934  -10.121 1.00 45.85 ? 20  ASN A O   1 
ATOM   165  C CB  . ASN A 1 20  ? -13.859 -0.866  -11.936 1.00 50.68 ? 20  ASN A CB  1 
ATOM   166  C CG  . ASN A 1 20  ? -12.572 -0.559  -12.664 1.00 54.68 ? 20  ASN A CG  1 
ATOM   167  O OD1 . ASN A 1 20  ? -11.756 -1.457  -12.909 1.00 57.04 ? 20  ASN A OD1 1 
ATOM   168  N ND2 . ASN A 1 20  ? -12.360 0.720   -12.994 1.00 55.96 ? 20  ASN A ND2 1 
ATOM   169  N N   . LEU A 1 21  ? -11.512 -1.121  -9.398  1.00 43.04 ? 21  LEU A N   1 
ATOM   170  C CA  . LEU A 1 21  ? -10.355 -1.873  -8.924  1.00 40.20 ? 21  LEU A CA  1 
ATOM   171  C C   . LEU A 1 21  ? -10.326 -1.883  -7.393  1.00 38.93 ? 21  LEU A C   1 
ATOM   172  O O   . LEU A 1 21  ? -9.441  -2.481  -6.780  1.00 38.26 ? 21  LEU A O   1 
ATOM   173  C CB  . LEU A 1 21  ? -9.089  -1.214  -9.455  1.00 39.77 ? 21  LEU A CB  1 
ATOM   174  C CG  . LEU A 1 21  ? -8.132  -2.078  -10.262 1.00 38.86 ? 21  LEU A CG  1 
ATOM   175  C CD1 . LEU A 1 21  ? -8.882  -3.094  -11.087 1.00 39.12 ? 21  LEU A CD1 1 
ATOM   176  C CD2 . LEU A 1 21  ? -7.312  -1.169  -11.139 1.00 38.98 ? 21  LEU A CD2 1 
ATOM   177  N N   . MET A 1 22  ? -11.318 -1.233  -6.794  1.00 36.43 ? 22  MET A N   1 
ATOM   178  C CA  . MET A 1 22  ? -11.416 -1.106  -5.355  1.00 35.96 ? 22  MET A CA  1 
ATOM   179  C C   . MET A 1 22  ? -11.393 -2.399  -4.528  1.00 36.52 ? 22  MET A C   1 
ATOM   180  O O   . MET A 1 22  ? -10.682 -2.461  -3.526  1.00 37.44 ? 22  MET A O   1 
ATOM   181  C CB  . MET A 1 22  ? -12.658 -0.285  -5.014  1.00 36.05 ? 22  MET A CB  1 
ATOM   182  C CG  . MET A 1 22  ? -12.645 0.323   -3.623  1.00 37.64 ? 22  MET A CG  1 
ATOM   183  S SD  . MET A 1 22  ? -11.201 1.380   -3.387  1.00 38.34 ? 22  MET A SD  1 
ATOM   184  C CE  . MET A 1 22  ? -11.720 2.830   -4.267  1.00 38.00 ? 22  MET A CE  1 
ATOM   185  N N   . ARG A 1 23  ? -12.149 -3.426  -4.919  1.00 35.99 ? 23  ARG A N   1 
ATOM   186  C CA  . ARG A 1 23  ? -12.164 -4.669  -4.141  1.00 35.68 ? 23  ARG A CA  1 
ATOM   187  C C   . ARG A 1 23  ? -10.760 -5.252  -4.047  1.00 34.46 ? 23  ARG A C   1 
ATOM   188  O O   . ARG A 1 23  ? -10.376 -5.803  -3.015  1.00 35.66 ? 23  ARG A O   1 
ATOM   189  C CB  . ARG A 1 23  ? -13.086 -5.717  -4.769  1.00 37.53 ? 23  ARG A CB  1 
ATOM   190  C CG  . ARG A 1 23  ? -14.436 -5.215  -5.227  1.00 40.11 ? 23  ARG A CG  1 
ATOM   191  C CD  . ARG A 1 23  ? -15.515 -5.467  -4.222  1.00 41.44 ? 23  ARG A CD  1 
ATOM   192  N NE  . ARG A 1 23  ? -15.814 -6.882  -3.988  1.00 44.36 ? 23  ARG A NE  1 
ATOM   193  C CZ  . ARG A 1 23  ? -16.190 -7.770  -4.914  1.00 45.96 ? 23  ARG A CZ  1 
ATOM   194  N NH1 . ARG A 1 23  ? -16.310 -7.422  -6.195  1.00 45.03 ? 23  ARG A NH1 1 
ATOM   195  N NH2 . ARG A 1 23  ? -16.498 -9.008  -4.543  1.00 44.16 ? 23  ARG A NH2 1 
ATOM   196  N N   . ASN A 1 24  ? -9.999  -5.147  -5.132  1.00 32.69 ? 24  ASN A N   1 
ATOM   197  C CA  . ASN A 1 24  ? -8.634  -5.659  -5.152  1.00 30.96 ? 24  ASN A CA  1 
ATOM   198  C C   . ASN A 1 24  ? -7.737  -4.883  -4.196  1.00 29.64 ? 24  ASN A C   1 
ATOM   199  O O   . ASN A 1 24  ? -7.002  -5.475  -3.406  1.00 31.12 ? 24  ASN A O   1 
ATOM   200  C CB  . ASN A 1 24  ? -8.062  -5.566  -6.559  1.00 31.83 ? 24  ASN A CB  1 
ATOM   201  C CG  . ASN A 1 24  ? -8.449  -6.748  -7.428  1.00 33.36 ? 24  ASN A CG  1 
ATOM   202  O OD1 . ASN A 1 24  ? -7.929  -7.855  -7.265  1.00 33.39 ? 24  ASN A OD1 1 
ATOM   203  N ND2 . ASN A 1 24  ? -9.367  -6.519  -8.355  1.00 33.85 ? 24  ASN A ND2 1 
ATOM   204  N N   . TRP A 1 25  ? -7.792  -3.560  -4.272  1.00 26.53 ? 25  TRP A N   1 
ATOM   205  C CA  . TRP A 1 25  ? -6.976  -2.729  -3.409  1.00 26.69 ? 25  TRP A CA  1 
ATOM   206  C C   . TRP A 1 25  ? -7.224  -3.000  -1.925  1.00 26.94 ? 25  TRP A C   1 
ATOM   207  O O   . TRP A 1 25  ? -6.280  -3.052  -1.124  1.00 25.70 ? 25  TRP A O   1 
ATOM   208  C CB  . TRP A 1 25  ? -7.220  -1.264  -3.718  1.00 25.62 ? 25  TRP A CB  1 
ATOM   209  C CG  . TRP A 1 25  ? -6.463  -0.799  -4.902  1.00 27.81 ? 25  TRP A CG  1 
ATOM   210  C CD1 . TRP A 1 25  ? -6.978  -0.367  -6.094  1.00 29.36 ? 25  TRP A CD1 1 
ATOM   211  C CD2 . TRP A 1 25  ? -5.047  -0.650  -5.002  1.00 28.05 ? 25  TRP A CD2 1 
ATOM   212  N NE1 . TRP A 1 25  ? -5.967  0.048   -6.922  1.00 29.03 ? 25  TRP A NE1 1 
ATOM   213  C CE2 . TRP A 1 25  ? -4.771  -0.114  -6.276  1.00 28.88 ? 25  TRP A CE2 1 
ATOM   214  C CE3 . TRP A 1 25  ? -3.980  -0.912  -4.134  1.00 29.37 ? 25  TRP A CE3 1 
ATOM   215  C CZ2 . TRP A 1 25  ? -3.475  0.168   -6.703  1.00 29.58 ? 25  TRP A CZ2 1 
ATOM   216  C CZ3 . TRP A 1 25  ? -2.690  -0.630  -4.556  1.00 29.25 ? 25  TRP A CZ3 1 
ATOM   217  C CH2 . TRP A 1 25  ? -2.450  -0.094  -5.832  1.00 30.81 ? 25  TRP A CH2 1 
ATOM   218  N N   . VAL A 1 26  ? -8.499  -3.167  -1.574  1.00 26.54 ? 26  VAL A N   1 
ATOM   219  C CA  . VAL A 1 26  ? -8.901  -3.450  -0.208  1.00 26.57 ? 26  VAL A CA  1 
ATOM   220  C C   . VAL A 1 26  ? -8.350  -4.815  0.199   1.00 27.86 ? 26  VAL A C   1 
ATOM   221  O O   . VAL A 1 26  ? -7.824  -4.999  1.312   1.00 27.68 ? 26  VAL A O   1 
ATOM   222  C CB  . VAL A 1 26  ? -10.436 -3.442  -0.082  1.00 25.74 ? 26  VAL A CB  1 
ATOM   223  C CG1 . VAL A 1 26  ? -10.866 -3.923  1.305   1.00 23.04 ? 26  VAL A CG1 1 
ATOM   224  C CG2 . VAL A 1 26  ? -10.937 -2.038  -0.323  1.00 24.12 ? 26  VAL A CG2 1 
ATOM   225  N N   . CYS A 1 27  ? -8.456  -5.772  -0.712  1.00 27.99 ? 27  CYS A N   1 
ATOM   226  C CA  . CYS A 1 27  ? -7.951  -7.100  -0.432  1.00 28.56 ? 27  CYS A CA  1 
ATOM   227  C C   . CYS A 1 27  ? -6.437  -7.016  -0.230  1.00 28.21 ? 27  CYS A C   1 
ATOM   228  O O   . CYS A 1 27  ? -5.901  -7.557  0.724   1.00 29.15 ? 27  CYS A O   1 
ATOM   229  C CB  . CYS A 1 27  ? -8.301  -8.047  -1.580  1.00 29.99 ? 27  CYS A CB  1 
ATOM   230  S SG  . CYS A 1 27  ? -7.856  -9.762  -1.206  1.00 32.76 ? 27  CYS A SG  1 
ATOM   231  N N   . LEU A 1 28  ? -5.753  -6.303  -1.116  1.00 29.12 ? 28  LEU A N   1 
ATOM   232  C CA  . LEU A 1 28  ? -4.303  -6.144  -1.017  1.00 27.04 ? 28  LEU A CA  1 
ATOM   233  C C   . LEU A 1 28  ? -3.888  -5.517  0.322   1.00 24.99 ? 28  LEU A C   1 
ATOM   234  O O   . LEU A 1 28  ? -3.077  -6.077  1.051   1.00 23.27 ? 28  LEU A O   1 
ATOM   235  C CB  . LEU A 1 28  ? -3.808  -5.294  -2.194  1.00 26.82 ? 28  LEU A CB  1 
ATOM   236  C CG  . LEU A 1 28  ? -2.306  -5.058  -2.419  1.00 27.71 ? 28  LEU A CG  1 
ATOM   237  C CD1 . LEU A 1 28  ? -2.067  -4.614  -3.879  1.00 28.07 ? 28  LEU A CD1 1 
ATOM   238  C CD2 . LEU A 1 28  ? -1.797  -3.981  -1.475  1.00 26.17 ? 28  LEU A CD2 1 
ATOM   239  N N   . VAL A 1 29  ? -4.439  -4.351  0.633   1.00 23.65 ? 29  VAL A N   1 
ATOM   240  C CA  . VAL A 1 29  ? -4.122  -3.666  1.877   1.00 23.05 ? 29  VAL A CA  1 
ATOM   241  C C   . VAL A 1 29  ? -4.439  -4.471  3.138   1.00 25.52 ? 29  VAL A C   1 
ATOM   242  O O   . VAL A 1 29  ? -3.620  -4.526  4.049   1.00 26.13 ? 29  VAL A O   1 
ATOM   243  C CB  . VAL A 1 29  ? -4.845  -2.314  1.962   1.00 22.42 ? 29  VAL A CB  1 
ATOM   244  C CG1 . VAL A 1 29  ? -4.729  -1.739  3.378   1.00 20.98 ? 29  VAL A CG1 1 
ATOM   245  C CG2 . VAL A 1 29  ? -4.254  -1.361  0.950   1.00 19.30 ? 29  VAL A CG2 1 
ATOM   246  N N   . GLU A 1 30  ? -5.615  -5.090  3.210   1.00 27.58 ? 30  GLU A N   1 
ATOM   247  C CA  . GLU A 1 30  ? -5.952  -5.874  4.400   1.00 28.79 ? 30  GLU A CA  1 
ATOM   248  C C   . GLU A 1 30  ? -5.005  -7.038  4.605   1.00 29.20 ? 30  GLU A C   1 
ATOM   249  O O   . GLU A 1 30  ? -4.749  -7.435  5.732   1.00 29.83 ? 30  GLU A O   1 
ATOM   250  C CB  . GLU A 1 30  ? -7.385  -6.389  4.323   1.00 29.98 ? 30  GLU A CB  1 
ATOM   251  C CG  . GLU A 1 30  ? -8.399  -5.269  4.338   1.00 31.37 ? 30  GLU A CG  1 
ATOM   252  C CD  . GLU A 1 30  ? -9.811  -5.764  4.478   1.00 32.02 ? 30  GLU A CD  1 
ATOM   253  O OE1 . GLU A 1 30  ? -10.058 -6.941  4.136   1.00 33.53 ? 30  GLU A OE1 1 
ATOM   254  O OE2 . GLU A 1 30  ? -10.668 -4.966  4.918   1.00 31.77 ? 30  GLU A OE2 1 
ATOM   255  N N   . HIS A 1 31  ? -4.485  -7.581  3.511   1.00 30.17 ? 31  HIS A N   1 
ATOM   256  C CA  . HIS A 1 31  ? -3.548  -8.699  3.570   1.00 29.98 ? 31  HIS A CA  1 
ATOM   257  C C   . HIS A 1 31  ? -2.101  -8.291  3.692   1.00 30.32 ? 31  HIS A C   1 
ATOM   258  O O   . HIS A 1 31  ? -1.260  -9.109  4.036   1.00 33.60 ? 31  HIS A O   1 
ATOM   259  C CB  . HIS A 1 31  ? -3.703  -9.580  2.342   1.00 30.49 ? 31  HIS A CB  1 
ATOM   260  C CG  . HIS A 1 31  ? -4.942  -10.408 2.367   1.00 31.16 ? 31  HIS A CG  1 
ATOM   261  N ND1 . HIS A 1 31  ? -5.012  -11.611 3.031   1.00 31.50 ? 31  HIS A ND1 1 
ATOM   262  C CD2 . HIS A 1 31  ? -6.184  -10.170 1.883   1.00 31.70 ? 31  HIS A CD2 1 
ATOM   263  C CE1 . HIS A 1 31  ? -6.245  -12.078 2.958   1.00 32.28 ? 31  HIS A CE1 1 
ATOM   264  N NE2 . HIS A 1 31  ? -6.976  -11.221 2.268   1.00 32.24 ? 31  HIS A NE2 1 
ATOM   265  N N   . GLU A 1 32  ? -1.787  -7.041  3.402   1.00 30.06 ? 32  GLU A N   1 
ATOM   266  C CA  . GLU A 1 32  ? -0.403  -6.588  3.510   1.00 28.93 ? 32  GLU A CA  1 
ATOM   267  C C   . GLU A 1 32  ? -0.128  -5.862  4.829   1.00 28.65 ? 32  GLU A C   1 
ATOM   268  O O   . GLU A 1 32  ? 0.949   -5.999  5.404   1.00 28.07 ? 32  GLU A O   1 
ATOM   269  C CB  . GLU A 1 32  ? -0.064  -5.657  2.349   1.00 28.93 ? 32  GLU A CB  1 
ATOM   270  C CG  . GLU A 1 32  ? 0.122   -6.341  1.030   1.00 33.05 ? 32  GLU A CG  1 
ATOM   271  C CD  . GLU A 1 32  ? 1.437   -7.083  0.950   1.00 35.51 ? 32  GLU A CD  1 
ATOM   272  O OE1 . GLU A 1 32  ? 2.425   -6.643  1.571   1.00 40.35 ? 32  GLU A OE1 1 
ATOM   273  O OE2 . GLU A 1 32  ? 1.501   -8.103  0.249   1.00 39.12 ? 32  GLU A OE2 1 
ATOM   274  N N   . SER A 1 33  ? -1.097  -5.092  5.314   1.00 27.64 ? 33  SER A N   1 
ATOM   275  C CA  . SER A 1 33  ? -0.874  -4.348  6.532   1.00 27.86 ? 33  SER A CA  1 
ATOM   276  C C   . SER A 1 33  ? -2.031  -4.298  7.506   1.00 28.51 ? 33  SER A C   1 
ATOM   277  O O   . SER A 1 33  ? -1.917  -3.653  8.541   1.00 29.62 ? 33  SER A O   1 
ATOM   278  C CB  . SER A 1 33  ? -0.479  -2.922  6.184   1.00 27.43 ? 33  SER A CB  1 
ATOM   279  O OG  . SER A 1 33  ? -1.573  -2.236  5.604   1.00 29.11 ? 33  SER A OG  1 
ATOM   280  N N   . SER A 1 34  ? -3.133  -4.973  7.203   1.00 28.26 ? 34  SER A N   1 
ATOM   281  C CA  . SER A 1 34  ? -4.288  -4.913  8.089   1.00 28.52 ? 34  SER A CA  1 
ATOM   282  C C   . SER A 1 34  ? -4.785  -3.472  8.197   1.00 28.45 ? 34  SER A C   1 
ATOM   283  O O   . SER A 1 34  ? -5.261  -3.046  9.251   1.00 30.88 ? 34  SER A O   1 
ATOM   284  C CB  . SER A 1 34  ? -3.935  -5.425  9.487   1.00 28.88 ? 34  SER A CB  1 
ATOM   285  O OG  . SER A 1 34  ? -3.752  -6.831  9.486   1.00 31.78 ? 34  SER A OG  1 
ATOM   286  N N   . ARG A 1 35  ? -4.673  -2.723  7.106   1.00 27.71 ? 35  ARG A N   1 
ATOM   287  C CA  . ARG A 1 35  ? -5.109  -1.330  7.063   1.00 27.13 ? 35  ARG A CA  1 
ATOM   288  C C   . ARG A 1 35  ? -4.442  -0.463  8.129   1.00 27.77 ? 35  ARG A C   1 
ATOM   289  O O   . ARG A 1 35  ? -5.065  0.423   8.701   1.00 27.65 ? 35  ARG A O   1 
ATOM   290  C CB  . ARG A 1 35  ? -6.610  -1.255  7.250   1.00 26.40 ? 35  ARG A CB  1 
ATOM   291  C CG  . ARG A 1 35  ? -7.407  -2.186  6.384   1.00 22.87 ? 35  ARG A CG  1 
ATOM   292  C CD  . ARG A 1 35  ? -8.862  -1.839  6.507   1.00 23.15 ? 35  ARG A CD  1 
ATOM   293  N NE  . ARG A 1 35  ? -9.639  -3.043  6.741   1.00 29.74 ? 35  ARG A NE  1 
ATOM   294  C CZ  . ARG A 1 35  ? -10.135 -3.414  7.919   1.00 29.34 ? 35  ARG A CZ  1 
ATOM   295  N NH1 . ARG A 1 35  ? -9.951  -2.668  9.000   1.00 30.64 ? 35  ARG A NH1 1 
ATOM   296  N NH2 . ARG A 1 35  ? -10.797 -4.555  8.017   1.00 29.04 ? 35  ARG A NH2 1 
ATOM   297  N N   . ASP A 1 36  ? -3.168  -0.709  8.381   1.00 28.20 ? 36  ASP A N   1 
ATOM   298  C CA  . ASP A 1 36  ? -2.440  0.037   9.391   1.00 29.37 ? 36  ASP A CA  1 
ATOM   299  C C   . ASP A 1 36  ? -1.361  0.868   8.680   1.00 30.43 ? 36  ASP A C   1 
ATOM   300  O O   . ASP A 1 36  ? -0.487  0.323   8.028   1.00 29.88 ? 36  ASP A O   1 
ATOM   301  C CB  . ASP A 1 36  ? -1.820  -0.964  10.363  1.00 29.75 ? 36  ASP A CB  1 
ATOM   302  C CG  . ASP A 1 36  ? -1.237  -0.310  11.583  1.00 31.47 ? 36  ASP A CG  1 
ATOM   303  O OD1 . ASP A 1 36  ? -0.972  0.918   11.536  1.00 32.43 ? 36  ASP A OD1 1 
ATOM   304  O OD2 . ASP A 1 36  ? -1.029  -1.036  12.586  1.00 32.05 ? 36  ASP A OD2 1 
ATOM   305  N N   . THR A 1 37  ? -1.420  2.188   8.803   1.00 32.04 ? 37  THR A N   1 
ATOM   306  C CA  . THR A 1 37  ? -0.448  3.034   8.118   1.00 34.72 ? 37  THR A CA  1 
ATOM   307  C C   . THR A 1 37  ? 0.941   3.013   8.727   1.00 36.43 ? 37  THR A C   1 
ATOM   308  O O   . THR A 1 37  ? 1.898   3.482   8.114   1.00 36.63 ? 37  THR A O   1 
ATOM   309  C CB  . THR A 1 37  ? -0.886  4.491   8.101   1.00 34.01 ? 37  THR A CB  1 
ATOM   310  O OG1 . THR A 1 37  ? -0.912  4.979   9.442   1.00 33.70 ? 37  THR A OG1 1 
ATOM   311  C CG2 . THR A 1 37  ? -2.260  4.634   7.482   1.00 33.01 ? 37  THR A CG2 1 
ATOM   312  N N   . SER A 1 38  ? 1.065   2.462   9.925   1.00 37.85 ? 38  SER A N   1 
ATOM   313  C CA  . SER A 1 38  ? 2.355   2.458   10.585  1.00 39.54 ? 38  SER A CA  1 
ATOM   314  C C   . SER A 1 38  ? 3.032   1.106   10.657  1.00 40.29 ? 38  SER A C   1 
ATOM   315  O O   . SER A 1 38  ? 4.003   0.943   11.381  1.00 41.73 ? 38  SER A O   1 
ATOM   316  C CB  . SER A 1 38  ? 2.197   2.994   12.000  1.00 39.98 ? 38  SER A CB  1 
ATOM   317  O OG  . SER A 1 38  ? 1.695   1.972   12.839  1.00 40.81 ? 38  SER A OG  1 
ATOM   318  N N   . LYS A 1 39  ? 2.534   0.125   9.928   1.00 40.67 ? 39  LYS A N   1 
ATOM   319  C CA  . LYS A 1 39  ? 3.159   -1.176  9.989   1.00 41.34 ? 39  LYS A CA  1 
ATOM   320  C C   . LYS A 1 39  ? 4.468   -1.231  9.203   1.00 41.89 ? 39  LYS A C   1 
ATOM   321  O O   . LYS A 1 39  ? 4.590   -0.647  8.125   1.00 41.32 ? 39  LYS A O   1 
ATOM   322  C CB  . LYS A 1 39  ? 2.207   -2.252  9.458   1.00 42.57 ? 39  LYS A CB  1 
ATOM   323  C CG  . LYS A 1 39  ? 2.668   -3.646  9.816   1.00 45.03 ? 39  LYS A CG  1 
ATOM   324  C CD  . LYS A 1 39  ? 1.778   -4.712  9.246   1.00 50.84 ? 39  LYS A CD  1 
ATOM   325  C CE  . LYS A 1 39  ? 1.798   -5.971  10.121  1.00 53.35 ? 39  LYS A CE  1 
ATOM   326  N NZ  . LYS A 1 39  ? 1.182   -5.724  11.472  1.00 53.49 ? 39  LYS A NZ  1 
ATOM   327  N N   . THR A 1 40  ? 5.460   -1.908  9.763   1.00 43.22 ? 40  THR A N   1 
ATOM   328  C CA  . THR A 1 40  ? 6.728   -2.099  9.068   1.00 45.60 ? 40  THR A CA  1 
ATOM   329  C C   . THR A 1 40  ? 7.038   -3.578  9.173   1.00 47.26 ? 40  THR A C   1 
ATOM   330  O O   . THR A 1 40  ? 6.676   -4.231  10.139  1.00 47.22 ? 40  THR A O   1 
ATOM   331  C CB  . THR A 1 40  ? 7.902   -1.305  9.674   1.00 43.32 ? 40  THR A CB  1 
ATOM   332  O OG1 . THR A 1 40  ? 7.978   -1.564  11.072  1.00 45.12 ? 40  THR A OG1 1 
ATOM   333  C CG2 . THR A 1 40  ? 7.740   0.172   9.423   1.00 42.53 ? 40  THR A CG2 1 
ATOM   334  N N   . ASN A 1 41  ? 7.693   -4.113  8.161   1.00 50.30 ? 41  ASN A N   1 
ATOM   335  C CA  . ASN A 1 41  ? 8.027   -5.517  8.171   1.00 52.92 ? 41  ASN A CA  1 
ATOM   336  C C   . ASN A 1 41  ? 9.453   -5.671  7.668   1.00 53.40 ? 41  ASN A C   1 
ATOM   337  O O   . ASN A 1 41  ? 9.862   -4.991  6.725   1.00 53.25 ? 41  ASN A O   1 
ATOM   338  C CB  . ASN A 1 41  ? 7.047   -6.273  7.282   1.00 55.10 ? 41  ASN A CB  1 
ATOM   339  C CG  . ASN A 1 41  ? 7.321   -7.749  7.247   1.00 57.78 ? 41  ASN A CG  1 
ATOM   340  O OD1 . ASN A 1 41  ? 7.312   -8.419  8.284   1.00 59.47 ? 41  ASN A OD1 1 
ATOM   341  N ND2 . ASN A 1 41  ? 7.568   -8.276  6.049   1.00 59.27 ? 41  ASN A ND2 1 
ATOM   342  N N   . THR A 1 42  ? 10.219  -6.542  8.313   1.00 54.24 ? 42  THR A N   1 
ATOM   343  C CA  . THR A 1 42  ? 11.598  -6.758  7.906   1.00 55.16 ? 42  THR A CA  1 
ATOM   344  C C   . THR A 1 42  ? 11.698  -8.086  7.207   1.00 55.09 ? 42  THR A C   1 
ATOM   345  O O   . THR A 1 42  ? 11.253  -9.093  7.732   1.00 55.41 ? 42  THR A O   1 
ATOM   346  C CB  . THR A 1 42  ? 12.551  -6.749  9.101   1.00 55.35 ? 42  THR A CB  1 
ATOM   347  O OG1 . THR A 1 42  ? 12.550  -5.449  9.711   1.00 55.96 ? 42  THR A OG1 1 
ATOM   348  C CG2 . THR A 1 42  ? 13.954  -7.072  8.643   1.00 55.72 ? 42  THR A CG2 1 
ATOM   349  N N   . ASN A 1 43  ? 12.280  -8.083  6.015   1.00 56.22 ? 43  ASN A N   1 
ATOM   350  C CA  . ASN A 1 43  ? 12.409  -9.303  5.237   1.00 58.13 ? 43  ASN A CA  1 
ATOM   351  C C   . ASN A 1 43  ? 13.754  -9.982  5.410   1.00 59.60 ? 43  ASN A C   1 
ATOM   352  O O   . ASN A 1 43  ? 14.642  -9.473  6.092   1.00 59.71 ? 43  ASN A O   1 
ATOM   353  C CB  . ASN A 1 43  ? 12.172  -9.005  3.764   1.00 57.97 ? 43  ASN A CB  1 
ATOM   354  C CG  . ASN A 1 43  ? 10.880  -8.268  3.534   1.00 58.22 ? 43  ASN A CG  1 
ATOM   355  O OD1 . ASN A 1 43  ? 9.820   -8.708  3.976   1.00 58.49 ? 43  ASN A OD1 1 
ATOM   356  N ND2 . ASN A 1 43  ? 10.956  -7.133  2.844   1.00 57.91 ? 43  ASN A ND2 1 
ATOM   357  N N   . ARG A 1 44  ? 13.893  -11.140 4.774   1.00 62.02 ? 44  ARG A N   1 
ATOM   358  C CA  . ARG A 1 44  ? 15.115  -11.927 4.860   1.00 63.31 ? 44  ARG A CA  1 
ATOM   359  C C   . ARG A 1 44  ? 16.327  -11.182 4.300   1.00 61.95 ? 44  ARG A C   1 
ATOM   360  O O   . ARG A 1 44  ? 17.356  -11.069 4.970   1.00 61.36 ? 44  ARG A O   1 
ATOM   361  C CB  . ARG A 1 44  ? 14.920  -13.256 4.124   1.00 66.96 ? 44  ARG A CB  1 
ATOM   362  C CG  . ARG A 1 44  ? 15.596  -14.435 4.800   1.00 72.23 ? 44  ARG A CG  1 
ATOM   363  C CD  . ARG A 1 44  ? 15.104  -14.576 6.245   1.00 76.70 ? 44  ARG A CD  1 
ATOM   364  N NE  . ARG A 1 44  ? 13.674  -14.892 6.318   1.00 80.39 ? 44  ARG A NE  1 
ATOM   365  C CZ  . ARG A 1 44  ? 13.152  -16.097 6.081   1.00 81.77 ? 44  ARG A CZ  1 
ATOM   366  N NH1 . ARG A 1 44  ? 13.943  -17.120 5.756   1.00 82.02 ? 44  ARG A NH1 1 
ATOM   367  N NH2 . ARG A 1 44  ? 11.836  -16.280 6.164   1.00 81.26 ? 44  ARG A NH2 1 
ATOM   368  N N   . ASN A 1 45  ? 16.189  -10.660 3.083   1.00 60.52 ? 45  ASN A N   1 
ATOM   369  C CA  . ASN A 1 45  ? 17.270  -9.932  2.421   1.00 58.98 ? 45  ASN A CA  1 
ATOM   370  C C   . ASN A 1 45  ? 17.707  -8.642  3.107   1.00 56.47 ? 45  ASN A C   1 
ATOM   371  O O   . ASN A 1 45  ? 18.585  -7.949  2.599   1.00 56.46 ? 45  ASN A O   1 
ATOM   372  C CB  . ASN A 1 45  ? 16.889  -9.619  0.973   1.00 61.32 ? 45  ASN A CB  1 
ATOM   373  C CG  . ASN A 1 45  ? 15.540  -8.945  0.863   1.00 63.72 ? 45  ASN A CG  1 
ATOM   374  O OD1 . ASN A 1 45  ? 15.312  -7.882  1.443   1.00 64.12 ? 45  ASN A OD1 1 
ATOM   375  N ND2 . ASN A 1 45  ? 14.631  -9.564  0.120   1.00 65.98 ? 45  ASN A ND2 1 
ATOM   376  N N   . GLY A 1 46  ? 17.093  -8.314  4.240   1.00 53.89 ? 46  GLY A N   1 
ATOM   377  C CA  . GLY A 1 46  ? 17.469  -7.106  4.957   1.00 51.30 ? 46  GLY A CA  1 
ATOM   378  C C   . GLY A 1 46  ? 16.675  -5.851  4.636   1.00 49.86 ? 46  GLY A C   1 
ATOM   379  O O   . GLY A 1 46  ? 16.941  -4.778  5.176   1.00 49.53 ? 46  GLY A O   1 
ATOM   380  N N   . SER A 1 47  ? 15.686  -5.974  3.763   1.00 48.31 ? 47  SER A N   1 
ATOM   381  C CA  . SER A 1 47  ? 14.871  -4.825  3.387   1.00 46.39 ? 47  SER A CA  1 
ATOM   382  C C   . SER A 1 47  ? 13.622  -4.725  4.258   1.00 44.01 ? 47  SER A C   1 
ATOM   383  O O   . SER A 1 47  ? 13.205  -5.710  4.864   1.00 43.04 ? 47  SER A O   1 
ATOM   384  C CB  . SER A 1 47  ? 14.455  -4.946  1.926   1.00 46.56 ? 47  SER A CB  1 
ATOM   385  O OG  . SER A 1 47  ? 13.640  -6.087  1.754   1.00 47.81 ? 47  SER A OG  1 
ATOM   386  N N   . LYS A 1 48  ? 13.037  -3.530  4.315   1.00 42.14 ? 48  LYS A N   1 
ATOM   387  C CA  . LYS A 1 48  ? 11.820  -3.303  5.087   1.00 41.20 ? 48  LYS A CA  1 
ATOM   388  C C   . LYS A 1 48  ? 10.686  -2.846  4.192   1.00 39.05 ? 48  LYS A C   1 
ATOM   389  O O   . LYS A 1 48  ? 10.915  -2.223  3.155   1.00 37.59 ? 48  LYS A O   1 
ATOM   390  C CB  . LYS A 1 48  ? 12.031  -2.239  6.167   1.00 44.12 ? 48  LYS A CB  1 
ATOM   391  C CG  . LYS A 1 48  ? 12.855  -2.688  7.353   1.00 47.63 ? 48  LYS A CG  1 
ATOM   392  C CD  . LYS A 1 48  ? 12.865  -1.629  8.443   1.00 50.01 ? 48  LYS A CD  1 
ATOM   393  C CE  . LYS A 1 48  ? 14.265  -1.509  9.053   1.00 53.14 ? 48  LYS A CE  1 
ATOM   394  N NZ  . LYS A 1 48  ? 14.797  -2.829  9.536   1.00 54.57 ? 48  LYS A NZ  1 
ATOM   395  N N   . ASP A 1 49  ? 9.462   -3.169  4.601   1.00 37.77 ? 49  ASP A N   1 
ATOM   396  C CA  . ASP A 1 49  ? 8.265   -2.770  3.872   1.00 36.22 ? 49  ASP A CA  1 
ATOM   397  C C   . ASP A 1 49  ? 7.559   -1.783  4.780   1.00 34.49 ? 49  ASP A C   1 
ATOM   398  O O   . ASP A 1 49  ? 7.371   -2.060  5.953   1.00 34.65 ? 49  ASP A O   1 
ATOM   399  C CB  . ASP A 1 49  ? 7.359   -3.972  3.606   1.00 37.92 ? 49  ASP A CB  1 
ATOM   400  C CG  . ASP A 1 49  ? 8.026   -5.026  2.751   1.00 38.25 ? 49  ASP A CG  1 
ATOM   401  O OD1 . ASP A 1 49  ? 8.681   -4.667  1.748   1.00 37.28 ? 49  ASP A OD1 1 
ATOM   402  O OD2 . ASP A 1 49  ? 7.884   -6.217  3.084   1.00 41.22 ? 49  ASP A OD2 1 
ATOM   403  N N   . TYR A 1 50  ? 7.155   -0.644  4.232   1.00 32.72 ? 50  TYR A N   1 
ATOM   404  C CA  . TYR A 1 50  ? 6.531   0.395   5.019   1.00 31.55 ? 50  TYR A CA  1 
ATOM   405  C C   . TYR A 1 50  ? 5.082   0.729   4.740   1.00 32.16 ? 50  TYR A C   1 
ATOM   406  O O   . TYR A 1 50  ? 4.645   0.753   3.587   1.00 32.65 ? 50  TYR A O   1 
ATOM   407  C CB  . TYR A 1 50  ? 7.315   1.694   4.871   1.00 31.60 ? 50  TYR A CB  1 
ATOM   408  C CG  . TYR A 1 50  ? 8.774   1.583   5.186   1.00 33.31 ? 50  TYR A CG  1 
ATOM   409  C CD1 . TYR A 1 50  ? 9.610   0.809   4.401   1.00 34.38 ? 50  TYR A CD1 1 
ATOM   410  C CD2 . TYR A 1 50  ? 9.328   2.259   6.266   1.00 33.82 ? 50  TYR A CD2 1 
ATOM   411  C CE1 . TYR A 1 50  ? 10.964  0.710   4.676   1.00 35.81 ? 50  TYR A CE1 1 
ATOM   412  C CE2 . TYR A 1 50  ? 10.681  2.162   6.550   1.00 34.77 ? 50  TYR A CE2 1 
ATOM   413  C CZ  . TYR A 1 50  ? 11.494  1.387   5.748   1.00 35.64 ? 50  TYR A CZ  1 
ATOM   414  O OH  . TYR A 1 50  ? 12.847  1.301   5.989   1.00 38.54 ? 50  TYR A OH  1 
ATOM   415  N N   . GLY A 1 51  ? 4.366   1.017   5.831   1.00 31.57 ? 51  GLY A N   1 
ATOM   416  C CA  . GLY A 1 51  ? 2.980   1.448   5.801   1.00 29.10 ? 51  GLY A CA  1 
ATOM   417  C C   . GLY A 1 51  ? 1.859   0.634   5.211   1.00 28.23 ? 51  GLY A C   1 
ATOM   418  O O   . GLY A 1 51  ? 1.957   -0.573  5.040   1.00 27.88 ? 51  GLY A O   1 
ATOM   419  N N   . LEU A 1 52  ? 0.776   1.349   4.912   1.00 29.23 ? 52  LEU A N   1 
ATOM   420  C CA  . LEU A 1 52  ? -0.448  0.802   4.341   1.00 28.84 ? 52  LEU A CA  1 
ATOM   421  C C   . LEU A 1 52  ? -0.211  -0.167  3.208   1.00 29.04 ? 52  LEU A C   1 
ATOM   422  O O   . LEU A 1 52  ? -0.795  -1.258  3.192   1.00 29.35 ? 52  LEU A O   1 
ATOM   423  C CB  . LEU A 1 52  ? -1.335  1.918   3.791   1.00 28.82 ? 52  LEU A CB  1 
ATOM   424  C CG  . LEU A 1 52  ? -2.686  2.245   4.434   1.00 31.53 ? 52  LEU A CG  1 
ATOM   425  C CD1 . LEU A 1 52  ? -3.596  2.758   3.350   1.00 29.96 ? 52  LEU A CD1 1 
ATOM   426  C CD2 . LEU A 1 52  ? -3.319  1.037   5.101   1.00 30.91 ? 52  LEU A CD2 1 
ATOM   427  N N   . PHE A 1 53  ? 0.620   0.238   2.248   1.00 26.88 ? 53  PHE A N   1 
ATOM   428  C CA  . PHE A 1 53  ? 0.864   -0.610  1.091   1.00 26.91 ? 53  PHE A CA  1 
ATOM   429  C C   . PHE A 1 53  ? 2.127   -1.440  1.167   1.00 27.52 ? 53  PHE A C   1 
ATOM   430  O O   . PHE A 1 53  ? 2.525   -2.041  0.173   1.00 28.27 ? 53  PHE A O   1 
ATOM   431  C CB  . PHE A 1 53  ? 0.898   0.211   -0.202  1.00 24.78 ? 53  PHE A CB  1 
ATOM   432  C CG  . PHE A 1 53  ? -0.261  1.152   -0.361  1.00 22.96 ? 53  PHE A CG  1 
ATOM   433  C CD1 . PHE A 1 53  ? -0.221  2.421   0.189   1.00 22.59 ? 53  PHE A CD1 1 
ATOM   434  C CD2 . PHE A 1 53  ? -1.395  0.766   -1.064  1.00 22.03 ? 53  PHE A CD2 1 
ATOM   435  C CE1 . PHE A 1 53  ? -1.304  3.297   0.037   1.00 24.41 ? 53  PHE A CE1 1 
ATOM   436  C CE2 . PHE A 1 53  ? -2.478  1.629   -1.223  1.00 20.70 ? 53  PHE A CE2 1 
ATOM   437  C CZ  . PHE A 1 53  ? -2.436  2.890   -0.676  1.00 22.45 ? 53  PHE A CZ  1 
ATOM   438  N N   . GLN A 1 54  ? 2.764   -1.475  2.330   1.00 27.78 ? 54  GLN A N   1 
ATOM   439  C CA  . GLN A 1 54  ? 3.981   -2.271  2.471   1.00 29.60 ? 54  GLN A CA  1 
ATOM   440  C C   . GLN A 1 54  ? 4.966   -2.059  1.320   1.00 29.45 ? 54  GLN A C   1 
ATOM   441  O O   . GLN A 1 54  ? 5.364   -2.999  0.638   1.00 29.01 ? 54  GLN A O   1 
ATOM   442  C CB  . GLN A 1 54  ? 3.606   -3.749  2.585   1.00 28.96 ? 54  GLN A CB  1 
ATOM   443  C CG  . GLN A 1 54  ? 2.936   -4.053  3.909   1.00 29.85 ? 54  GLN A CG  1 
ATOM   444  C CD  . GLN A 1 54  ? 3.859   -3.796  5.084   1.00 31.60 ? 54  GLN A CD  1 
ATOM   445  O OE1 . GLN A 1 54  ? 4.745   -4.595  5.366   1.00 33.12 ? 54  GLN A OE1 1 
ATOM   446  N NE2 . GLN A 1 54  ? 3.668   -2.672  5.763   1.00 31.17 ? 54  GLN A NE2 1 
ATOM   447  N N   . ILE A 1 55  ? 5.347   -0.804  1.118   1.00 29.85 ? 55  ILE A N   1 
ATOM   448  C CA  . ILE A 1 55  ? 6.272   -0.417  0.060   1.00 28.61 ? 55  ILE A CA  1 
ATOM   449  C C   . ILE A 1 55  ? 7.713   -0.735  0.480   1.00 30.21 ? 55  ILE A C   1 
ATOM   450  O O   . ILE A 1 55  ? 8.117   -0.485  1.616   1.00 30.54 ? 55  ILE A O   1 
ATOM   451  C CB  . ILE A 1 55  ? 6.038   1.074   -0.257  1.00 27.86 ? 55  ILE A CB  1 
ATOM   452  C CG1 . ILE A 1 55  ? 4.727   1.191   -1.057  1.00 24.78 ? 55  ILE A CG1 1 
ATOM   453  C CG2 . ILE A 1 55  ? 7.262   1.690   -0.932  1.00 26.49 ? 55  ILE A CG2 1 
ATOM   454  C CD1 . ILE A 1 55  ? 4.162   2.581   -1.135  1.00 24.31 ? 55  ILE A CD1 1 
ATOM   455  N N   . ASN A 1 56  ? 8.484   -1.279  -0.452  1.00 30.46 ? 56  ASN A N   1 
ATOM   456  C CA  . ASN A 1 56  ? 9.837   -1.736  -0.184  1.00 32.64 ? 56  ASN A CA  1 
ATOM   457  C C   . ASN A 1 56  ? 11.064  -0.807  -0.226  1.00 34.07 ? 56  ASN A C   1 
ATOM   458  O O   . ASN A 1 56  ? 11.145  0.146   -0.989  1.00 35.95 ? 56  ASN A O   1 
ATOM   459  C CB  . ASN A 1 56  ? 10.086  -2.957  -1.062  1.00 33.74 ? 56  ASN A CB  1 
ATOM   460  C CG  . ASN A 1 56  ? 11.262  -3.765  -0.609  1.00 36.82 ? 56  ASN A CG  1 
ATOM   461  O OD1 . ASN A 1 56  ? 12.376  -3.596  -1.110  1.00 41.63 ? 56  ASN A OD1 1 
ATOM   462  N ND2 . ASN A 1 56  ? 11.037  -4.646  0.360   1.00 37.92 ? 56  ASN A ND2 1 
ATOM   463  N N   . ASP A 1 57  ? 12.020  -1.155  0.625   1.00 35.44 ? 57  ASP A N   1 
ATOM   464  C CA  . ASP A 1 57  ? 13.311  -0.492  0.838   1.00 36.80 ? 57  ASP A CA  1 
ATOM   465  C C   . ASP A 1 57  ? 14.272  -0.427  -0.327  1.00 36.43 ? 57  ASP A C   1 
ATOM   466  O O   . ASP A 1 57  ? 14.879  0.611   -0.582  1.00 35.61 ? 57  ASP A O   1 
ATOM   467  C CB  . ASP A 1 57  ? 14.085  -1.231  1.935   1.00 38.46 ? 57  ASP A CB  1 
ATOM   468  C CG  . ASP A 1 57  ? 14.176  -0.453  3.166   1.00 39.19 ? 57  ASP A CG  1 
ATOM   469  O OD1 . ASP A 1 57  ? 14.193  0.781   3.035   1.00 41.28 ? 57  ASP A OD1 1 
ATOM   470  O OD2 . ASP A 1 57  ? 14.227  -1.062  4.249   1.00 42.77 ? 57  ASP A OD2 1 
ATOM   471  N N   . ARG A 1 58  ? 14.468  -1.580  -0.961  1.00 35.87 ? 58  ARG A N   1 
ATOM   472  C CA  . ARG A 1 58  ? 15.398  -1.700  -2.060  1.00 36.86 ? 58  ARG A CA  1 
ATOM   473  C C   . ARG A 1 58  ? 15.066  -0.902  -3.277  1.00 34.32 ? 58  ARG A C   1 
ATOM   474  O O   . ARG A 1 58  ? 15.939  -0.246  -3.837  1.00 36.81 ? 58  ARG A O   1 
ATOM   475  C CB  . ARG A 1 58  ? 15.526  -3.145  -2.508  1.00 40.86 ? 58  ARG A CB  1 
ATOM   476  C CG  . ARG A 1 58  ? 16.200  -4.058  -1.549  1.00 46.87 ? 58  ARG A CG  1 
ATOM   477  C CD  . ARG A 1 58  ? 16.284  -5.434  -2.177  1.00 51.56 ? 58  ARG A CD  1 
ATOM   478  N NE  . ARG A 1 58  ? 17.335  -5.525  -3.185  1.00 54.14 ? 58  ARG A NE  1 
ATOM   479  C CZ  . ARG A 1 58  ? 18.512  -6.101  -2.963  1.00 56.82 ? 58  ARG A CZ  1 
ATOM   480  N NH1 . ARG A 1 58  ? 18.765  -6.632  -1.768  1.00 57.17 ? 58  ARG A NH1 1 
ATOM   481  N NH2 . ARG A 1 58  ? 19.432  -6.152  -3.927  1.00 57.47 ? 58  ARG A NH2 1 
ATOM   482  N N   . TYR A 1 59  ? 13.808  -0.948  -3.689  1.00 32.07 ? 59  TYR A N   1 
ATOM   483  C CA  . TYR A 1 59  ? 13.404  -0.276  -4.913  1.00 30.09 ? 59  TYR A CA  1 
ATOM   484  C C   . TYR A 1 59  ? 12.601  1.005   -4.882  1.00 29.24 ? 59  TYR A C   1 
ATOM   485  O O   . TYR A 1 59  ? 12.756  1.808   -5.787  1.00 29.63 ? 59  TYR A O   1 
ATOM   486  C CB  . TYR A 1 59  ? 12.620  -1.255  -5.788  1.00 28.72 ? 59  TYR A CB  1 
ATOM   487  C CG  . TYR A 1 59  ? 13.153  -2.659  -5.783  1.00 28.47 ? 59  TYR A CG  1 
ATOM   488  C CD1 . TYR A 1 59  ? 14.414  -2.952  -6.300  1.00 27.00 ? 59  TYR A CD1 1 
ATOM   489  C CD2 . TYR A 1 59  ? 12.404  -3.699  -5.254  1.00 28.59 ? 59  TYR A CD2 1 
ATOM   490  C CE1 . TYR A 1 59  ? 14.912  -4.251  -6.286  1.00 26.93 ? 59  TYR A CE1 1 
ATOM   491  C CE2 . TYR A 1 59  ? 12.902  -5.005  -5.234  1.00 29.25 ? 59  TYR A CE2 1 
ATOM   492  C CZ  . TYR A 1 59  ? 14.155  -5.271  -5.753  1.00 27.73 ? 59  TYR A CZ  1 
ATOM   493  O OH  . TYR A 1 59  ? 14.646  -6.565  -5.730  1.00 31.17 ? 59  TYR A OH  1 
ATOM   494  N N   . TRP A 1 60  ? 11.762  1.225   -3.870  1.00 29.22 ? 60  TRP A N   1 
ATOM   495  C CA  . TRP A 1 60  ? 10.880  2.398   -3.917  1.00 28.70 ? 60  TRP A CA  1 
ATOM   496  C C   . TRP A 1 60  ? 11.056  3.658   -3.056  1.00 29.63 ? 60  TRP A C   1 
ATOM   497  O O   . TRP A 1 60  ? 10.661  4.741   -3.477  1.00 26.86 ? 60  TRP A O   1 
ATOM   498  C CB  . TRP A 1 60  ? 9.444   1.907   -3.779  1.00 27.03 ? 60  TRP A CB  1 
ATOM   499  C CG  . TRP A 1 60  ? 9.151   0.764   -4.661  1.00 27.42 ? 60  TRP A CG  1 
ATOM   500  C CD1 . TRP A 1 60  ? 9.168   -0.558  -4.326  1.00 27.66 ? 60  TRP A CD1 1 
ATOM   501  C CD2 . TRP A 1 60  ? 8.858   0.822   -6.068  1.00 27.38 ? 60  TRP A CD2 1 
ATOM   502  N NE1 . TRP A 1 60  ? 8.904   -1.329  -5.442  1.00 26.89 ? 60  TRP A NE1 1 
ATOM   503  C CE2 . TRP A 1 60  ? 8.712   -0.504  -6.519  1.00 26.65 ? 60  TRP A CE2 1 
ATOM   504  C CE3 . TRP A 1 60  ? 8.704   1.871   -6.988  1.00 27.49 ? 60  TRP A CE3 1 
ATOM   505  C CZ2 . TRP A 1 60  ? 8.420   -0.810  -7.851  1.00 27.92 ? 60  TRP A CZ2 1 
ATOM   506  C CZ3 . TRP A 1 60  ? 8.411   1.566   -8.314  1.00 26.55 ? 60  TRP A CZ3 1 
ATOM   507  C CH2 . TRP A 1 60  ? 8.272   0.239   -8.730  1.00 27.61 ? 60  TRP A CH2 1 
ATOM   508  N N   . CYS A 1 61  ? 11.609  3.533   -1.856  1.00 32.13 ? 61  CYS A N   1 
ATOM   509  C CA  . CYS A 1 61  ? 11.812  4.705   -1.010  1.00 34.73 ? 61  CYS A CA  1 
ATOM   510  C C   . CYS A 1 61  ? 13.194  4.608   -0.379  1.00 37.68 ? 61  CYS A C   1 
ATOM   511  O O   . CYS A 1 61  ? 13.744  3.518   -0.262  1.00 38.13 ? 61  CYS A O   1 
ATOM   512  C CB  . CYS A 1 61  ? 10.741  4.780   0.085   1.00 32.96 ? 61  CYS A CB  1 
ATOM   513  S SG  . CYS A 1 61  ? 10.716  3.339   1.195   1.00 31.07 ? 61  CYS A SG  1 
ATOM   514  N N   . SER A 1 62  ? 13.762  5.740   0.022   1.00 41.93 ? 62  SER A N   1 
ATOM   515  C CA  . SER A 1 62  ? 15.084  5.722   0.643   1.00 45.60 ? 62  SER A CA  1 
ATOM   516  C C   . SER A 1 62  ? 15.005  5.836   2.151   1.00 46.81 ? 62  SER A C   1 
ATOM   517  O O   . SER A 1 62  ? 14.167  6.553   2.679   1.00 47.24 ? 62  SER A O   1 
ATOM   518  C CB  . SER A 1 62  ? 15.936  6.862   0.109   1.00 46.18 ? 62  SER A CB  1 
ATOM   519  O OG  . SER A 1 62  ? 15.258  8.081   0.283   1.00 49.80 ? 62  SER A OG  1 
ATOM   520  N N   . LYS A 1 63  ? 15.884  5.115   2.836   1.00 50.31 ? 63  LYS A N   1 
ATOM   521  C CA  . LYS A 1 63  ? 15.937  5.145   4.294   1.00 53.90 ? 63  LYS A CA  1 
ATOM   522  C C   . LYS A 1 63  ? 16.716  6.382   4.743   1.00 55.58 ? 63  LYS A C   1 
ATOM   523  O O   . LYS A 1 63  ? 16.829  6.653   5.938   1.00 56.16 ? 63  LYS A O   1 
ATOM   524  C CB  . LYS A 1 63  ? 16.650  3.907   4.833   1.00 54.58 ? 63  LYS A CB  1 
ATOM   525  C CG  . LYS A 1 63  ? 16.108  2.599   4.335   1.00 57.06 ? 63  LYS A CG  1 
ATOM   526  C CD  . LYS A 1 63  ? 16.752  1.420   5.067   1.00 59.99 ? 63  LYS A CD  1 
ATOM   527  C CE  . LYS A 1 63  ? 18.248  1.329   4.799   1.00 60.84 ? 63  LYS A CE  1 
ATOM   528  N NZ  . LYS A 1 63  ? 18.520  1.112   3.354   1.00 62.79 ? 63  LYS A NZ  1 
ATOM   529  N N   . GLY A 1 64  ? 17.259  7.117   3.776   1.00 57.39 ? 64  GLY A N   1 
ATOM   530  C CA  . GLY A 1 64  ? 18.025  8.311   4.084   1.00 58.92 ? 64  GLY A CA  1 
ATOM   531  C C   . GLY A 1 64  ? 17.189  9.479   4.582   1.00 59.90 ? 64  GLY A C   1 
ATOM   532  O O   . GLY A 1 64  ? 16.014  9.314   4.938   1.00 60.29 ? 64  GLY A O   1 
ATOM   533  N N   . ALA A 1 65  ? 17.803  10.662  4.620   1.00 59.33 ? 65  ALA A N   1 
ATOM   534  C CA  . ALA A 1 65  ? 17.123  11.870  5.069   1.00 58.06 ? 65  ALA A CA  1 
ATOM   535  C C   . ALA A 1 65  ? 16.738  12.637  3.825   1.00 56.87 ? 65  ALA A C   1 
ATOM   536  O O   . ALA A 1 65  ? 16.058  13.661  3.880   1.00 57.37 ? 65  ALA A O   1 
ATOM   537  C CB  . ALA A 1 65  ? 18.049  12.708  5.927   1.00 59.36 ? 65  ALA A CB  1 
ATOM   538  N N   . SER A 1 66  ? 17.192  12.124  2.695   1.00 54.16 ? 66  SER A N   1 
ATOM   539  C CA  . SER A 1 66  ? 16.900  12.746  1.428   1.00 52.63 ? 66  SER A CA  1 
ATOM   540  C C   . SER A 1 66  ? 15.957  11.808  0.663   1.00 50.81 ? 66  SER A C   1 
ATOM   541  O O   . SER A 1 66  ? 16.114  10.588  0.706   1.00 50.56 ? 66  SER A O   1 
ATOM   542  C CB  . SER A 1 66  ? 18.213  12.950  0.663   1.00 54.25 ? 66  SER A CB  1 
ATOM   543  O OG  . SER A 1 66  ? 18.015  13.671  -0.535  1.00 55.72 ? 66  SER A OG  1 
ATOM   544  N N   . PRO A 1 67  ? 14.946  12.364  -0.021  1.00 47.94 ? 67  PRO A N   1 
ATOM   545  C CA  . PRO A 1 67  ? 14.029  11.511  -0.768  1.00 45.56 ? 67  PRO A CA  1 
ATOM   546  C C   . PRO A 1 67  ? 14.754  10.816  -1.920  1.00 44.58 ? 67  PRO A C   1 
ATOM   547  O O   . PRO A 1 67  ? 15.640  11.394  -2.547  1.00 45.31 ? 67  PRO A O   1 
ATOM   548  C CB  . PRO A 1 67  ? 12.966  12.497  -1.243  1.00 44.89 ? 67  PRO A CB  1 
ATOM   549  C CG  . PRO A 1 67  ? 13.699  13.764  -1.376  1.00 43.82 ? 67  PRO A CG  1 
ATOM   550  C CD  . PRO A 1 67  ? 14.538  13.774  -0.128  1.00 46.83 ? 67  PRO A CD  1 
ATOM   551  N N   . GLY A 1 68  ? 14.378  9.575   -2.201  1.00 43.39 ? 68  GLY A N   1 
ATOM   552  C CA  . GLY A 1 68  ? 15.027  8.848   -3.272  1.00 40.25 ? 68  GLY A CA  1 
ATOM   553  C C   . GLY A 1 68  ? 14.296  7.600   -3.728  1.00 38.52 ? 68  GLY A C   1 
ATOM   554  O O   . GLY A 1 68  ? 13.135  7.369   -3.384  1.00 37.33 ? 68  GLY A O   1 
ATOM   555  N N   . LYS A 1 69  ? 15.008  6.790   -4.504  1.00 36.56 ? 69  LYS A N   1 
ATOM   556  C CA  . LYS A 1 69  ? 14.470  5.571   -5.072  1.00 34.85 ? 69  LYS A CA  1 
ATOM   557  C C   . LYS A 1 69  ? 13.356  5.900   -6.059  1.00 32.91 ? 69  LYS A C   1 
ATOM   558  O O   . LYS A 1 69  ? 12.994  7.056   -6.234  1.00 32.23 ? 69  LYS A O   1 
ATOM   559  C CB  . LYS A 1 69  ? 13.989  4.644   -3.974  1.00 36.29 ? 69  LYS A CB  1 
ATOM   560  C CG  . LYS A 1 69  ? 15.120  4.081   -3.153  1.00 37.89 ? 69  LYS A CG  1 
ATOM   561  C CD  . LYS A 1 69  ? 15.994  3.179   -3.979  1.00 40.72 ? 69  LYS A CD  1 
ATOM   562  C CE  . LYS A 1 69  ? 17.282  2.805   -3.249  1.00 42.89 ? 69  LYS A CE  1 
ATOM   563  N NZ  . LYS A 1 69  ? 17.031  2.130   -1.958  1.00 45.11 ? 69  LYS A NZ  1 
ATOM   564  N N   . ASP A 1 70  ? 12.810  4.877   -6.696  1.00 31.64 ? 70  ASP A N   1 
ATOM   565  C CA  . ASP A 1 70  ? 11.800  5.062   -7.721  1.00 31.16 ? 70  ASP A CA  1 
ATOM   566  C C   . ASP A 1 70  ? 10.564  5.878   -7.411  1.00 31.43 ? 70  ASP A C   1 
ATOM   567  O O   . ASP A 1 70  ? 9.897   6.366   -8.322  1.00 32.42 ? 70  ASP A O   1 
ATOM   568  C CB  . ASP A 1 70  ? 11.418  3.708   -8.272  1.00 31.57 ? 70  ASP A CB  1 
ATOM   569  C CG  . ASP A 1 70  ? 12.449  3.182   -9.240  1.00 31.68 ? 70  ASP A CG  1 
ATOM   570  O OD1 . ASP A 1 70  ? 13.650  3.465   -9.055  1.00 30.39 ? 70  ASP A OD1 1 
ATOM   571  O OD2 . ASP A 1 70  ? 12.057  2.479   -10.187 1.00 33.21 ? 70  ASP A OD2 1 
ATOM   572  N N   . CYS A 1 71  ? 10.235  6.043   -6.145  1.00 31.12 ? 71  CYS A N   1 
ATOM   573  C CA  . CYS A 1 71  ? 9.075   6.851   -5.829  1.00 30.78 ? 71  CYS A CA  1 
ATOM   574  C C   . CYS A 1 71  ? 9.537   8.234   -5.420  1.00 30.85 ? 71  CYS A C   1 
ATOM   575  O O   . CYS A 1 71  ? 8.716   9.115   -5.190  1.00 31.67 ? 71  CYS A O   1 
ATOM   576  C CB  . CYS A 1 71  ? 8.254   6.209   -4.715  1.00 29.59 ? 71  CYS A CB  1 
ATOM   577  S SG  . CYS A 1 71  ? 7.085   4.961   -5.336  1.00 31.61 ? 71  CYS A SG  1 
ATOM   578  N N   . ASN A 1 72  ? 10.854  8.418   -5.351  1.00 30.14 ? 72  ASN A N   1 
ATOM   579  C CA  . ASN A 1 72  ? 11.442  9.691   -4.952  1.00 31.60 ? 72  ASN A CA  1 
ATOM   580  C C   . ASN A 1 72  ? 10.792  10.166  -3.655  1.00 32.91 ? 72  ASN A C   1 
ATOM   581  O O   . ASN A 1 72  ? 10.293  11.284  -3.575  1.00 32.92 ? 72  ASN A O   1 
ATOM   582  C CB  . ASN A 1 72  ? 11.215  10.745  -6.032  1.00 32.12 ? 72  ASN A CB  1 
ATOM   583  C CG  . ASN A 1 72  ? 12.013  12.014  -5.783  1.00 34.37 ? 72  ASN A CG  1 
ATOM   584  O OD1 . ASN A 1 72  ? 11.704  13.055  -6.339  1.00 36.97 ? 72  ASN A OD1 1 
ATOM   585  N ND2 . ASN A 1 72  ? 13.051  11.926  -4.953  1.00 33.70 ? 72  ASN A ND2 1 
ATOM   586  N N   . VAL A 1 73  ? 10.817  9.320   -2.635  1.00 33.34 ? 73  VAL A N   1 
ATOM   587  C CA  . VAL A 1 73  ? 10.183  9.653   -1.375  1.00 33.29 ? 73  VAL A CA  1 
ATOM   588  C C   . VAL A 1 73  ? 10.982  9.002   -0.252  1.00 35.12 ? 73  VAL A C   1 
ATOM   589  O O   . VAL A 1 73  ? 11.690  8.022   -0.479  1.00 36.41 ? 73  VAL A O   1 
ATOM   590  C CB  . VAL A 1 73  ? 8.713   9.131   -1.384  1.00 31.35 ? 73  VAL A CB  1 
ATOM   591  C CG1 . VAL A 1 73  ? 8.695   7.626   -1.346  1.00 30.28 ? 73  VAL A CG1 1 
ATOM   592  C CG2 . VAL A 1 73  ? 7.940   9.689   -0.232  1.00 31.34 ? 73  VAL A CG2 1 
ATOM   593  N N   . LYS A 1 74  ? 10.890  9.556   0.950   1.00 35.84 ? 74  LYS A N   1 
ATOM   594  C CA  . LYS A 1 74  ? 11.603  8.986   2.089   1.00 37.75 ? 74  LYS A CA  1 
ATOM   595  C C   . LYS A 1 74  ? 10.653  7.959   2.687   1.00 36.65 ? 74  LYS A C   1 
ATOM   596  O O   . LYS A 1 74  ? 9.466   8.231   2.856   1.00 36.05 ? 74  LYS A O   1 
ATOM   597  C CB  . LYS A 1 74  ? 11.912  10.074  3.126   1.00 41.58 ? 74  LYS A CB  1 
ATOM   598  C CG  . LYS A 1 74  ? 12.496  11.360  2.541   1.00 46.68 ? 74  LYS A CG  1 
ATOM   599  C CD  . LYS A 1 74  ? 12.156  12.588  3.403   1.00 51.01 ? 74  LYS A CD  1 
ATOM   600  C CE  . LYS A 1 74  ? 13.124  12.763  4.585   1.00 53.60 ? 74  LYS A CE  1 
ATOM   601  N NZ  . LYS A 1 74  ? 13.290  11.537  5.414   1.00 55.03 ? 74  LYS A NZ  1 
ATOM   602  N N   . CYS A 1 75  ? 11.169  6.781   3.006   1.00 36.37 ? 75  CYS A N   1 
ATOM   603  C CA  . CYS A 1 75  ? 10.345  5.725   3.569   1.00 35.46 ? 75  CYS A CA  1 
ATOM   604  C C   . CYS A 1 75  ? 9.545   6.178   4.764   1.00 36.72 ? 75  CYS A C   1 
ATOM   605  O O   . CYS A 1 75  ? 8.400   5.768   4.936   1.00 37.98 ? 75  CYS A O   1 
ATOM   606  C CB  . CYS A 1 75  ? 11.199  4.534   3.975   1.00 33.61 ? 75  CYS A CB  1 
ATOM   607  S SG  . CYS A 1 75  ? 12.112  3.752   2.610   1.00 35.10 ? 75  CYS A SG  1 
ATOM   608  N N   . SER A 1 76  ? 10.142  7.018   5.602   1.00 38.19 ? 76  SER A N   1 
ATOM   609  C CA  . SER A 1 76  ? 9.457   7.507   6.800   1.00 38.60 ? 76  SER A CA  1 
ATOM   610  C C   . SER A 1 76  ? 8.189   8.274   6.446   1.00 38.25 ? 76  SER A C   1 
ATOM   611  O O   . SER A 1 76  ? 7.272   8.371   7.257   1.00 38.69 ? 76  SER A O   1 
ATOM   612  C CB  . SER A 1 76  ? 10.384  8.405   7.616   1.00 39.18 ? 76  SER A CB  1 
ATOM   613  O OG  . SER A 1 76  ? 10.722  9.567   6.880   1.00 41.44 ? 76  SER A OG  1 
ATOM   614  N N   . ASP A 1 77  ? 8.129   8.827   5.242   1.00 37.24 ? 77  ASP A N   1 
ATOM   615  C CA  . ASP A 1 77  ? 6.934   9.548   4.849   1.00 37.56 ? 77  ASP A CA  1 
ATOM   616  C C   . ASP A 1 77  ? 5.801   8.596   4.506   1.00 36.75 ? 77  ASP A C   1 
ATOM   617  O O   . ASP A 1 77  ? 4.706   9.029   4.162   1.00 37.69 ? 77  ASP A O   1 
ATOM   618  C CB  . ASP A 1 77  ? 7.206   10.445  3.643   1.00 40.38 ? 77  ASP A CB  1 
ATOM   619  C CG  . ASP A 1 77  ? 7.760   11.808  4.034   1.00 42.36 ? 77  ASP A CG  1 
ATOM   620  O OD1 . ASP A 1 77  ? 7.596   12.238  5.201   1.00 40.72 ? 77  ASP A OD1 1 
ATOM   621  O OD2 . ASP A 1 77  ? 8.348   12.457  3.150   1.00 44.20 ? 77  ASP A OD2 1 
ATOM   622  N N   . LEU A 1 78  ? 6.068   7.298   4.593   1.00 35.47 ? 78  LEU A N   1 
ATOM   623  C CA  . LEU A 1 78  ? 5.068   6.288   4.280   1.00 33.96 ? 78  LEU A CA  1 
ATOM   624  C C   . LEU A 1 78  ? 4.565   5.647   5.554   1.00 34.63 ? 78  LEU A C   1 
ATOM   625  O O   . LEU A 1 78  ? 3.886   4.630   5.509   1.00 35.93 ? 78  LEU A O   1 
ATOM   626  C CB  . LEU A 1 78  ? 5.654   5.210   3.356   1.00 31.17 ? 78  LEU A CB  1 
ATOM   627  C CG  . LEU A 1 78  ? 6.337   5.681   2.070   1.00 29.23 ? 78  LEU A CG  1 
ATOM   628  C CD1 . LEU A 1 78  ? 7.000   4.525   1.379   1.00 27.80 ? 78  LEU A CD1 1 
ATOM   629  C CD2 . LEU A 1 78  ? 5.338   6.345   1.180   1.00 28.38 ? 78  LEU A CD2 1 
ATOM   630  N N   . LEU A 1 79  ? 4.916   6.226   6.696   1.00 36.05 ? 79  LEU A N   1 
ATOM   631  C CA  . LEU A 1 79  ? 4.462   5.694   7.981   1.00 36.41 ? 79  LEU A CA  1 
ATOM   632  C C   . LEU A 1 79  ? 3.552   6.708   8.672   1.00 37.12 ? 79  LEU A C   1 
ATOM   633  O O   . LEU A 1 79  ? 3.255   6.571   9.857   1.00 38.56 ? 79  LEU A O   1 
ATOM   634  C CB  . LEU A 1 79  ? 5.633   5.397   8.915   1.00 35.14 ? 79  LEU A CB  1 
ATOM   635  C CG  . LEU A 1 79  ? 6.447   4.105   8.902   1.00 35.42 ? 79  LEU A CG  1 
ATOM   636  C CD1 . LEU A 1 79  ? 5.615   2.935   8.417   1.00 33.64 ? 79  LEU A CD1 1 
ATOM   637  C CD2 . LEU A 1 79  ? 7.649   4.314   8.039   1.00 37.40 ? 79  LEU A CD2 1 
ATOM   638  N N   . THR A 1 80  ? 3.116   7.718   7.932   1.00 36.54 ? 80  THR A N   1 
ATOM   639  C CA  . THR A 1 80  ? 2.263   8.759   8.482   1.00 37.28 ? 80  THR A CA  1 
ATOM   640  C C   . THR A 1 80  ? 0.769   8.425   8.377   1.00 38.86 ? 80  THR A C   1 
ATOM   641  O O   . THR A 1 80  ? 0.387   7.505   7.667   1.00 40.28 ? 80  THR A O   1 
ATOM   642  C CB  . THR A 1 80  ? 2.568   10.099  7.785   1.00 36.02 ? 80  THR A CB  1 
ATOM   643  O OG1 . THR A 1 80  ? 2.298   10.000  6.380   1.00 35.46 ? 80  THR A OG1 1 
ATOM   644  C CG2 . THR A 1 80  ? 4.017   10.435  7.945   1.00 34.98 ? 80  THR A CG2 1 
ATOM   645  N N   . ASP A 1 81  ? -0.071  9.155   9.104   1.00 39.80 ? 81  ASP A N   1 
ATOM   646  C CA  . ASP A 1 81  ? -1.518  8.930   9.070   1.00 40.72 ? 81  ASP A CA  1 
ATOM   647  C C   . ASP A 1 81  ? -2.071  9.406   7.739   1.00 39.24 ? 81  ASP A C   1 
ATOM   648  O O   . ASP A 1 81  ? -3.055  8.878   7.238   1.00 38.79 ? 81  ASP A O   1 
ATOM   649  C CB  . ASP A 1 81  ? -2.210  9.691   10.198  1.00 42.87 ? 81  ASP A CB  1 
ATOM   650  C CG  . ASP A 1 81  ? -2.037  9.028   11.544  1.00 45.65 ? 81  ASP A CG  1 
ATOM   651  O OD1 . ASP A 1 81  ? -1.012  8.353   11.757  1.00 49.11 ? 81  ASP A OD1 1 
ATOM   652  O OD2 . ASP A 1 81  ? -2.925  9.193   12.400  1.00 48.69 ? 81  ASP A OD2 1 
ATOM   653  N N   . ASP A 1 82  ? -1.437  10.432  7.192   1.00 38.29 ? 82  ASP A N   1 
ATOM   654  C CA  . ASP A 1 82  ? -1.817  10.979  5.901   1.00 37.66 ? 82  ASP A CA  1 
ATOM   655  C C   . ASP A 1 82  ? -1.197  10.042  4.854   1.00 37.67 ? 82  ASP A C   1 
ATOM   656  O O   . ASP A 1 82  ? 0.014   9.794   4.858   1.00 36.64 ? 82  ASP A O   1 
ATOM   657  C CB  . ASP A 1 82  ? -1.253  12.384  5.756   1.00 38.54 ? 82  ASP A CB  1 
ATOM   658  C CG  . ASP A 1 82  ? -1.608  13.012  4.439   1.00 41.23 ? 82  ASP A CG  1 
ATOM   659  O OD1 . ASP A 1 82  ? -1.201  12.475  3.384   1.00 44.31 ? 82  ASP A OD1 1 
ATOM   660  O OD2 . ASP A 1 82  ? -2.299  14.047  4.454   1.00 43.90 ? 82  ASP A OD2 1 
ATOM   661  N N   . ILE A 1 83  ? -2.017  9.530   3.948   1.00 36.93 ? 83  ILE A N   1 
ATOM   662  C CA  . ILE A 1 83  ? -1.511  8.590   2.962   1.00 36.61 ? 83  ILE A CA  1 
ATOM   663  C C   . ILE A 1 83  ? -1.294  9.140   1.566   1.00 35.93 ? 83  ILE A C   1 
ATOM   664  O O   . ILE A 1 83  ? -1.061  8.371   0.651   1.00 36.72 ? 83  ILE A O   1 
ATOM   665  C CB  . ILE A 1 83  ? -2.454  7.335   2.830   1.00 35.67 ? 83  ILE A CB  1 
ATOM   666  C CG1 . ILE A 1 83  ? -3.779  7.729   2.170   1.00 35.50 ? 83  ILE A CG1 1 
ATOM   667  C CG2 . ILE A 1 83  ? -2.730  6.728   4.189   1.00 34.50 ? 83  ILE A CG2 1 
ATOM   668  C CD1 . ILE A 1 83  ? -4.655  6.541   1.778   1.00 34.52 ? 83  ILE A CD1 1 
ATOM   669  N N   . THR A 1 84  ? -1.335  10.451  1.372   1.00 36.41 ? 84  THR A N   1 
ATOM   670  C CA  . THR A 1 84  ? -1.188  10.925  0.001   1.00 36.19 ? 84  THR A CA  1 
ATOM   671  C C   . THR A 1 84  ? 0.139   10.535  -0.641  1.00 34.78 ? 84  THR A C   1 
ATOM   672  O O   . THR A 1 84  ? 0.163   10.158  -1.809  1.00 34.83 ? 84  THR A O   1 
ATOM   673  C CB  . THR A 1 84  ? -1.431  12.462  -0.146  1.00 36.62 ? 84  THR A CB  1 
ATOM   674  O OG1 . THR A 1 84  ? -0.179  13.137  -0.234  1.00 39.74 ? 84  THR A OG1 1 
ATOM   675  C CG2 . THR A 1 84  ? -2.233  13.008  1.019   1.00 33.24 ? 84  THR A CG2 1 
ATOM   676  N N   . LYS A 1 85  ? 1.237   10.594  0.100   1.00 34.52 ? 85  LYS A N   1 
ATOM   677  C CA  . LYS A 1 85  ? 2.521   10.209  -0.480  1.00 35.44 ? 85  LYS A CA  1 
ATOM   678  C C   . LYS A 1 85  ? 2.605   8.704   -0.772  1.00 35.55 ? 85  LYS A C   1 
ATOM   679  O O   . LYS A 1 85  ? 3.115   8.295   -1.816  1.00 36.65 ? 85  LYS A O   1 
ATOM   680  C CB  . LYS A 1 85  ? 3.667   10.646  0.425   1.00 37.21 ? 85  LYS A CB  1 
ATOM   681  C CG  . LYS A 1 85  ? 4.098   12.096  0.209   1.00 38.00 ? 85  LYS A CG  1 
ATOM   682  C CD  . LYS A 1 85  ? 5.240   12.461  1.148   1.00 40.83 ? 85  LYS A CD  1 
ATOM   683  C CE  . LYS A 1 85  ? 5.842   13.820  0.810   1.00 41.50 ? 85  LYS A CE  1 
ATOM   684  N NZ  . LYS A 1 85  ? 4.797   14.865  0.872   1.00 41.68 ? 85  LYS A NZ  1 
ATOM   685  N N   . ALA A 1 86  ? 2.086   7.887   0.141   1.00 34.47 ? 86  ALA A N   1 
ATOM   686  C CA  . ALA A 1 86  ? 2.075   6.442   -0.029  1.00 32.97 ? 86  ALA A CA  1 
ATOM   687  C C   . ALA A 1 86  ? 1.169   6.072   -1.204  1.00 33.57 ? 86  ALA A C   1 
ATOM   688  O O   . ALA A 1 86  ? 1.485   5.176   -1.991  1.00 32.90 ? 86  ALA A O   1 
ATOM   689  C CB  . ALA A 1 86  ? 1.576   5.765   1.251   1.00 32.61 ? 86  ALA A CB  1 
ATOM   690  N N   . ALA A 1 87  ? 0.038   6.765   -1.322  1.00 33.99 ? 87  ALA A N   1 
ATOM   691  C CA  . ALA A 1 87  ? -0.901  6.500   -2.402  1.00 34.41 ? 87  ALA A CA  1 
ATOM   692  C C   . ALA A 1 87  ? -0.291  6.806   -3.762  1.00 35.76 ? 87  ALA A C   1 
ATOM   693  O O   . ALA A 1 87  ? -0.488  6.041   -4.695  1.00 37.99 ? 87  ALA A O   1 
ATOM   694  C CB  . ALA A 1 87  ? -2.164  7.289   -2.204  1.00 33.55 ? 87  ALA A CB  1 
ATOM   695  N N   . LYS A 1 88  ? 0.456   7.903   -3.886  1.00 36.49 ? 88  LYS A N   1 
ATOM   696  C CA  . LYS A 1 88  ? 1.077   8.237   -5.172  1.00 36.89 ? 88  LYS A CA  1 
ATOM   697  C C   . LYS A 1 88  ? 2.117   7.183   -5.530  1.00 35.90 ? 88  LYS A C   1 
ATOM   698  O O   . LYS A 1 88  ? 2.270   6.822   -6.699  1.00 36.62 ? 88  LYS A O   1 
ATOM   699  C CB  . LYS A 1 88  ? 1.737   9.626   -5.136  1.00 38.43 ? 88  LYS A CB  1 
ATOM   700  C CG  . LYS A 1 88  ? 0.756   10.756  -4.792  1.00 46.21 ? 88  LYS A CG  1 
ATOM   701  C CD  . LYS A 1 88  ? 0.805   11.954  -5.778  1.00 51.03 ? 88  LYS A CD  1 
ATOM   702  C CE  . LYS A 1 88  ? 1.821   13.052  -5.376  1.00 54.17 ? 88  LYS A CE  1 
ATOM   703  N NZ  . LYS A 1 88  ? 1.375   13.928  -4.222  1.00 54.19 ? 88  LYS A NZ  1 
ATOM   704  N N   . CYS A 1 89  ? 2.821   6.679   -4.520  1.00 33.32 ? 89  CYS A N   1 
ATOM   705  C CA  . CYS A 1 89  ? 3.848   5.671   -4.741  1.00 32.05 ? 89  CYS A CA  1 
ATOM   706  C C   . CYS A 1 89  ? 3.243   4.320   -5.097  1.00 31.84 ? 89  CYS A C   1 
ATOM   707  O O   . CYS A 1 89  ? 3.769   3.616   -5.950  1.00 32.25 ? 89  CYS A O   1 
ATOM   708  C CB  . CYS A 1 89  ? 4.738   5.536   -3.504  1.00 30.59 ? 89  CYS A CB  1 
ATOM   709  S SG  . CYS A 1 89  ? 6.102   4.340   -3.668  1.00 30.59 ? 89  CYS A SG  1 
ATOM   710  N N   . ALA A 1 90  ? 2.146   3.956   -4.435  1.00 32.07 ? 90  ALA A N   1 
ATOM   711  C CA  . ALA A 1 90  ? 1.461   2.696   -4.714  1.00 31.42 ? 90  ALA A CA  1 
ATOM   712  C C   . ALA A 1 90  ? 0.926   2.747   -6.147  1.00 30.88 ? 90  ALA A C   1 
ATOM   713  O O   . ALA A 1 90  ? 1.003   1.764   -6.875  1.00 30.48 ? 90  ALA A O   1 
ATOM   714  C CB  . ALA A 1 90  ? 0.310   2.469   -3.711  1.00 30.50 ? 90  ALA A CB  1 
ATOM   715  N N   . LYS A 1 91  ? 0.393   3.892   -6.559  1.00 31.44 ? 91  LYS A N   1 
ATOM   716  C CA  . LYS A 1 91  ? -0.104  4.013   -7.923  1.00 34.47 ? 91  LYS A CA  1 
ATOM   717  C C   . LYS A 1 91  ? 1.039   3.900   -8.928  1.00 35.23 ? 91  LYS A C   1 
ATOM   718  O O   . LYS A 1 91  ? 0.852   3.424   -10.047 1.00 36.52 ? 91  LYS A O   1 
ATOM   719  C CB  . LYS A 1 91  ? -0.875  5.324   -8.121  1.00 35.90 ? 91  LYS A CB  1 
ATOM   720  C CG  . LYS A 1 91  ? -2.220  5.295   -7.411  1.00 39.63 ? 91  LYS A CG  1 
ATOM   721  C CD  . LYS A 1 91  ? -3.329  6.033   -8.136  1.00 43.91 ? 91  LYS A CD  1 
ATOM   722  C CE  . LYS A 1 91  ? -3.245  7.546   -7.969  1.00 47.74 ? 91  LYS A CE  1 
ATOM   723  N NZ  . LYS A 1 91  ? -3.471  8.022   -6.571  1.00 51.85 ? 91  LYS A NZ  1 
ATOM   724  N N   . LYS A 1 92  ? 2.236   4.319   -8.528  1.00 36.27 ? 92  LYS A N   1 
ATOM   725  C CA  . LYS A 1 92  ? 3.389   4.218   -9.414  1.00 35.11 ? 92  LYS A CA  1 
ATOM   726  C C   . LYS A 1 92  ? 3.873   2.777   -9.513  1.00 34.47 ? 92  LYS A C   1 
ATOM   727  O O   . LYS A 1 92  ? 4.308   2.340   -10.559 1.00 35.74 ? 92  LYS A O   1 
ATOM   728  C CB  . LYS A 1 92  ? 4.512   5.106   -8.927  1.00 35.90 ? 92  LYS A CB  1 
ATOM   729  C CG  . LYS A 1 92  ? 5.710   5.045   -9.812  1.00 40.23 ? 92  LYS A CG  1 
ATOM   730  C CD  . LYS A 1 92  ? 6.621   6.227   -9.559  1.00 44.70 ? 92  LYS A CD  1 
ATOM   731  C CE  . LYS A 1 92  ? 7.711   6.286   -10.620 1.00 47.41 ? 92  LYS A CE  1 
ATOM   732  N NZ  . LYS A 1 92  ? 8.539   7.515   -10.493 1.00 51.00 ? 92  LYS A NZ  1 
ATOM   733  N N   . ILE A 1 93  ? 3.799   2.027   -8.424  1.00 33.50 ? 93  ILE A N   1 
ATOM   734  C CA  . ILE A 1 93  ? 4.213   0.635   -8.469  1.00 32.00 ? 93  ILE A CA  1 
ATOM   735  C C   . ILE A 1 93  ? 3.202   -0.151  -9.301  1.00 33.43 ? 93  ILE A C   1 
ATOM   736  O O   . ILE A 1 93  ? 3.569   -1.038  -10.066 1.00 33.64 ? 93  ILE A O   1 
ATOM   737  C CB  . ILE A 1 93  ? 4.261   0.007   -7.060  1.00 29.83 ? 93  ILE A CB  1 
ATOM   738  C CG1 . ILE A 1 93  ? 5.238   0.785   -6.186  1.00 27.81 ? 93  ILE A CG1 1 
ATOM   739  C CG2 . ILE A 1 93  ? 4.631   -1.466  -7.156  1.00 26.09 ? 93  ILE A CG2 1 
ATOM   740  C CD1 . ILE A 1 93  ? 5.290   0.322   -4.762  1.00 26.59 ? 93  ILE A CD1 1 
ATOM   741  N N   . TYR A 1 94  ? 1.923   0.178   -9.147  1.00 35.06 ? 94  TYR A N   1 
ATOM   742  C CA  . TYR A 1 94  ? 0.879   -0.534  -9.873  1.00 36.90 ? 94  TYR A CA  1 
ATOM   743  C C   . TYR A 1 94  ? 0.974   -0.286  -11.365 1.00 39.23 ? 94  TYR A C   1 
ATOM   744  O O   . TYR A 1 94  ? 0.837   -1.210  -12.177 1.00 39.61 ? 94  TYR A O   1 
ATOM   745  C CB  . TYR A 1 94  ? -0.508  -0.103  -9.394  1.00 36.02 ? 94  TYR A CB  1 
ATOM   746  C CG  . TYR A 1 94  ? -1.625  -0.704  -10.228 1.00 35.33 ? 94  TYR A CG  1 
ATOM   747  C CD1 . TYR A 1 94  ? -2.062  -2.006  -10.008 1.00 34.54 ? 94  TYR A CD1 1 
ATOM   748  C CD2 . TYR A 1 94  ? -2.211  0.023   -11.274 1.00 35.87 ? 94  TYR A CD2 1 
ATOM   749  C CE1 . TYR A 1 94  ? -3.052  -2.573  -10.801 1.00 36.01 ? 94  TYR A CE1 1 
ATOM   750  C CE2 . TYR A 1 94  ? -3.203  -0.536  -12.073 1.00 34.99 ? 94  TYR A CE2 1 
ATOM   751  C CZ  . TYR A 1 94  ? -3.617  -1.831  -11.831 1.00 36.04 ? 94  TYR A CZ  1 
ATOM   752  O OH  . TYR A 1 94  ? -4.607  -2.385  -12.611 1.00 38.88 ? 94  TYR A OH  1 
ATOM   753  N N   . LYS A 1 95  ? 1.187   0.977   -11.715 1.00 40.43 ? 95  LYS A N   1 
ATOM   754  C CA  . LYS A 1 95  ? 1.291   1.373   -13.097 1.00 42.47 ? 95  LYS A CA  1 
ATOM   755  C C   . LYS A 1 95  ? 2.392   0.586   -13.780 1.00 42.76 ? 95  LYS A C   1 
ATOM   756  O O   . LYS A 1 95  ? 2.334   0.368   -14.986 1.00 44.82 ? 95  LYS A O   1 
ATOM   757  C CB  . LYS A 1 95  ? 1.574   2.871   -13.182 1.00 46.32 ? 95  LYS A CB  1 
ATOM   758  C CG  . LYS A 1 95  ? 1.859   3.384   -14.586 1.00 51.06 ? 95  LYS A CG  1 
ATOM   759  C CD  . LYS A 1 95  ? 2.735   4.641   -14.523 1.00 55.70 ? 95  LYS A CD  1 
ATOM   760  C CE  . LYS A 1 95  ? 3.467   4.919   -15.846 1.00 58.59 ? 95  LYS A CE  1 
ATOM   761  N NZ  . LYS A 1 95  ? 4.633   5.856   -15.647 1.00 60.69 ? 95  LYS A NZ  1 
ATOM   762  N N   . ARG A 1 96  ? 3.382   0.131   -13.017 1.00 41.97 ? 96  ARG A N   1 
ATOM   763  C CA  . ARG A 1 96  ? 4.490   -0.620  -13.600 1.00 41.11 ? 96  ARG A CA  1 
ATOM   764  C C   . ARG A 1 96  ? 4.437   -2.133  -13.452 1.00 40.46 ? 96  ARG A C   1 
ATOM   765  O O   . ARG A 1 96  ? 4.925   -2.861  -14.305 1.00 40.27 ? 96  ARG A O   1 
ATOM   766  C CB  . ARG A 1 96  ? 5.824   -0.139  -13.023 1.00 42.54 ? 96  ARG A CB  1 
ATOM   767  C CG  . ARG A 1 96  ? 7.023   -0.902  -13.596 1.00 44.00 ? 96  ARG A CG  1 
ATOM   768  C CD  . ARG A 1 96  ? 8.335   -0.463  -12.980 1.00 45.52 ? 96  ARG A CD  1 
ATOM   769  N NE  . ARG A 1 96  ? 8.505   0.990   -12.998 1.00 45.41 ? 96  ARG A NE  1 
ATOM   770  C CZ  . ARG A 1 96  ? 9.486   1.626   -12.365 1.00 43.85 ? 96  ARG A CZ  1 
ATOM   771  N NH1 . ARG A 1 96  ? 10.383  0.938   -11.669 1.00 41.20 ? 96  ARG A NH1 1 
ATOM   772  N NH2 . ARG A 1 96  ? 9.563   2.950   -12.416 1.00 44.03 ? 96  ARG A NH2 1 
ATOM   773  N N   . HIS A 1 97  ? 3.861   -2.623  -12.369 1.00 39.86 ? 97  HIS A N   1 
ATOM   774  C CA  . HIS A 1 97  ? 3.827   -4.059  -12.173 1.00 39.74 ? 97  HIS A CA  1 
ATOM   775  C C   . HIS A 1 97  ? 2.423   -4.611  -11.986 1.00 40.00 ? 97  HIS A C   1 
ATOM   776  O O   . HIS A 1 97  ? 2.264   -5.812  -11.799 1.00 39.95 ? 97  HIS A O   1 
ATOM   777  C CB  . HIS A 1 97  ? 4.674   -4.424  -10.948 1.00 40.35 ? 97  HIS A CB  1 
ATOM   778  C CG  . HIS A 1 97  ? 6.116   -4.038  -11.067 1.00 41.11 ? 97  HIS A CG  1 
ATOM   779  N ND1 . HIS A 1 97  ? 7.062   -4.856  -11.649 1.00 41.89 ? 97  HIS A ND1 1 
ATOM   780  C CD2 . HIS A 1 97  ? 6.778   -2.925  -10.673 1.00 42.37 ? 97  HIS A CD2 1 
ATOM   781  C CE1 . HIS A 1 97  ? 8.242   -4.264  -11.604 1.00 41.98 ? 97  HIS A CE1 1 
ATOM   782  N NE2 . HIS A 1 97  ? 8.098   -3.090  -11.019 1.00 41.30 ? 97  HIS A NE2 1 
ATOM   783  N N   . ARG A 1 98  ? 1.404   -3.757  -12.059 1.00 40.61 ? 98  ARG A N   1 
ATOM   784  C CA  . ARG A 1 98  ? 0.045   -4.224  -11.825 1.00 41.83 ? 98  ARG A CA  1 
ATOM   785  C C   . ARG A 1 98  ? 0.031   -4.683  -10.345 1.00 41.17 ? 98  ARG A C   1 
ATOM   786  O O   . ARG A 1 98  ? 0.776   -4.142  -9.526  1.00 39.97 ? 98  ARG A O   1 
ATOM   787  C CB  . ARG A 1 98  ? -0.288  -5.396  -12.752 1.00 44.87 ? 98  ARG A CB  1 
ATOM   788  C CG  . ARG A 1 98  ? -1.289  -5.095  -13.863 1.00 50.34 ? 98  ARG A CG  1 
ATOM   789  C CD  . ARG A 1 98  ? -0.728  -4.173  -14.928 1.00 55.32 ? 98  ARG A CD  1 
ATOM   790  N NE  . ARG A 1 98  ? -1.356  -2.853  -14.890 1.00 60.94 ? 98  ARG A NE  1 
ATOM   791  C CZ  . ARG A 1 98  ? -0.975  -1.816  -15.634 1.00 63.47 ? 98  ARG A CZ  1 
ATOM   792  N NH1 . ARG A 1 98  ? 0.040   -1.942  -16.489 1.00 64.01 ? 98  ARG A NH1 1 
ATOM   793  N NH2 . ARG A 1 98  ? -1.597  -0.644  -15.510 1.00 64.28 ? 98  ARG A NH2 1 
ATOM   794  N N   . PHE A 1 99  ? -0.781  -5.680  -9.999  1.00 40.31 ? 99  PHE A N   1 
ATOM   795  C CA  . PHE A 1 99  ? -0.837  -6.142  -8.606  1.00 39.38 ? 99  PHE A CA  1 
ATOM   796  C C   . PHE A 1 99  ? 0.188   -7.194  -8.268  1.00 39.79 ? 99  PHE A C   1 
ATOM   797  O O   . PHE A 1 99  ? 0.287   -7.606  -7.117  1.00 41.28 ? 99  PHE A O   1 
ATOM   798  C CB  . PHE A 1 99  ? -2.218  -6.710  -8.248  1.00 36.65 ? 99  PHE A CB  1 
ATOM   799  C CG  . PHE A 1 99  ? -3.290  -5.674  -8.137  1.00 35.45 ? 99  PHE A CG  1 
ATOM   800  C CD1 . PHE A 1 99  ? -3.123  -4.571  -7.308  1.00 34.21 ? 99  PHE A CD1 1 
ATOM   801  C CD2 . PHE A 1 99  ? -4.464  -5.793  -8.866  1.00 34.90 ? 99  PHE A CD2 1 
ATOM   802  C CE1 . PHE A 1 99  ? -4.101  -3.609  -7.208  1.00 34.02 ? 99  PHE A CE1 1 
ATOM   803  C CE2 . PHE A 1 99  ? -5.452  -4.832  -8.773  1.00 34.32 ? 99  PHE A CE2 1 
ATOM   804  C CZ  . PHE A 1 99  ? -5.272  -3.737  -7.943  1.00 34.77 ? 99  PHE A CZ  1 
ATOM   805  N N   . ASP A 1 100 ? 0.955   -7.629  -9.254  1.00 39.88 ? 100 ASP A N   1 
ATOM   806  C CA  . ASP A 1 100 ? 1.942   -8.666  -9.012  1.00 41.22 ? 100 ASP A CA  1 
ATOM   807  C C   . ASP A 1 100 ? 3.096   -8.255  -8.107  1.00 40.27 ? 100 ASP A C   1 
ATOM   808  O O   . ASP A 1 100 ? 3.817   -9.103  -7.575  1.00 39.08 ? 100 ASP A O   1 
ATOM   809  C CB  . ASP A 1 100 ? 2.458   -9.206  -10.350 1.00 44.51 ? 100 ASP A CB  1 
ATOM   810  C CG  . ASP A 1 100 ? 1.434   -10.087 -11.037 1.00 48.08 ? 100 ASP A CG  1 
ATOM   811  O OD1 . ASP A 1 100 ? 0.371   -9.564  -11.438 1.00 49.80 ? 100 ASP A OD1 1 
ATOM   812  O OD2 . ASP A 1 100 ? 1.676   -11.310 -11.153 1.00 51.05 ? 100 ASP A OD2 1 
ATOM   813  N N   . ALA A 1 101 ? 3.261   -6.953  -7.916  1.00 39.14 ? 101 ALA A N   1 
ATOM   814  C CA  . ALA A 1 101 ? 4.322   -6.463  -7.063  1.00 38.74 ? 101 ALA A CA  1 
ATOM   815  C C   . ALA A 1 101 ? 4.069   -6.826  -5.598  1.00 39.54 ? 101 ALA A C   1 
ATOM   816  O O   . ALA A 1 101 ? 4.993   -6.830  -4.785  1.00 40.63 ? 101 ALA A O   1 
ATOM   817  C CB  . ALA A 1 101 ? 4.443   -4.962  -7.219  1.00 38.27 ? 101 ALA A CB  1 
ATOM   818  N N   . TRP A 1 102 ? 2.822   -7.148  -5.258  1.00 39.41 ? 102 TRP A N   1 
ATOM   819  C CA  . TRP A 1 102 ? 2.472   -7.476  -3.875  1.00 39.52 ? 102 TRP A CA  1 
ATOM   820  C C   . TRP A 1 102 ? 2.221   -8.951  -3.592  1.00 41.17 ? 102 TRP A C   1 
ATOM   821  O O   . TRP A 1 102 ? 1.286   -9.536  -4.107  1.00 41.08 ? 102 TRP A O   1 
ATOM   822  C CB  . TRP A 1 102 ? 1.240   -6.672  -3.456  1.00 35.85 ? 102 TRP A CB  1 
ATOM   823  C CG  . TRP A 1 102 ? 1.503   -5.214  -3.237  1.00 32.24 ? 102 TRP A CG  1 
ATOM   824  C CD1 . TRP A 1 102 ? 1.934   -4.628  -2.086  1.00 30.79 ? 102 TRP A CD1 1 
ATOM   825  C CD2 . TRP A 1 102 ? 1.335   -4.151  -4.189  1.00 30.43 ? 102 TRP A CD2 1 
ATOM   826  N NE1 . TRP A 1 102 ? 2.035   -3.270  -2.254  1.00 29.92 ? 102 TRP A NE1 1 
ATOM   827  C CE2 . TRP A 1 102 ? 1.676   -2.949  -3.536  1.00 29.92 ? 102 TRP A CE2 1 
ATOM   828  C CE3 . TRP A 1 102 ? 0.935   -4.098  -5.527  1.00 29.71 ? 102 TRP A CE3 1 
ATOM   829  C CZ2 . TRP A 1 102 ? 1.627   -1.706  -4.176  1.00 29.58 ? 102 TRP A CZ2 1 
ATOM   830  C CZ3 . TRP A 1 102 ? 0.887   -2.857  -6.168  1.00 28.68 ? 102 TRP A CZ3 1 
ATOM   831  C CH2 . TRP A 1 102 ? 1.231   -1.682  -5.492  1.00 28.73 ? 102 TRP A CH2 1 
ATOM   832  N N   . TYR A 1 103 ? 3.058   -9.534  -2.746  1.00 44.68 ? 103 TYR A N   1 
ATOM   833  C CA  . TYR A 1 103 ? 2.943   -10.934 -2.358  1.00 47.49 ? 103 TYR A CA  1 
ATOM   834  C C   . TYR A 1 103 ? 1.554   -11.208 -1.779  1.00 46.66 ? 103 TYR A C   1 
ATOM   835  O O   . TYR A 1 103 ? 0.866   -12.130 -2.208  1.00 47.32 ? 103 TYR A O   1 
ATOM   836  C CB  . TYR A 1 103 ? 4.031   -11.252 -1.322  1.00 52.70 ? 103 TYR A CB  1 
ATOM   837  C CG  . TYR A 1 103 ? 4.100   -12.695 -0.849  1.00 59.60 ? 103 TYR A CG  1 
ATOM   838  C CD1 . TYR A 1 103 ? 3.125   -13.230 0.014   1.00 62.14 ? 103 TYR A CD1 1 
ATOM   839  C CD2 . TYR A 1 103 ? 5.159   -13.527 -1.246  1.00 62.83 ? 103 TYR A CD2 1 
ATOM   840  C CE1 . TYR A 1 103 ? 3.203   -14.560 0.470   1.00 63.49 ? 103 TYR A CE1 1 
ATOM   841  C CE2 . TYR A 1 103 ? 5.250   -14.858 -0.796  1.00 64.61 ? 103 TYR A CE2 1 
ATOM   842  C CZ  . TYR A 1 103 ? 4.271   -15.366 0.059   1.00 65.14 ? 103 TYR A CZ  1 
ATOM   843  O OH  . TYR A 1 103 ? 4.363   -16.675 0.495   1.00 66.25 ? 103 TYR A OH  1 
ATOM   844  N N   . GLY A 1 104 ? 1.150   -10.394 -0.810  1.00 46.03 ? 104 GLY A N   1 
ATOM   845  C CA  . GLY A 1 104 ? -0.151  -10.545 -0.173  1.00 44.93 ? 104 GLY A CA  1 
ATOM   846  C C   . GLY A 1 104 ? -1.322  -10.654 -1.130  1.00 44.56 ? 104 GLY A C   1 
ATOM   847  O O   . GLY A 1 104 ? -2.237  -11.439 -0.912  1.00 45.58 ? 104 GLY A O   1 
ATOM   848  N N   . TRP A 1 105 ? -1.304  -9.867  -2.194  1.00 43.38 ? 105 TRP A N   1 
ATOM   849  C CA  . TRP A 1 105 ? -2.377  -9.903  -3.164  1.00 42.93 ? 105 TRP A CA  1 
ATOM   850  C C   . TRP A 1 105 ? -2.280  -11.177 -3.983  1.00 45.22 ? 105 TRP A C   1 
ATOM   851  O O   . TRP A 1 105 ? -3.263  -11.901 -4.167  1.00 45.06 ? 105 TRP A O   1 
ATOM   852  C CB  . TRP A 1 105 ? -2.265  -8.715  -4.105  1.00 40.09 ? 105 TRP A CB  1 
ATOM   853  C CG  . TRP A 1 105 ? -3.330  -8.692  -5.160  1.00 38.49 ? 105 TRP A CG  1 
ATOM   854  C CD1 . TRP A 1 105 ? -4.573  -8.118  -5.066  1.00 37.17 ? 105 TRP A CD1 1 
ATOM   855  C CD2 . TRP A 1 105 ? -3.250  -9.259  -6.475  1.00 38.02 ? 105 TRP A CD2 1 
ATOM   856  N NE1 . TRP A 1 105 ? -5.266  -8.288  -6.241  1.00 36.20 ? 105 TRP A NE1 1 
ATOM   857  C CE2 . TRP A 1 105 ? -4.480  -8.983  -7.125  1.00 37.44 ? 105 TRP A CE2 1 
ATOM   858  C CE3 . TRP A 1 105 ? -2.260  -9.970  -7.172  1.00 36.94 ? 105 TRP A CE3 1 
ATOM   859  C CZ2 . TRP A 1 105 ? -4.745  -9.396  -8.444  1.00 35.99 ? 105 TRP A CZ2 1 
ATOM   860  C CZ3 . TRP A 1 105 ? -2.527  -10.379 -8.486  1.00 37.00 ? 105 TRP A CZ3 1 
ATOM   861  C CH2 . TRP A 1 105 ? -3.762  -10.089 -9.102  1.00 35.48 ? 105 TRP A CH2 1 
ATOM   862  N N   . LYS A 1 106 ? -1.069  -11.432 -4.470  1.00 47.34 ? 106 LYS A N   1 
ATOM   863  C CA  . LYS A 1 106 ? -0.774  -12.574 -5.319  1.00 49.10 ? 106 LYS A CA  1 
ATOM   864  C C   . LYS A 1 106 ? -1.306  -13.894 -4.792  1.00 50.07 ? 106 LYS A C   1 
ATOM   865  O O   . LYS A 1 106 ? -1.801  -14.716 -5.566  1.00 50.85 ? 106 LYS A O   1 
ATOM   866  C CB  . LYS A 1 106 ? 0.730   -12.676 -5.544  1.00 50.26 ? 106 LYS A CB  1 
ATOM   867  C CG  . LYS A 1 106 ? 1.126   -13.269 -6.883  1.00 52.81 ? 106 LYS A CG  1 
ATOM   868  C CD  . LYS A 1 106 ? 2.640   -13.268 -7.038  1.00 55.26 ? 106 LYS A CD  1 
ATOM   869  C CE  . LYS A 1 106 ? 3.196   -11.858 -6.869  1.00 58.02 ? 106 LYS A CE  1 
ATOM   870  N NZ  . LYS A 1 106 ? 4.692   -11.810 -6.804  1.00 60.18 ? 106 LYS A NZ  1 
ATOM   871  N N   . ASN A 1 107 ? -1.225  -14.119 -3.488  1.00 49.66 ? 107 ASN A N   1 
ATOM   872  C CA  . ASN A 1 107 ? -1.735  -15.381 -2.987  1.00 51.01 ? 107 ASN A CA  1 
ATOM   873  C C   . ASN A 1 107 ? -2.771  -15.293 -1.870  1.00 50.89 ? 107 ASN A C   1 
ATOM   874  O O   . ASN A 1 107 ? -2.696  -16.022 -0.884  1.00 52.18 ? 107 ASN A O   1 
ATOM   875  C CB  . ASN A 1 107 ? -0.566  -16.282 -2.575  1.00 54.20 ? 107 ASN A CB  1 
ATOM   876  C CG  . ASN A 1 107 ? 0.348   -15.630 -1.568  1.00 55.07 ? 107 ASN A CG  1 
ATOM   877  O OD1 . ASN A 1 107 ? 1.572   -15.605 -1.743  1.00 54.30 ? 107 ASN A OD1 1 
ATOM   878  N ND2 . ASN A 1 107 ? -0.238  -15.106 -0.494  1.00 56.38 ? 107 ASN A ND2 1 
ATOM   879  N N   . HIS A 1 108 ? -3.743  -14.401 -2.038  1.00 50.04 ? 108 HIS A N   1 
ATOM   880  C CA  . HIS A 1 108 ? -4.820  -14.222 -1.066  1.00 48.07 ? 108 HIS A CA  1 
ATOM   881  C C   . HIS A 1 108 ? -6.005  -13.548 -1.726  1.00 46.50 ? 108 HIS A C   1 
ATOM   882  O O   . HIS A 1 108 ? -7.128  -13.648 -1.233  1.00 46.25 ? 108 HIS A O   1 
ATOM   883  C CB  . HIS A 1 108 ? -4.377  -13.351 0.107   1.00 49.70 ? 108 HIS A CB  1 
ATOM   884  C CG  . HIS A 1 108 ? -3.579  -14.076 1.144   1.00 52.54 ? 108 HIS A CG  1 
ATOM   885  N ND1 . HIS A 1 108 ? -4.113  -15.075 1.928   1.00 53.53 ? 108 HIS A ND1 1 
ATOM   886  C CD2 . HIS A 1 108 ? -2.295  -13.923 1.548   1.00 53.08 ? 108 HIS A CD2 1 
ATOM   887  C CE1 . HIS A 1 108 ? -3.192  -15.508 2.774   1.00 54.35 ? 108 HIS A CE1 1 
ATOM   888  N NE2 . HIS A 1 108 ? -2.079  -14.824 2.564   1.00 54.80 ? 108 HIS A NE2 1 
ATOM   889  N N   . CYS A 1 109 ? -5.753  -12.875 -2.847  1.00 44.88 ? 109 CYS A N   1 
ATOM   890  C CA  . CYS A 1 109 ? -6.797  -12.139 -3.556  1.00 43.39 ? 109 CYS A CA  1 
ATOM   891  C C   . CYS A 1 109 ? -7.083  -12.659 -4.945  1.00 45.33 ? 109 CYS A C   1 
ATOM   892  O O   . CYS A 1 109 ? -7.567  -11.921 -5.803  1.00 44.85 ? 109 CYS A O   1 
ATOM   893  C CB  . CYS A 1 109 ? -6.413  -10.661 -3.641  1.00 39.47 ? 109 CYS A CB  1 
ATOM   894  S SG  . CYS A 1 109 ? -6.017  -9.972  -2.013  1.00 31.61 ? 109 CYS A SG  1 
ATOM   895  N N   . GLN A 1 110 ? -6.786  -13.935 -5.163  1.00 48.10 ? 110 GLN A N   1 
ATOM   896  C CA  . GLN A 1 110 ? -7.011  -14.564 -6.460  1.00 49.40 ? 110 GLN A CA  1 
ATOM   897  C C   . GLN A 1 110 ? -8.412  -15.149 -6.520  1.00 50.21 ? 110 GLN A C   1 
ATOM   898  O O   . GLN A 1 110 ? -9.025  -15.229 -7.583  1.00 50.71 ? 110 GLN A O   1 
ATOM   899  C CB  . GLN A 1 110 ? -5.963  -15.649 -6.692  1.00 49.96 ? 110 GLN A CB  1 
ATOM   900  C CG  . GLN A 1 110 ? -4.581  -15.076 -6.937  1.00 51.93 ? 110 GLN A CG  1 
ATOM   901  C CD  . GLN A 1 110 ? -4.619  -13.927 -7.942  1.00 53.86 ? 110 GLN A CD  1 
ATOM   902  O OE1 . GLN A 1 110 ? -5.189  -14.054 -9.025  1.00 53.90 ? 110 GLN A OE1 1 
ATOM   903  N NE2 . GLN A 1 110 ? -4.014  -12.800 -7.579  1.00 55.91 ? 110 GLN A NE2 1 
ATOM   904  N N   . GLY A 1 111 ? -8.918  -15.540 -5.356  1.00 50.87 ? 111 GLY A N   1 
ATOM   905  C CA  . GLY A 1 111 ? -10.248 -16.101 -5.287  1.00 50.36 ? 111 GLY A CA  1 
ATOM   906  C C   . GLY A 1 111 ? -11.264 -15.009 -5.039  1.00 50.54 ? 111 GLY A C   1 
ATOM   907  O O   . GLY A 1 111 ? -11.322 -14.007 -5.762  1.00 51.31 ? 111 GLY A O   1 
ATOM   908  N N   . SER A 1 112 ? -12.058 -15.182 -3.994  1.00 49.33 ? 112 SER A N   1 
ATOM   909  C CA  . SER A 1 112 ? -13.083 -14.207 -3.689  1.00 48.91 ? 112 SER A CA  1 
ATOM   910  C C   . SER A 1 112 ? -12.537 -12.903 -3.093  1.00 47.14 ? 112 SER A C   1 
ATOM   911  O O   . SER A 1 112 ? -11.544 -12.905 -2.360  1.00 48.08 ? 112 SER A O   1 
ATOM   912  C CB  . SER A 1 112 ? -14.107 -14.839 -2.759  1.00 50.54 ? 112 SER A CB  1 
ATOM   913  O OG  . SER A 1 112 ? -15.404 -14.378 -3.094  1.00 55.87 ? 112 SER A OG  1 
ATOM   914  N N   . LEU A 1 113 ? -13.194 -11.789 -3.403  1.00 43.83 ? 113 LEU A N   1 
ATOM   915  C CA  . LEU A 1 113 ? -12.756 -10.493 -2.897  1.00 40.86 ? 113 LEU A CA  1 
ATOM   916  C C   . LEU A 1 113 ? -13.692 -9.948  -1.809  1.00 39.26 ? 113 LEU A C   1 
ATOM   917  O O   . LEU A 1 113 ? -14.865 -10.317 -1.749  1.00 39.94 ? 113 LEU A O   1 
ATOM   918  C CB  . LEU A 1 113 ? -12.661 -9.506  -4.062  1.00 38.90 ? 113 LEU A CB  1 
ATOM   919  C CG  . LEU A 1 113 ? -11.705 -9.926  -5.182  1.00 37.24 ? 113 LEU A CG  1 
ATOM   920  C CD1 . LEU A 1 113 ? -11.892 -9.016  -6.360  1.00 37.42 ? 113 LEU A CD1 1 
ATOM   921  C CD2 . LEU A 1 113 ? -10.277 -9.875  -4.709  1.00 36.76 ? 113 LEU A CD2 1 
ATOM   922  N N   . PRO A 1 114 ? -13.185 -9.049  -0.946  1.00 37.04 ? 114 PRO A N   1 
ATOM   923  C CA  . PRO A 1 114 ? -13.949 -8.439  0.150   1.00 35.78 ? 114 PRO A CA  1 
ATOM   924  C C   . PRO A 1 114 ? -15.276 -7.816  -0.276  1.00 35.16 ? 114 PRO A C   1 
ATOM   925  O O   . PRO A 1 114 ? -15.394 -7.296  -1.377  1.00 34.73 ? 114 PRO A O   1 
ATOM   926  C CB  . PRO A 1 114 ? -13.002 -7.365  0.680   1.00 35.59 ? 114 PRO A CB  1 
ATOM   927  C CG  . PRO A 1 114 ? -11.660 -7.853  0.311   1.00 36.67 ? 114 PRO A CG  1 
ATOM   928  C CD  . PRO A 1 114 ? -11.861 -8.418  -1.060  1.00 36.77 ? 114 PRO A CD  1 
ATOM   929  N N   . ASP A 1 115 ? -16.267 -7.856  0.611   1.00 34.32 ? 115 ASP A N   1 
ATOM   930  C CA  . ASP A 1 115 ? -17.556 -7.247  0.327   1.00 32.04 ? 115 ASP A CA  1 
ATOM   931  C C   . ASP A 1 115 ? -17.470 -5.800  0.775   1.00 31.40 ? 115 ASP A C   1 
ATOM   932  O O   . ASP A 1 115 ? -17.364 -5.535  1.970   1.00 31.49 ? 115 ASP A O   1 
ATOM   933  C CB  . ASP A 1 115 ? -18.651 -7.945  1.116   1.00 32.31 ? 115 ASP A CB  1 
ATOM   934  C CG  . ASP A 1 115 ? -20.021 -7.296  0.927   1.00 33.45 ? 115 ASP A CG  1 
ATOM   935  O OD1 . ASP A 1 115 ? -20.130 -6.248  0.257   1.00 32.74 ? 115 ASP A OD1 1 
ATOM   936  O OD2 . ASP A 1 115 ? -21.004 -7.847  1.460   1.00 35.62 ? 115 ASP A OD2 1 
ATOM   937  N N   . ILE A 1 116 ? -17.505 -4.860  -0.162  1.00 29.76 ? 116 ILE A N   1 
ATOM   938  C CA  . ILE A 1 116 ? -17.435 -3.455  0.226   1.00 29.36 ? 116 ILE A CA  1 
ATOM   939  C C   . ILE A 1 116 ? -18.723 -2.727  -0.145  1.00 30.38 ? 116 ILE A C   1 
ATOM   940  O O   . ILE A 1 116 ? -18.722 -1.507  -0.318  1.00 32.48 ? 116 ILE A O   1 
ATOM   941  C CB  . ILE A 1 116 ? -16.237 -2.702  -0.463  1.00 28.91 ? 116 ILE A CB  1 
ATOM   942  C CG1 . ILE A 1 116 ? -16.396 -2.742  -1.985  1.00 27.09 ? 116 ILE A CG1 1 
ATOM   943  C CG2 . ILE A 1 116 ? -14.901 -3.291  -0.027  1.00 25.78 ? 116 ILE A CG2 1 
ATOM   944  C CD1 . ILE A 1 116 ? -15.371 -1.928  -2.730  1.00 27.92 ? 116 ILE A CD1 1 
ATOM   945  N N   . SER A 1 117 ? -19.821 -3.470  -0.273  1.00 30.08 ? 117 SER A N   1 
ATOM   946  C CA  . SER A 1 117 ? -21.110 -2.888  -0.646  1.00 29.51 ? 117 SER A CA  1 
ATOM   947  C C   . SER A 1 117 ? -21.703 -1.986  0.427   1.00 29.63 ? 117 SER A C   1 
ATOM   948  O O   . SER A 1 117 ? -22.621 -1.215  0.145   1.00 29.17 ? 117 SER A O   1 
ATOM   949  C CB  . SER A 1 117 ? -22.102 -3.989  -0.989  1.00 29.22 ? 117 SER A CB  1 
ATOM   950  O OG  . SER A 1 117 ? -22.318 -4.829  0.126   1.00 34.37 ? 117 SER A OG  1 
ATOM   951  N N   . SER A 1 118 ? -21.171 -2.082  1.644   1.00 29.33 ? 118 SER A N   1 
ATOM   952  C CA  . SER A 1 118 ? -21.622 -1.273  2.778   1.00 29.93 ? 118 SER A CA  1 
ATOM   953  C C   . SER A 1 118 ? -20.984 0.092   2.800   1.00 29.67 ? 118 SER A C   1 
ATOM   954  O O   . SER A 1 118 ? -21.444 0.999   3.498   1.00 27.99 ? 118 SER A O   1 
ATOM   955  C CB  . SER A 1 118 ? -21.254 -1.945  4.086   1.00 29.55 ? 118 SER A CB  1 
ATOM   956  O OG  . SER A 1 118 ? -22.040 -3.098  4.251   1.00 37.41 ? 118 SER A OG  1 
ATOM   957  N N   . CYS A 1 119 ? -19.903 0.221   2.043   1.00 30.11 ? 119 CYS A N   1 
ATOM   958  C CA  . CYS A 1 119 ? -19.139 1.449   1.999   1.00 29.58 ? 119 CYS A CA  1 
ATOM   959  C C   . CYS A 1 119 ? -19.701 2.449   1.016   1.00 30.93 ? 119 CYS A C   1 
ATOM   960  O O   . CYS A 1 119 ? -19.881 3.610   1.420   1.00 31.36 ? 119 CYS A O   1 
ATOM   961  C CB  . CYS A 1 119 ? -17.705 1.118   1.638   1.00 29.55 ? 119 CYS A CB  1 
ATOM   962  S SG  . CYS A 1 119 ? -16.933 -0.191  2.642   1.00 29.42 ? 119 CYS A SG  1 
ATOM   963  O OXT . CYS A 1 119 ? -19.945 2.062   -0.146  1.00 34.50 ? 119 CYS A OXT 1 
HETATM 964  O O   . HOH B 2 .   ? 2.114   8.887   3.249   1.00 29.74 ? 120 HOH A O   1 
HETATM 965  O O   . HOH B 2 .   ? -18.512 -5.278  -3.039  1.00 39.01 ? 121 HOH A O   1 
HETATM 966  O O   . HOH B 2 .   ? -9.795  -9.152  2.394   1.00 49.42 ? 122 HOH A O   1 
HETATM 967  O O   . HOH B 2 .   ? -13.733 -2.961  9.321   1.00 32.81 ? 123 HOH A O   1 
HETATM 968  O O   . HOH B 2 .   ? 7.015   -2.759  -2.461  1.00 38.43 ? 124 HOH A O   1 
HETATM 969  O O   . HOH B 2 .   ? -13.204 5.665   -10.209 1.00 46.22 ? 125 HOH A O   1 
HETATM 970  O O   . HOH B 2 .   ? -23.118 -0.336  -2.685  1.00 35.20 ? 126 HOH A O   1 
HETATM 971  O O   . HOH B 2 .   ? -11.642 -4.945  -7.916  1.00 49.38 ? 127 HOH A O   1 
HETATM 972  O O   . HOH B 2 .   ? 1.902   11.978  3.007   1.00 28.80 ? 128 HOH A O   1 
HETATM 973  O O   . HOH B 2 .   ? 1.410   3.980   4.571   1.00 34.94 ? 129 HOH A O   1 
HETATM 974  O O   . HOH B 2 .   ? 2.786   2.380   2.441   1.00 38.40 ? 130 HOH A O   1 
HETATM 975  O O   . HOH B 2 .   ? -10.583 7.375   9.000   1.00 55.84 ? 131 HOH A O   1 
HETATM 976  O O   . HOH B 2 .   ? -11.277 4.303   9.730   1.00 36.01 ? 132 HOH A O   1 
HETATM 977  O O   . HOH B 2 .   ? 5.137   -7.125  3.942   1.00 57.59 ? 133 HOH A O   1 
HETATM 978  O O   . HOH B 2 .   ? 0.720   6.852   5.053   1.00 40.17 ? 134 HOH A O   1 
HETATM 979  O O   . HOH B 2 .   ? 0.795   11.395  11.273  1.00 48.12 ? 135 HOH A O   1 
HETATM 980  O O   . HOH B 2 .   ? 15.976  4.439   -7.942  1.00 45.75 ? 136 HOH A O   1 
HETATM 981  O O   . HOH B 2 .   ? -20.985 5.936   0.444   1.00 45.77 ? 137 HOH A O   1 
HETATM 982  O O   . HOH B 2 .   ? -23.752 -8.054  1.502   1.00 49.16 ? 138 HOH A O   1 
HETATM 983  O O   . HOH B 2 .   ? -8.430  -10.331 -7.900  1.00 42.04 ? 139 HOH A O   1 
HETATM 984  O O   . HOH B 2 .   ? 0.872   6.153   11.051  1.00 42.11 ? 140 HOH A O   1 
HETATM 985  O O   . HOH B 2 .   ? -15.416 -6.401  -8.561  1.00 55.31 ? 141 HOH A O   1 
HETATM 986  O O   . HOH B 2 .   ? 5.743   8.703   -6.159  1.00 32.66 ? 142 HOH A O   1 
HETATM 987  O O   . HOH B 2 .   ? 7.798   5.781   -14.400 1.00 38.76 ? 143 HOH A O   1 
HETATM 988  O O   . HOH B 2 .   ? -2.355  11.045  -3.553  1.00 55.11 ? 144 HOH A O   1 
HETATM 989  O O   . HOH B 2 .   ? -11.550 7.565   6.049   1.00 43.82 ? 145 HOH A O   1 
HETATM 990  O O   . HOH B 2 .   ? 16.200  -1.758  5.657   1.00 45.09 ? 146 HOH A O   1 
HETATM 991  O O   . HOH B 2 .   ? -18.388 -11.374 -7.812  1.00 62.60 ? 147 HOH A O   1 
HETATM 992  O O   . HOH B 2 .   ? -14.760 9.705   0.252   1.00 44.08 ? 148 HOH A O   1 
HETATM 993  O O   . HOH B 2 .   ? -9.459  -14.763 -2.469  1.00 46.27 ? 149 HOH A O   1 
HETATM 994  O O   . HOH B 2 .   ? 10.616  -1.700  -11.316 1.00 41.65 ? 150 HOH A O   1 
HETATM 995  O O   . HOH B 2 .   ? 5.520   14.541  3.803   1.00 63.41 ? 151 HOH A O   1 
HETATM 996  O O   . HOH B 2 .   ? 23.590  -6.100  -2.747  1.00 43.69 ? 152 HOH A O   1 
HETATM 997  O O   . HOH B 2 .   ? 13.331  7.446   5.368   1.00 43.02 ? 153 HOH A O   1 
HETATM 998  O O   . HOH B 2 .   ? 9.718   12.062  0.897   1.00 40.30 ? 154 HOH A O   1 
HETATM 999  O O   . HOH B 2 .   ? -16.860 6.382   0.192   1.00 66.36 ? 155 HOH A O   1 
HETATM 1000 O O   . HOH B 2 .   ? 13.700  -11.816 1.593   1.00 62.68 ? 156 HOH A O   1 
HETATM 1001 O O   . HOH B 2 .   ? -15.869 -12.434 -6.092  1.00 64.24 ? 157 HOH A O   1 
HETATM 1002 O O   . HOH B 2 .   ? 12.304  -0.246  -8.888  1.00 54.16 ? 158 HOH A O   1 
HETATM 1003 O O   . HOH B 2 .   ? -19.626 -4.312  2.927   1.00 44.85 ? 159 HOH A O   1 
HETATM 1004 O O   . HOH B 2 .   ? 4.833   -7.600  -0.448  1.00 50.39 ? 160 HOH A O   1 
HETATM 1005 O O   . HOH B 2 .   ? -18.224 -12.479 -4.270  1.00 63.91 ? 161 HOH A O   1 
HETATM 1006 O O   . HOH B 2 .   ? -14.538 -2.813  -7.168  1.00 50.53 ? 162 HOH A O   1 
HETATM 1007 O O   . HOH B 2 .   ? -19.242 -14.825 -7.144  1.00 62.10 ? 163 HOH A O   1 
HETATM 1008 O O   . HOH B 2 .   ? 9.005   13.653  -7.585  1.00 44.96 ? 164 HOH A O   1 
HETATM 1009 O O   . HOH B 2 .   ? 8.441   6.281   -17.096 1.00 24.37 ? 165 HOH A O   1 
HETATM 1010 O O   . HOH B 2 .   ? -5.181  9.335   -9.470  1.00 62.09 ? 166 HOH A O   1 
HETATM 1011 O O   . HOH B 2 .   ? -16.374 -9.147  -10.361 1.00 58.76 ? 167 HOH A O   1 
HETATM 1012 O O   . HOH B 2 .   ? 7.780   3.694   -16.157 1.00 56.26 ? 168 HOH A O   1 
HETATM 1013 O O   . HOH B 2 .   ? -19.410 7.901   2.531   1.00 57.08 ? 169 HOH A O   1 
HETATM 1014 O O   . HOH B 2 .   ? 8.998   -8.445  10.563  1.00 53.29 ? 170 HOH A O   1 
HETATM 1015 O O   . HOH B 2 .   ? -17.033 -15.446 -4.755  1.00 60.09 ? 171 HOH A O   1 
HETATM 1016 O O   . HOH B 2 .   ? -7.301  -12.380 -10.355 1.00 58.03 ? 172 HOH A O   1 
HETATM 1017 O O   . HOH B 2 .   ? 22.673  -8.958  -2.746  1.00 62.65 ? 173 HOH A O   1 
HETATM 1018 O O   . HOH B 2 .   ? 5.327   9.386   -3.225  1.00 53.40 ? 174 HOH A O   1 
HETATM 1019 O O   . HOH B 2 .   ? -19.599 0.345   -2.338  1.00 59.90 ? 175 HOH A O   1 
HETATM 1020 O O   . HOH B 2 .   ? -13.057 -7.563  -9.900  1.00 65.51 ? 176 HOH A O   1 
HETATM 1021 O O   . HOH B 2 .   ? 1.261   8.046   -9.609  1.00 55.27 ? 177 HOH A O   1 
HETATM 1022 O O   . HOH B 2 .   ? -8.741  -13.643 2.610   1.00 57.28 ? 178 HOH A O   1 
HETATM 1023 O O   . HOH B 2 .   ? -17.001 5.140   3.135   1.00 67.24 ? 179 HOH A O   1 
HETATM 1024 O O   . HOH B 2 .   ? -7.210  1.814   15.085  1.00 57.79 ? 180 HOH A O   1 
HETATM 1025 O O   . HOH B 2 .   ? 13.120  5.307   7.470   1.00 43.85 ? 181 HOH A O   1 
HETATM 1026 O O   . HOH B 2 .   ? 19.813  -9.602  -1.700  1.00 64.10 ? 182 HOH A O   1 
HETATM 1027 O O   . HOH B 2 .   ? 13.509  -7.172  -2.204  1.00 67.78 ? 183 HOH A O   1 
# 
